data_1SEM
# 
_entry.id   1SEM 
# 
_audit_conform.dict_name       mmcif_pdbx.dic 
_audit_conform.dict_version    5.398 
_audit_conform.dict_location   http://mmcif.pdb.org/dictionaries/ascii/mmcif_pdbx.dic 
# 
loop_
_database_2.database_id 
_database_2.database_code 
_database_2.pdbx_database_accession 
_database_2.pdbx_DOI 
PDB   1SEM         pdb_00001sem 10.2210/pdb1sem/pdb 
WWPDB D_1000176347 ?            ?                   
# 
loop_
_pdbx_audit_revision_history.ordinal 
_pdbx_audit_revision_history.data_content_type 
_pdbx_audit_revision_history.major_revision 
_pdbx_audit_revision_history.minor_revision 
_pdbx_audit_revision_history.revision_date 
1 'Structure model' 1 0 1995-07-10 
2 'Structure model' 1 1 2008-03-24 
3 'Structure model' 1 2 2011-07-13 
4 'Structure model' 1 3 2024-11-06 
# 
_pdbx_audit_revision_details.ordinal             1 
_pdbx_audit_revision_details.revision_ordinal    1 
_pdbx_audit_revision_details.data_content_type   'Structure model' 
_pdbx_audit_revision_details.provider            repository 
_pdbx_audit_revision_details.type                'Initial release' 
_pdbx_audit_revision_details.description         ? 
_pdbx_audit_revision_details.details             ? 
# 
loop_
_pdbx_audit_revision_group.ordinal 
_pdbx_audit_revision_group.revision_ordinal 
_pdbx_audit_revision_group.data_content_type 
_pdbx_audit_revision_group.group 
1 2 'Structure model' 'Version format compliance' 
2 3 'Structure model' 'Version format compliance' 
3 4 'Structure model' 'Data collection'           
4 4 'Structure model' 'Database references'       
5 4 'Structure model' 'Derived calculations'      
6 4 'Structure model' 'Structure summary'         
# 
loop_
_pdbx_audit_revision_category.ordinal 
_pdbx_audit_revision_category.revision_ordinal 
_pdbx_audit_revision_category.data_content_type 
_pdbx_audit_revision_category.category 
1 4 'Structure model' chem_comp_atom            
2 4 'Structure model' chem_comp_bond            
3 4 'Structure model' database_2                
4 4 'Structure model' pdbx_entry_details        
5 4 'Structure model' pdbx_modification_feature 
6 4 'Structure model' struct_conn               
7 4 'Structure model' struct_site               
# 
loop_
_pdbx_audit_revision_item.ordinal 
_pdbx_audit_revision_item.revision_ordinal 
_pdbx_audit_revision_item.data_content_type 
_pdbx_audit_revision_item.item 
1 4 'Structure model' '_database_2.pdbx_DOI'                         
2 4 'Structure model' '_database_2.pdbx_database_accession'          
3 4 'Structure model' '_pdbx_entry_details.has_protein_modification' 
4 4 'Structure model' '_struct_conn.pdbx_leaving_atom_flag'          
5 4 'Structure model' '_struct_site.pdbx_auth_asym_id'               
6 4 'Structure model' '_struct_site.pdbx_auth_comp_id'               
7 4 'Structure model' '_struct_site.pdbx_auth_seq_id'                
# 
_pdbx_database_status.status_code                     REL 
_pdbx_database_status.entry_id                        1SEM 
_pdbx_database_status.recvd_initial_deposition_date   1995-03-28 
_pdbx_database_status.deposit_site                    ? 
_pdbx_database_status.process_site                    BNL 
_pdbx_database_status.SG_entry                        . 
_pdbx_database_status.pdb_format_compatible           Y 
_pdbx_database_status.status_code_mr                  ? 
_pdbx_database_status.status_code_sf                  ? 
_pdbx_database_status.status_code_cs                  ? 
_pdbx_database_status.status_code_nmr_data            ? 
_pdbx_database_status.methods_development_category    ? 
# 
loop_
_audit_author.name 
_audit_author.pdbx_ordinal 
'Lim, W.A.'      1 
'Richards, F.M.' 2 
'Fox, R.O.'      3 
# 
loop_
_citation.id 
_citation.title 
_citation.journal_abbrev 
_citation.journal_volume 
_citation.page_first 
_citation.page_last 
_citation.year 
_citation.journal_id_ASTM 
_citation.country 
_citation.journal_id_ISSN 
_citation.journal_id_CSD 
_citation.book_publisher 
_citation.pdbx_database_id_PubMed 
_citation.pdbx_database_id_DOI 
primary 'Structural determinants of peptide-binding orientation and of sequence specificity in SH3 domains.' Nature 372 375 379 
1994 NATUAS UK 0028-0836 0006 ? 7802869 10.1038/372375a0 
1       'The Sh2 and SH3 Domains of Mammalian Grb2 Couple the Egf Receptor to the Ras Activator Msos1'       Nature 363 83  ?   
1993 NATUAS UK 0028-0836 0006 ? ?       ?                
2       'C. Elegans Cell-Signalling Gene Sem-5 Encodes a Protein with Sh2 and SH3 Domains'                   Nature 356 340 ?   
1992 NATUAS UK 0028-0836 0006 ? ?       ?                
# 
loop_
_citation_author.citation_id 
_citation_author.name 
_citation_author.ordinal 
_citation_author.identifier_ORCID 
primary 'Lim, W.A.'          1  ? 
primary 'Richards, F.M.'     2  ? 
primary 'Fox, R.O.'          3  ? 
1       'Rozakis-Adcock, M.' 4  ? 
1       'Fernley, R.'        5  ? 
1       'Wade, J.'           6  ? 
1       'Pawson, T.'         7  ? 
1       'Bowtell, D.'        8  ? 
2       'Clark, S.G.'        9  ? 
2       'Stern, M.J.'        10 ? 
2       'Horvitz, H.R.'      11 ? 
# 
loop_
_entity.id 
_entity.type 
_entity.src_method 
_entity.pdbx_description 
_entity.formula_weight 
_entity.pdbx_number_of_molecules 
_entity.pdbx_ec 
_entity.pdbx_mutation 
_entity.pdbx_fragment 
_entity.details 
1 polymer man SEM-5                                                                                 6799.510 2  ? ? ? ? 
2 polymer nat '10-RESIDUE PROLINE-RICH PEPTIDE FROM MSOS (ACE-PRO-PRO-PRO-VAL-PRO-PRO-ARG-ARG-ARG)' 1100.339 2  ? ? ? ? 
3 water   nat water                                                                                 18.015   67 ? ? ? ? 
# 
loop_
_entity_poly.entity_id 
_entity_poly.type 
_entity_poly.nstd_linkage 
_entity_poly.nstd_monomer 
_entity_poly.pdbx_seq_one_letter_code 
_entity_poly.pdbx_seq_one_letter_code_can 
_entity_poly.pdbx_strand_id 
_entity_poly.pdbx_target_identifier 
1 'polypeptide(L)' no no  ETKFVQALFDFNPQESGELAFKRGDVITLINKDDPNWWEGQLNNRRGIFPSNYVCPYN 
ETKFVQALFDFNPQESGELAFKRGDVITLINKDDPNWWEGQLNNRRGIFPSNYVCPYN A,B ? 
2 'polypeptide(L)' no yes '(ACE)PPPVPPRRR'                                           XPPPVPPRRR C,D ? 
# 
_pdbx_entity_nonpoly.entity_id   3 
_pdbx_entity_nonpoly.name        water 
_pdbx_entity_nonpoly.comp_id     HOH 
# 
loop_
_entity_poly_seq.entity_id 
_entity_poly_seq.num 
_entity_poly_seq.mon_id 
_entity_poly_seq.hetero 
1 1  GLU n 
1 2  THR n 
1 3  LYS n 
1 4  PHE n 
1 5  VAL n 
1 6  GLN n 
1 7  ALA n 
1 8  LEU n 
1 9  PHE n 
1 10 ASP n 
1 11 PHE n 
1 12 ASN n 
1 13 PRO n 
1 14 GLN n 
1 15 GLU n 
1 16 SER n 
1 17 GLY n 
1 18 GLU n 
1 19 LEU n 
1 20 ALA n 
1 21 PHE n 
1 22 LYS n 
1 23 ARG n 
1 24 GLY n 
1 25 ASP n 
1 26 VAL n 
1 27 ILE n 
1 28 THR n 
1 29 LEU n 
1 30 ILE n 
1 31 ASN n 
1 32 LYS n 
1 33 ASP n 
1 34 ASP n 
1 35 PRO n 
1 36 ASN n 
1 37 TRP n 
1 38 TRP n 
1 39 GLU n 
1 40 GLY n 
1 41 GLN n 
1 42 LEU n 
1 43 ASN n 
1 44 ASN n 
1 45 ARG n 
1 46 ARG n 
1 47 GLY n 
1 48 ILE n 
1 49 PHE n 
1 50 PRO n 
1 51 SER n 
1 52 ASN n 
1 53 TYR n 
1 54 VAL n 
1 55 CYS n 
1 56 PRO n 
1 57 TYR n 
1 58 ASN n 
2 1  ACE n 
2 2  PRO n 
2 3  PRO n 
2 4  PRO n 
2 5  VAL n 
2 6  PRO n 
2 7  PRO n 
2 8  ARG n 
2 9  ARG n 
2 10 ARG n 
# 
_entity_src_gen.entity_id                          1 
_entity_src_gen.pdbx_src_id                        1 
_entity_src_gen.pdbx_alt_source_flag               sample 
_entity_src_gen.pdbx_seq_type                      ? 
_entity_src_gen.pdbx_beg_seq_num                   ? 
_entity_src_gen.pdbx_end_seq_num                   ? 
_entity_src_gen.gene_src_common_name               ? 
_entity_src_gen.gene_src_genus                     Caenorhabditis 
_entity_src_gen.pdbx_gene_src_gene                 GRB2 
_entity_src_gen.gene_src_species                   ? 
_entity_src_gen.gene_src_strain                    ? 
_entity_src_gen.gene_src_tissue                    ? 
_entity_src_gen.gene_src_tissue_fraction           ? 
_entity_src_gen.gene_src_details                   ? 
_entity_src_gen.pdbx_gene_src_fragment             ? 
_entity_src_gen.pdbx_gene_src_scientific_name      'Caenorhabditis elegans' 
_entity_src_gen.pdbx_gene_src_ncbi_taxonomy_id     6239 
_entity_src_gen.pdbx_gene_src_variant              ? 
_entity_src_gen.pdbx_gene_src_cell_line            ? 
_entity_src_gen.pdbx_gene_src_atcc                 ? 
_entity_src_gen.pdbx_gene_src_organ                ? 
_entity_src_gen.pdbx_gene_src_organelle            ? 
_entity_src_gen.pdbx_gene_src_cell                 ? 
_entity_src_gen.pdbx_gene_src_cellular_location    ? 
_entity_src_gen.host_org_common_name               ? 
_entity_src_gen.pdbx_host_org_scientific_name      'Escherichia coli' 
_entity_src_gen.pdbx_host_org_ncbi_taxonomy_id     562 
_entity_src_gen.host_org_genus                     Escherichia 
_entity_src_gen.pdbx_host_org_gene                 ? 
_entity_src_gen.pdbx_host_org_organ                ? 
_entity_src_gen.host_org_species                   ? 
_entity_src_gen.pdbx_host_org_tissue               ? 
_entity_src_gen.pdbx_host_org_tissue_fraction      ? 
_entity_src_gen.pdbx_host_org_strain               ? 
_entity_src_gen.pdbx_host_org_variant              ? 
_entity_src_gen.pdbx_host_org_cell_line            ? 
_entity_src_gen.pdbx_host_org_atcc                 ? 
_entity_src_gen.pdbx_host_org_culture_collection   ? 
_entity_src_gen.pdbx_host_org_cell                 ? 
_entity_src_gen.pdbx_host_org_organelle            ? 
_entity_src_gen.pdbx_host_org_cellular_location    ? 
_entity_src_gen.pdbx_host_org_vector_type          ? 
_entity_src_gen.pdbx_host_org_vector               ? 
_entity_src_gen.host_org_details                   ? 
_entity_src_gen.expression_system_id               ? 
_entity_src_gen.plasmid_name                       PET19B 
_entity_src_gen.plasmid_details                    ? 
_entity_src_gen.pdbx_description                   ? 
# 
_entity_src_nat.entity_id                  2 
_entity_src_nat.pdbx_src_id                1 
_entity_src_nat.pdbx_alt_source_flag       sample 
_entity_src_nat.pdbx_beg_seq_num           ? 
_entity_src_nat.pdbx_end_seq_num           ? 
_entity_src_nat.common_name                'house mouse' 
_entity_src_nat.pdbx_organism_scientific   'Mus musculus' 
_entity_src_nat.pdbx_ncbi_taxonomy_id      10090 
_entity_src_nat.genus                      Mus 
_entity_src_nat.species                    ? 
_entity_src_nat.strain                     ? 
_entity_src_nat.tissue                     ? 
_entity_src_nat.tissue_fraction            ? 
_entity_src_nat.pdbx_secretion             ? 
_entity_src_nat.pdbx_fragment              ? 
_entity_src_nat.pdbx_variant               ? 
_entity_src_nat.pdbx_cell_line             ? 
_entity_src_nat.pdbx_atcc                  ? 
_entity_src_nat.pdbx_cellular_location     ? 
_entity_src_nat.pdbx_organ                 ? 
_entity_src_nat.pdbx_organelle             ? 
_entity_src_nat.pdbx_cell                  ? 
_entity_src_nat.pdbx_plasmid_name          ? 
_entity_src_nat.pdbx_plasmid_details       ? 
_entity_src_nat.details                    ? 
# 
loop_
_chem_comp.id 
_chem_comp.type 
_chem_comp.mon_nstd_flag 
_chem_comp.name 
_chem_comp.pdbx_synonyms 
_chem_comp.formula 
_chem_comp.formula_weight 
ACE non-polymer         . 'ACETYL GROUP'  ? 'C2 H4 O'        44.053  
ALA 'L-peptide linking' y ALANINE         ? 'C3 H7 N O2'     89.093  
ARG 'L-peptide linking' y ARGININE        ? 'C6 H15 N4 O2 1' 175.209 
ASN 'L-peptide linking' y ASPARAGINE      ? 'C4 H8 N2 O3'    132.118 
ASP 'L-peptide linking' y 'ASPARTIC ACID' ? 'C4 H7 N O4'     133.103 
CYS 'L-peptide linking' y CYSTEINE        ? 'C3 H7 N O2 S'   121.158 
GLN 'L-peptide linking' y GLUTAMINE       ? 'C5 H10 N2 O3'   146.144 
GLU 'L-peptide linking' y 'GLUTAMIC ACID' ? 'C5 H9 N O4'     147.129 
GLY 'peptide linking'   y GLYCINE         ? 'C2 H5 N O2'     75.067  
HOH non-polymer         . WATER           ? 'H2 O'           18.015  
ILE 'L-peptide linking' y ISOLEUCINE      ? 'C6 H13 N O2'    131.173 
LEU 'L-peptide linking' y LEUCINE         ? 'C6 H13 N O2'    131.173 
LYS 'L-peptide linking' y LYSINE          ? 'C6 H15 N2 O2 1' 147.195 
PHE 'L-peptide linking' y PHENYLALANINE   ? 'C9 H11 N O2'    165.189 
PRO 'L-peptide linking' y PROLINE         ? 'C5 H9 N O2'     115.130 
SER 'L-peptide linking' y SERINE          ? 'C3 H7 N O3'     105.093 
THR 'L-peptide linking' y THREONINE       ? 'C4 H9 N O3'     119.119 
TRP 'L-peptide linking' y TRYPTOPHAN      ? 'C11 H12 N2 O2'  204.225 
TYR 'L-peptide linking' y TYROSINE        ? 'C9 H11 N O3'    181.189 
VAL 'L-peptide linking' y VALINE          ? 'C5 H11 N O2'    117.146 
# 
loop_
_pdbx_poly_seq_scheme.asym_id 
_pdbx_poly_seq_scheme.entity_id 
_pdbx_poly_seq_scheme.seq_id 
_pdbx_poly_seq_scheme.mon_id 
_pdbx_poly_seq_scheme.ndb_seq_num 
_pdbx_poly_seq_scheme.pdb_seq_num 
_pdbx_poly_seq_scheme.auth_seq_num 
_pdbx_poly_seq_scheme.pdb_mon_id 
_pdbx_poly_seq_scheme.auth_mon_id 
_pdbx_poly_seq_scheme.pdb_strand_id 
_pdbx_poly_seq_scheme.pdb_ins_code 
_pdbx_poly_seq_scheme.hetero 
A 1 1  GLU 1  155 155 GLU GLU A . n 
A 1 2  THR 2  156 156 THR THR A . n 
A 1 3  LYS 3  157 157 LYS LYS A . n 
A 1 4  PHE 4  158 158 PHE PHE A . n 
A 1 5  VAL 5  159 159 VAL VAL A . n 
A 1 6  GLN 6  160 160 GLN GLN A . n 
A 1 7  ALA 7  161 161 ALA ALA A . n 
A 1 8  LEU 8  162 162 LEU LEU A . n 
A 1 9  PHE 9  163 163 PHE PHE A . n 
A 1 10 ASP 10 164 164 ASP ASP A . n 
A 1 11 PHE 11 165 165 PHE PHE A . n 
A 1 12 ASN 12 166 166 ASN ASN A . n 
A 1 13 PRO 13 167 167 PRO PRO A . n 
A 1 14 GLN 14 168 168 GLN GLN A . n 
A 1 15 GLU 15 169 169 GLU GLU A . n 
A 1 16 SER 16 170 170 SER SER A . n 
A 1 17 GLY 17 171 171 GLY GLY A . n 
A 1 18 GLU 18 172 172 GLU GLU A . n 
A 1 19 LEU 19 173 173 LEU LEU A . n 
A 1 20 ALA 20 174 174 ALA ALA A . n 
A 1 21 PHE 21 175 175 PHE PHE A . n 
A 1 22 LYS 22 176 176 LYS LYS A . n 
A 1 23 ARG 23 177 177 ARG ARG A . n 
A 1 24 GLY 24 178 178 GLY GLY A . n 
A 1 25 ASP 25 179 179 ASP ASP A . n 
A 1 26 VAL 26 180 180 VAL VAL A . n 
A 1 27 ILE 27 181 181 ILE ILE A . n 
A 1 28 THR 28 182 182 THR THR A . n 
A 1 29 LEU 29 183 183 LEU LEU A . n 
A 1 30 ILE 30 184 184 ILE ILE A . n 
A 1 31 ASN 31 185 185 ASN ASN A . n 
A 1 32 LYS 32 186 186 LYS LYS A . n 
A 1 33 ASP 33 187 187 ASP ASP A . n 
A 1 34 ASP 34 188 188 ASP ASP A . n 
A 1 35 PRO 35 189 189 PRO PRO A . n 
A 1 36 ASN 36 190 190 ASN ASN A . n 
A 1 37 TRP 37 191 191 TRP TRP A . n 
A 1 38 TRP 38 192 192 TRP TRP A . n 
A 1 39 GLU 39 193 193 GLU GLU A . n 
A 1 40 GLY 40 194 194 GLY GLY A . n 
A 1 41 GLN 41 195 195 GLN GLN A . n 
A 1 42 LEU 42 196 196 LEU LEU A . n 
A 1 43 ASN 43 197 197 ASN ASN A . n 
A 1 44 ASN 44 198 198 ASN ASN A . n 
A 1 45 ARG 45 199 199 ARG ARG A . n 
A 1 46 ARG 46 200 200 ARG ARG A . n 
A 1 47 GLY 47 201 201 GLY GLY A . n 
A 1 48 ILE 48 202 202 ILE ILE A . n 
A 1 49 PHE 49 203 203 PHE PHE A . n 
A 1 50 PRO 50 204 204 PRO PRO A . n 
A 1 51 SER 51 205 205 SER SER A . n 
A 1 52 ASN 52 206 206 ASN ASN A . n 
A 1 53 TYR 53 207 207 TYR TYR A . n 
A 1 54 VAL 54 208 208 VAL VAL A . n 
A 1 55 CYS 55 209 209 CYS CYS A . n 
A 1 56 PRO 56 210 210 PRO PRO A . n 
A 1 57 TYR 57 211 211 TYR TYR A . n 
A 1 58 ASN 58 212 212 ASN ASN A . n 
B 1 1  GLU 1  155 ?   ?   ?   B . n 
B 1 2  THR 2  156 156 THR THR B . n 
B 1 3  LYS 3  157 157 LYS LYS B . n 
B 1 4  PHE 4  158 158 PHE PHE B . n 
B 1 5  VAL 5  159 159 VAL VAL B . n 
B 1 6  GLN 6  160 160 GLN GLN B . n 
B 1 7  ALA 7  161 161 ALA ALA B . n 
B 1 8  LEU 8  162 162 LEU LEU B . n 
B 1 9  PHE 9  163 163 PHE PHE B . n 
B 1 10 ASP 10 164 164 ASP ASP B . n 
B 1 11 PHE 11 165 165 PHE PHE B . n 
B 1 12 ASN 12 166 166 ASN ASN B . n 
B 1 13 PRO 13 167 167 PRO PRO B . n 
B 1 14 GLN 14 168 168 GLN GLN B . n 
B 1 15 GLU 15 169 169 GLU GLU B . n 
B 1 16 SER 16 170 170 SER SER B . n 
B 1 17 GLY 17 171 171 GLY GLY B . n 
B 1 18 GLU 18 172 172 GLU GLU B . n 
B 1 19 LEU 19 173 173 LEU LEU B . n 
B 1 20 ALA 20 174 174 ALA ALA B . n 
B 1 21 PHE 21 175 175 PHE PHE B . n 
B 1 22 LYS 22 176 176 LYS LYS B . n 
B 1 23 ARG 23 177 177 ARG ARG B . n 
B 1 24 GLY 24 178 178 GLY GLY B . n 
B 1 25 ASP 25 179 179 ASP ASP B . n 
B 1 26 VAL 26 180 180 VAL VAL B . n 
B 1 27 ILE 27 181 181 ILE ILE B . n 
B 1 28 THR 28 182 182 THR THR B . n 
B 1 29 LEU 29 183 183 LEU LEU B . n 
B 1 30 ILE 30 184 184 ILE ILE B . n 
B 1 31 ASN 31 185 185 ASN ASN B . n 
B 1 32 LYS 32 186 186 LYS LYS B . n 
B 1 33 ASP 33 187 187 ASP ASP B . n 
B 1 34 ASP 34 188 188 ASP ASP B . n 
B 1 35 PRO 35 189 189 PRO PRO B . n 
B 1 36 ASN 36 190 190 ASN ASN B . n 
B 1 37 TRP 37 191 191 TRP TRP B . n 
B 1 38 TRP 38 192 192 TRP TRP B . n 
B 1 39 GLU 39 193 193 GLU GLU B . n 
B 1 40 GLY 40 194 194 GLY GLY B . n 
B 1 41 GLN 41 195 195 GLN GLN B . n 
B 1 42 LEU 42 196 196 LEU LEU B . n 
B 1 43 ASN 43 197 197 ASN ASN B . n 
B 1 44 ASN 44 198 198 ASN ASN B . n 
B 1 45 ARG 45 199 199 ARG ARG B . n 
B 1 46 ARG 46 200 200 ARG ARG B . n 
B 1 47 GLY 47 201 201 GLY GLY B . n 
B 1 48 ILE 48 202 202 ILE ILE B . n 
B 1 49 PHE 49 203 203 PHE PHE B . n 
B 1 50 PRO 50 204 204 PRO PRO B . n 
B 1 51 SER 51 205 205 SER SER B . n 
B 1 52 ASN 52 206 206 ASN ASN B . n 
B 1 53 TYR 53 207 207 TYR TYR B . n 
B 1 54 VAL 54 208 208 VAL VAL B . n 
B 1 55 CYS 55 209 209 CYS CYS B . n 
B 1 56 PRO 56 210 210 PRO PRO B . n 
B 1 57 TYR 57 211 211 TYR TYR B . n 
B 1 58 ASN 58 212 212 ASN ASN B . n 
C 2 1  ACE 1  1   1   ACE ACE C . n 
C 2 2  PRO 2  2   2   PRO PRO C . n 
C 2 3  PRO 3  3   3   PRO PRO C . n 
C 2 4  PRO 4  4   4   PRO PRO C . n 
C 2 5  VAL 5  5   5   VAL VAL C . n 
C 2 6  PRO 6  6   6   PRO PRO C . n 
C 2 7  PRO 7  7   7   PRO PRO C . n 
C 2 8  ARG 8  8   8   ARG ARG C . n 
C 2 9  ARG 9  9   ?   ?   ?   C . n 
C 2 10 ARG 10 10  ?   ?   ?   C . n 
D 2 1  ACE 1  1   1   ACE ACE D . n 
D 2 2  PRO 2  2   2   PRO PRO D . n 
D 2 3  PRO 3  3   3   PRO PRO D . n 
D 2 4  PRO 4  4   4   PRO PRO D . n 
D 2 5  VAL 5  5   5   VAL VAL D . n 
D 2 6  PRO 6  6   6   PRO PRO D . n 
D 2 7  PRO 7  7   7   PRO PRO D . n 
D 2 8  ARG 8  8   8   ARG ARG D . n 
D 2 9  ARG 9  9   ?   ?   ?   D . n 
D 2 10 ARG 10 10  ?   ?   ?   D . n 
# 
loop_
_pdbx_nonpoly_scheme.asym_id 
_pdbx_nonpoly_scheme.entity_id 
_pdbx_nonpoly_scheme.mon_id 
_pdbx_nonpoly_scheme.ndb_seq_num 
_pdbx_nonpoly_scheme.pdb_seq_num 
_pdbx_nonpoly_scheme.auth_seq_num 
_pdbx_nonpoly_scheme.pdb_mon_id 
_pdbx_nonpoly_scheme.auth_mon_id 
_pdbx_nonpoly_scheme.pdb_strand_id 
_pdbx_nonpoly_scheme.pdb_ins_code 
E 3 HOH 1  1  1  HOH HOH A . 
E 3 HOH 2  2  2  HOH HOH A . 
E 3 HOH 3  3  3  HOH HOH A . 
E 3 HOH 4  4  4  HOH HOH A . 
E 3 HOH 5  6  6  HOH HOH A . 
E 3 HOH 6  11 11 HOH HOH A . 
E 3 HOH 7  13 13 HOH HOH A . 
E 3 HOH 8  15 15 HOH HOH A . 
E 3 HOH 9  22 22 HOH HOH A . 
E 3 HOH 10 25 25 HOH HOH A . 
E 3 HOH 11 30 30 HOH HOH A . 
E 3 HOH 12 31 31 HOH HOH A . 
E 3 HOH 13 33 33 HOH HOH A . 
E 3 HOH 14 34 34 HOH HOH A . 
E 3 HOH 15 35 35 HOH HOH A . 
E 3 HOH 16 36 36 HOH HOH A . 
E 3 HOH 17 40 40 HOH HOH A . 
E 3 HOH 18 41 41 HOH HOH A . 
E 3 HOH 19 44 44 HOH HOH A . 
E 3 HOH 20 49 49 HOH HOH A . 
E 3 HOH 21 53 53 HOH HOH A . 
E 3 HOH 22 54 54 HOH HOH A . 
E 3 HOH 23 55 55 HOH HOH A . 
E 3 HOH 24 56 56 HOH HOH A . 
E 3 HOH 25 64 64 HOH HOH A . 
E 3 HOH 26 65 65 HOH HOH A . 
E 3 HOH 27 67 67 HOH HOH A . 
F 3 HOH 1  5  5  HOH HOH B . 
F 3 HOH 2  7  7  HOH HOH B . 
F 3 HOH 3  8  8  HOH HOH B . 
F 3 HOH 4  9  9  HOH HOH B . 
F 3 HOH 5  10 10 HOH HOH B . 
F 3 HOH 6  14 14 HOH HOH B . 
F 3 HOH 7  16 16 HOH HOH B . 
F 3 HOH 8  17 17 HOH HOH B . 
F 3 HOH 9  18 18 HOH HOH B . 
F 3 HOH 10 19 19 HOH HOH B . 
F 3 HOH 11 20 20 HOH HOH B . 
F 3 HOH 12 23 23 HOH HOH B . 
F 3 HOH 13 24 24 HOH HOH B . 
F 3 HOH 14 27 27 HOH HOH B . 
F 3 HOH 15 28 28 HOH HOH B . 
F 3 HOH 16 29 29 HOH HOH B . 
F 3 HOH 17 32 32 HOH HOH B . 
F 3 HOH 18 37 37 HOH HOH B . 
F 3 HOH 19 38 38 HOH HOH B . 
F 3 HOH 20 39 39 HOH HOH B . 
F 3 HOH 21 45 45 HOH HOH B . 
F 3 HOH 22 47 47 HOH HOH B . 
F 3 HOH 23 48 48 HOH HOH B . 
F 3 HOH 24 50 50 HOH HOH B . 
F 3 HOH 25 51 51 HOH HOH B . 
F 3 HOH 26 57 57 HOH HOH B . 
F 3 HOH 27 58 58 HOH HOH B . 
F 3 HOH 28 59 59 HOH HOH B . 
F 3 HOH 29 60 60 HOH HOH B . 
F 3 HOH 30 61 61 HOH HOH B . 
F 3 HOH 31 62 62 HOH HOH B . 
F 3 HOH 32 66 66 HOH HOH B . 
G 3 HOH 1  12 12 HOH HOH C . 
G 3 HOH 2  42 42 HOH HOH C . 
G 3 HOH 3  52 52 HOH HOH C . 
H 3 HOH 1  21 21 HOH HOH D . 
H 3 HOH 2  26 26 HOH HOH D . 
H 3 HOH 3  43 43 HOH HOH D . 
H 3 HOH 4  46 46 HOH HOH D . 
H 3 HOH 5  63 63 HOH HOH D . 
# 
loop_
_pdbx_unobs_or_zero_occ_atoms.id 
_pdbx_unobs_or_zero_occ_atoms.PDB_model_num 
_pdbx_unobs_or_zero_occ_atoms.polymer_flag 
_pdbx_unobs_or_zero_occ_atoms.occupancy_flag 
_pdbx_unobs_or_zero_occ_atoms.auth_asym_id 
_pdbx_unobs_or_zero_occ_atoms.auth_comp_id 
_pdbx_unobs_or_zero_occ_atoms.auth_seq_id 
_pdbx_unobs_or_zero_occ_atoms.PDB_ins_code 
_pdbx_unobs_or_zero_occ_atoms.auth_atom_id 
_pdbx_unobs_or_zero_occ_atoms.label_alt_id 
_pdbx_unobs_or_zero_occ_atoms.label_asym_id 
_pdbx_unobs_or_zero_occ_atoms.label_comp_id 
_pdbx_unobs_or_zero_occ_atoms.label_seq_id 
_pdbx_unobs_or_zero_occ_atoms.label_atom_id 
1 1 Y 1 A LYS 157 ? CG ? A LYS 3 CG 
2 1 Y 1 A LYS 157 ? CD ? A LYS 3 CD 
3 1 Y 1 A LYS 157 ? CE ? A LYS 3 CE 
4 1 Y 1 A LYS 157 ? NZ ? A LYS 3 NZ 
# 
loop_
_software.name 
_software.classification 
_software.version 
_software.citation_id 
_software.pdbx_ordinal 
DENZO  'data reduction' . ? 1 
X-PLOR 'model building' . ? 2 
X-PLOR refinement       . ? 3 
X-PLOR phasing          . ? 4 
# 
_cell.entry_id           1SEM 
_cell.length_a           26.912 
_cell.length_b           68.410 
_cell.length_c           35.029 
_cell.angle_alpha        90.00 
_cell.angle_beta         94.71 
_cell.angle_gamma        90.00 
_cell.Z_PDB              4 
_cell.pdbx_unique_axis   ? 
# 
_symmetry.entry_id                         1SEM 
_symmetry.space_group_name_H-M             'P 1 21 1' 
_symmetry.pdbx_full_space_group_name_H-M   ? 
_symmetry.cell_setting                     ? 
_symmetry.Int_Tables_number                4 
# 
_exptl.entry_id          1SEM 
_exptl.method            'X-RAY DIFFRACTION' 
_exptl.crystals_number   ? 
# 
_exptl_crystal.id                    1 
_exptl_crystal.density_meas          ? 
_exptl_crystal.density_Matthews      2.03 
_exptl_crystal.density_percent_sol   39.46 
_exptl_crystal.description           ? 
# 
_diffrn.id                     1 
_diffrn.ambient_temp           ? 
_diffrn.ambient_temp_details   ? 
_diffrn.crystal_id             1 
# 
_diffrn_detector.diffrn_id              1 
_diffrn_detector.detector               'IMAGE PLATE' 
_diffrn_detector.type                   MACSCIENCE 
_diffrn_detector.pdbx_collection_date   1994-07-24 
_diffrn_detector.details                ? 
# 
_diffrn_radiation.diffrn_id                        1 
_diffrn_radiation.wavelength_id                    1 
_diffrn_radiation.pdbx_monochromatic_or_laue_m_l   ? 
_diffrn_radiation.monochromator                    ? 
_diffrn_radiation.pdbx_diffrn_protocol             ? 
_diffrn_radiation.pdbx_scattering_type             x-ray 
# 
_diffrn_radiation_wavelength.id           1 
_diffrn_radiation_wavelength.wavelength   1.5418 
_diffrn_radiation_wavelength.wt           1.0 
# 
_diffrn_source.diffrn_id                   1 
_diffrn_source.source                      ? 
_diffrn_source.type                        ? 
_diffrn_source.pdbx_synchrotron_site       ? 
_diffrn_source.pdbx_synchrotron_beamline   ? 
_diffrn_source.pdbx_wavelength             1.5418 
_diffrn_source.pdbx_wavelength_list        ? 
# 
_reflns.entry_id                     1SEM 
_reflns.observed_criterion_sigma_I   2. 
_reflns.observed_criterion_sigma_F   ? 
_reflns.d_resolution_low             ? 
_reflns.d_resolution_high            ? 
_reflns.number_obs                   6912 
_reflns.number_all                   ? 
_reflns.percent_possible_obs         92.5 
_reflns.pdbx_Rmerge_I_obs            0.08 
_reflns.pdbx_Rsym_value              ? 
_reflns.pdbx_netI_over_sigmaI        ? 
_reflns.B_iso_Wilson_estimate        ? 
_reflns.pdbx_redundancy              3. 
_reflns.pdbx_diffrn_id               1 
_reflns.pdbx_ordinal                 1 
# 
_refine.entry_id                                 1SEM 
_refine.ls_number_reflns_obs                     6912 
_refine.ls_number_reflns_all                     ? 
_refine.pdbx_ls_sigma_I                          ? 
_refine.pdbx_ls_sigma_F                          2. 
_refine.pdbx_data_cutoff_high_absF               ? 
_refine.pdbx_data_cutoff_low_absF                ? 
_refine.pdbx_data_cutoff_high_rms_absF           ? 
_refine.ls_d_res_low                             7.0 
_refine.ls_d_res_high                            2.0 
_refine.ls_percent_reflns_obs                    ? 
_refine.ls_R_factor_obs                          0.189 
_refine.ls_R_factor_all                          ? 
_refine.ls_R_factor_R_work                       0.189 
_refine.ls_R_factor_R_free                       ? 
_refine.ls_R_factor_R_free_error                 ? 
_refine.ls_R_factor_R_free_error_details         ? 
_refine.ls_percent_reflns_R_free                 ? 
_refine.ls_number_reflns_R_free                  ? 
_refine.ls_number_parameters                     ? 
_refine.ls_number_restraints                     ? 
_refine.occupancy_min                            ? 
_refine.occupancy_max                            ? 
_refine.B_iso_mean                               ? 
_refine.aniso_B[1][1]                            ? 
_refine.aniso_B[2][2]                            ? 
_refine.aniso_B[3][3]                            ? 
_refine.aniso_B[1][2]                            ? 
_refine.aniso_B[1][3]                            ? 
_refine.aniso_B[2][3]                            ? 
_refine.solvent_model_details                    ? 
_refine.solvent_model_param_ksol                 ? 
_refine.solvent_model_param_bsol                 ? 
_refine.pdbx_ls_cross_valid_method               ? 
_refine.details                                  
;SSBOND
  CRYSTALS GROWN IN THE PRESENCE OF DTT; DISULFIDE BOND
  THOUGHT TO FORM AFTER INITIAL EXPOSURE TO X-RAYS; CAUSED
  STABLE SHIFT IN UNIT CELL DIMENSIONS.
;
_refine.pdbx_starting_model                      ? 
_refine.pdbx_method_to_determine_struct          ? 
_refine.pdbx_isotropic_thermal_model             ? 
_refine.pdbx_stereochemistry_target_values       ? 
_refine.pdbx_stereochem_target_val_spec_case     ? 
_refine.pdbx_R_Free_selection_details            ? 
_refine.pdbx_overall_ESU_R                       ? 
_refine.pdbx_overall_ESU_R_Free                  ? 
_refine.overall_SU_ML                            ? 
_refine.overall_SU_B                             ? 
_refine.pdbx_refine_id                           'X-RAY DIFFRACTION' 
_refine.pdbx_diffrn_id                           1 
_refine.pdbx_TLS_residual_ADP_flag               ? 
_refine.correlation_coeff_Fo_to_Fc               ? 
_refine.correlation_coeff_Fo_to_Fc_free          ? 
_refine.pdbx_solvent_vdw_probe_radii             ? 
_refine.pdbx_solvent_ion_probe_radii             ? 
_refine.pdbx_solvent_shrinkage_radii             ? 
_refine.pdbx_overall_phase_error                 ? 
_refine.overall_SU_R_Cruickshank_DPI             ? 
_refine.pdbx_overall_SU_R_free_Cruickshank_DPI   ? 
_refine.pdbx_overall_SU_R_Blow_DPI               ? 
_refine.pdbx_overall_SU_R_free_Blow_DPI          ? 
# 
_refine_hist.pdbx_refine_id                   'X-RAY DIFFRACTION' 
_refine_hist.cycle_id                         LAST 
_refine_hist.pdbx_number_atoms_protein        1061 
_refine_hist.pdbx_number_atoms_nucleic_acid   0 
_refine_hist.pdbx_number_atoms_ligand         0 
_refine_hist.number_atoms_solvent             67 
_refine_hist.number_atoms_total               1128 
_refine_hist.d_res_high                       2.0 
_refine_hist.d_res_low                        7.0 
# 
loop_
_refine_ls_restr.type 
_refine_ls_restr.dev_ideal 
_refine_ls_restr.dev_ideal_target 
_refine_ls_restr.weight 
_refine_ls_restr.number 
_refine_ls_restr.pdbx_refine_id 
_refine_ls_restr.pdbx_restraint_function 
x_bond_d                0.011 ? ? ? 'X-RAY DIFFRACTION' ? 
x_bond_d_na             ?     ? ? ? 'X-RAY DIFFRACTION' ? 
x_bond_d_prot           ?     ? ? ? 'X-RAY DIFFRACTION' ? 
x_angle_d               ?     ? ? ? 'X-RAY DIFFRACTION' ? 
x_angle_d_na            ?     ? ? ? 'X-RAY DIFFRACTION' ? 
x_angle_d_prot          ?     ? ? ? 'X-RAY DIFFRACTION' ? 
x_angle_deg             1.54  ? ? ? 'X-RAY DIFFRACTION' ? 
x_angle_deg_na          ?     ? ? ? 'X-RAY DIFFRACTION' ? 
x_angle_deg_prot        ?     ? ? ? 'X-RAY DIFFRACTION' ? 
x_dihedral_angle_d      ?     ? ? ? 'X-RAY DIFFRACTION' ? 
x_dihedral_angle_d_na   ?     ? ? ? 'X-RAY DIFFRACTION' ? 
x_dihedral_angle_d_prot ?     ? ? ? 'X-RAY DIFFRACTION' ? 
x_improper_angle_d      ?     ? ? ? 'X-RAY DIFFRACTION' ? 
x_improper_angle_d_na   ?     ? ? ? 'X-RAY DIFFRACTION' ? 
x_improper_angle_d_prot ?     ? ? ? 'X-RAY DIFFRACTION' ? 
x_mcbond_it             ?     ? ? ? 'X-RAY DIFFRACTION' ? 
x_mcangle_it            ?     ? ? ? 'X-RAY DIFFRACTION' ? 
x_scbond_it             ?     ? ? ? 'X-RAY DIFFRACTION' ? 
x_scangle_it            ?     ? ? ? 'X-RAY DIFFRACTION' ? 
# 
_struct.entry_id                  1SEM 
_struct.title                     
'STRUCTURAL DETERMINANTS OF PEPTIDE-BINDING ORIENTATION AND OF SEQUENCE SPECIFICITY IN SH3 DOMAINS' 
_struct.pdbx_model_details        ? 
_struct.pdbx_CASP_flag            ? 
_struct.pdbx_model_type_details   ? 
# 
_struct_keywords.entry_id        1SEM 
_struct_keywords.pdbx_keywords   'SIGNAL TRANSDUCTION PROTEIN' 
_struct_keywords.text            
'SRC-HOMOLOGY 3 (SH3) DOMAIN, PEPTIDE-BINDING PROTEIN, GUANINE NUCLEOTIDE EXCHANGE FACTOR, SIGNAL TRANSDUCTION PROTEIN' 
# 
loop_
_struct_asym.id 
_struct_asym.pdbx_blank_PDB_chainid_flag 
_struct_asym.pdbx_modified 
_struct_asym.entity_id 
_struct_asym.details 
A N N 1 ? 
B N N 1 ? 
C N N 2 ? 
D N N 2 ? 
E N N 3 ? 
F N N 3 ? 
G N N 3 ? 
H N N 3 ? 
# 
loop_
_struct_ref.id 
_struct_ref.db_name 
_struct_ref.db_code 
_struct_ref.entity_id 
_struct_ref.pdbx_db_accession 
_struct_ref.pdbx_align_begin 
_struct_ref.pdbx_seq_one_letter_code 
_struct_ref.pdbx_db_isoform 
1 UNP SEM5_CAEEL 1 P29355 1 
;MEAVAEHDFQAGSPDELSFKRGNTLKVLNKDEDPHWYKAELDGNEGFIPSNYIRMTECNWYLGKITRNDAEVLLKKPTVR
DGHFLVRQCESSPGEFSISVRFQDSVQHFKVLRDQNGKYYLWAVKFNSLNELVAYHRTASVSRTHTILLSDMNVETKFVQ
ALFDFNPQESGELAFKRGDVITLINKDDPNWWEGQLNNRRGIFPSNYVCPYNSNKSNSNVAPGFNFGN
;
? 
2 PDB 1SEM       2 1SEM   ? ? ? 
# 
loop_
_struct_ref_seq.align_id 
_struct_ref_seq.ref_id 
_struct_ref_seq.pdbx_PDB_id_code 
_struct_ref_seq.pdbx_strand_id 
_struct_ref_seq.seq_align_beg 
_struct_ref_seq.pdbx_seq_align_beg_ins_code 
_struct_ref_seq.seq_align_end 
_struct_ref_seq.pdbx_seq_align_end_ins_code 
_struct_ref_seq.pdbx_db_accession 
_struct_ref_seq.db_align_beg 
_struct_ref_seq.pdbx_db_align_beg_ins_code 
_struct_ref_seq.db_align_end 
_struct_ref_seq.pdbx_db_align_end_ins_code 
_struct_ref_seq.pdbx_auth_seq_align_beg 
_struct_ref_seq.pdbx_auth_seq_align_end 
1 1 1SEM A 1 ? 58 ? P29355 155 ? 212 ? 155 212 
2 1 1SEM B 1 ? 58 ? P29355 155 ? 212 ? 155 212 
3 2 1SEM C 1 ? 10 ? 1SEM   1   ? 10  ? 1   10  
4 2 1SEM D 1 ? 10 ? 1SEM   1   ? 10  ? 1   10  
# 
_pdbx_struct_assembly.id                   1 
_pdbx_struct_assembly.details              author_and_software_defined_assembly 
_pdbx_struct_assembly.method_details       PISA 
_pdbx_struct_assembly.oligomeric_details   tetrameric 
_pdbx_struct_assembly.oligomeric_count     4 
# 
loop_
_pdbx_struct_assembly_prop.biol_id 
_pdbx_struct_assembly_prop.type 
_pdbx_struct_assembly_prop.value 
_pdbx_struct_assembly_prop.details 
1 'ABSA (A^2)' 2270 ? 
1 MORE         -15  ? 
1 'SSA (A^2)'  8060 ? 
# 
_pdbx_struct_assembly_gen.assembly_id       1 
_pdbx_struct_assembly_gen.oper_expression   1 
_pdbx_struct_assembly_gen.asym_id_list      A,B,C,D,E,F,G,H 
# 
_pdbx_struct_oper_list.id                   1 
_pdbx_struct_oper_list.type                 'identity operation' 
_pdbx_struct_oper_list.name                 1_555 
_pdbx_struct_oper_list.symmetry_operation   x,y,z 
_pdbx_struct_oper_list.matrix[1][1]         1.0000000000 
_pdbx_struct_oper_list.matrix[1][2]         0.0000000000 
_pdbx_struct_oper_list.matrix[1][3]         0.0000000000 
_pdbx_struct_oper_list.vector[1]            0.0000000000 
_pdbx_struct_oper_list.matrix[2][1]         0.0000000000 
_pdbx_struct_oper_list.matrix[2][2]         1.0000000000 
_pdbx_struct_oper_list.matrix[2][3]         0.0000000000 
_pdbx_struct_oper_list.vector[2]            0.0000000000 
_pdbx_struct_oper_list.matrix[3][1]         0.0000000000 
_pdbx_struct_oper_list.matrix[3][2]         0.0000000000 
_pdbx_struct_oper_list.matrix[3][3]         1.0000000000 
_pdbx_struct_oper_list.vector[3]            0.0000000000 
# 
_struct_biol.id   1 
# 
loop_
_struct_conf.conf_type_id 
_struct_conf.id 
_struct_conf.pdbx_PDB_helix_id 
_struct_conf.beg_label_comp_id 
_struct_conf.beg_label_asym_id 
_struct_conf.beg_label_seq_id 
_struct_conf.pdbx_beg_PDB_ins_code 
_struct_conf.end_label_comp_id 
_struct_conf.end_label_asym_id 
_struct_conf.end_label_seq_id 
_struct_conf.pdbx_end_PDB_ins_code 
_struct_conf.beg_auth_comp_id 
_struct_conf.beg_auth_asym_id 
_struct_conf.beg_auth_seq_id 
_struct_conf.end_auth_comp_id 
_struct_conf.end_auth_asym_id 
_struct_conf.end_auth_seq_id 
_struct_conf.pdbx_PDB_helix_class 
_struct_conf.details 
_struct_conf.pdbx_PDB_helix_length 
HELX_P HELX_P1 1 SER A 51 ? TYR A 53 ? SER A 205 TYR A 207 5 ? 3 
HELX_P HELX_P2 2 SER B 51 ? TYR B 53 ? SER B 205 TYR B 207 5 ? 3 
# 
_struct_conf_type.id          HELX_P 
_struct_conf_type.criteria    ? 
_struct_conf_type.reference   ? 
# 
loop_
_struct_conn.id 
_struct_conn.conn_type_id 
_struct_conn.pdbx_leaving_atom_flag 
_struct_conn.pdbx_PDB_id 
_struct_conn.ptnr1_label_asym_id 
_struct_conn.ptnr1_label_comp_id 
_struct_conn.ptnr1_label_seq_id 
_struct_conn.ptnr1_label_atom_id 
_struct_conn.pdbx_ptnr1_label_alt_id 
_struct_conn.pdbx_ptnr1_PDB_ins_code 
_struct_conn.pdbx_ptnr1_standard_comp_id 
_struct_conn.ptnr1_symmetry 
_struct_conn.ptnr2_label_asym_id 
_struct_conn.ptnr2_label_comp_id 
_struct_conn.ptnr2_label_seq_id 
_struct_conn.ptnr2_label_atom_id 
_struct_conn.pdbx_ptnr2_label_alt_id 
_struct_conn.pdbx_ptnr2_PDB_ins_code 
_struct_conn.ptnr1_auth_asym_id 
_struct_conn.ptnr1_auth_comp_id 
_struct_conn.ptnr1_auth_seq_id 
_struct_conn.ptnr2_auth_asym_id 
_struct_conn.ptnr2_auth_comp_id 
_struct_conn.ptnr2_auth_seq_id 
_struct_conn.ptnr2_symmetry 
_struct_conn.pdbx_ptnr3_label_atom_id 
_struct_conn.pdbx_ptnr3_label_seq_id 
_struct_conn.pdbx_ptnr3_label_comp_id 
_struct_conn.pdbx_ptnr3_label_asym_id 
_struct_conn.pdbx_ptnr3_label_alt_id 
_struct_conn.pdbx_ptnr3_PDB_ins_code 
_struct_conn.details 
_struct_conn.pdbx_dist_value 
_struct_conn.pdbx_value_order 
_struct_conn.pdbx_role 
disulf1 disulf ?    ? A CYS 55 SG ? ? ? 1_555 B CYS 55 SG ? ? A CYS 209 B CYS 209 1_555 ? ? ? ? ? ? ? 2.025 ? ? 
covale1 covale both ? C ACE 1  C  ? ? ? 1_555 C PRO 2  N  ? ? C ACE 1   C PRO 2   1_555 ? ? ? ? ? ? ? 1.347 ? ? 
covale2 covale both ? D ACE 1  C  ? ? ? 1_555 D PRO 2  N  ? ? D ACE 1   D PRO 2   1_555 ? ? ? ? ? ? ? 1.345 ? ? 
# 
loop_
_struct_conn_type.id 
_struct_conn_type.criteria 
_struct_conn_type.reference 
disulf ? ? 
covale ? ? 
# 
loop_
_pdbx_modification_feature.ordinal 
_pdbx_modification_feature.label_comp_id 
_pdbx_modification_feature.label_asym_id 
_pdbx_modification_feature.label_seq_id 
_pdbx_modification_feature.label_alt_id 
_pdbx_modification_feature.modified_residue_label_comp_id 
_pdbx_modification_feature.modified_residue_label_asym_id 
_pdbx_modification_feature.modified_residue_label_seq_id 
_pdbx_modification_feature.modified_residue_label_alt_id 
_pdbx_modification_feature.auth_comp_id 
_pdbx_modification_feature.auth_asym_id 
_pdbx_modification_feature.auth_seq_id 
_pdbx_modification_feature.PDB_ins_code 
_pdbx_modification_feature.symmetry 
_pdbx_modification_feature.modified_residue_auth_comp_id 
_pdbx_modification_feature.modified_residue_auth_asym_id 
_pdbx_modification_feature.modified_residue_auth_seq_id 
_pdbx_modification_feature.modified_residue_PDB_ins_code 
_pdbx_modification_feature.modified_residue_symmetry 
_pdbx_modification_feature.comp_id_linking_atom 
_pdbx_modification_feature.modified_residue_id_linking_atom 
_pdbx_modification_feature.modified_residue_id 
_pdbx_modification_feature.ref_pcm_id 
_pdbx_modification_feature.ref_comp_id 
_pdbx_modification_feature.type 
_pdbx_modification_feature.category 
1 ACE C 1  ? PRO C 2  ? ACE C 1   ? 1_555 PRO C 2   ? 1_555 .  .  PRO 13 ACE None 'Terminal acetylation' 
2 ACE D 1  ? PRO D 2  ? ACE D 1   ? 1_555 PRO D 2   ? 1_555 .  .  PRO 13 ACE None 'Terminal acetylation' 
3 CYS A 55 ? CYS B 55 ? CYS A 209 ? 1_555 CYS B 209 ? 1_555 SG SG .   .  .   None 'Disulfide bridge'     
# 
loop_
_struct_sheet.id 
_struct_sheet.type 
_struct_sheet.number_strands 
_struct_sheet.details 
A ? 5 ? 
B ? 5 ? 
# 
loop_
_struct_sheet_order.sheet_id 
_struct_sheet_order.range_id_1 
_struct_sheet_order.range_id_2 
_struct_sheet_order.offset 
_struct_sheet_order.sense 
A 1 2 ? anti-parallel 
A 2 3 ? anti-parallel 
A 3 4 ? anti-parallel 
A 4 5 ? anti-parallel 
B 1 2 ? anti-parallel 
B 2 3 ? anti-parallel 
B 3 4 ? anti-parallel 
B 4 5 ? anti-parallel 
# 
loop_
_struct_sheet_range.sheet_id 
_struct_sheet_range.id 
_struct_sheet_range.beg_label_comp_id 
_struct_sheet_range.beg_label_asym_id 
_struct_sheet_range.beg_label_seq_id 
_struct_sheet_range.pdbx_beg_PDB_ins_code 
_struct_sheet_range.end_label_comp_id 
_struct_sheet_range.end_label_asym_id 
_struct_sheet_range.end_label_seq_id 
_struct_sheet_range.pdbx_end_PDB_ins_code 
_struct_sheet_range.beg_auth_comp_id 
_struct_sheet_range.beg_auth_asym_id 
_struct_sheet_range.beg_auth_seq_id 
_struct_sheet_range.end_auth_comp_id 
_struct_sheet_range.end_auth_asym_id 
_struct_sheet_range.end_auth_seq_id 
A 1 VAL A 54 ? ASN A 58 ? VAL A 208 ASN A 212 
A 2 PHE A 4  ? ALA A 7  ? PHE A 158 ALA A 161 
A 3 VAL A 26 ? ASN A 31 ? VAL A 180 ASN A 185 
A 4 TRP A 37 ? LEU A 42 ? TRP A 191 LEU A 196 
A 5 ARG A 45 ? PRO A 50 ? ARG A 199 PRO A 204 
B 1 VAL B 54 ? PRO B 56 ? VAL B 208 PRO B 210 
B 2 PHE B 4  ? ALA B 7  ? PHE B 158 ALA B 161 
B 3 VAL B 26 ? ASN B 31 ? VAL B 180 ASN B 185 
B 4 TRP B 37 ? LEU B 42 ? TRP B 191 LEU B 196 
B 5 ARG B 45 ? PRO B 50 ? ARG B 199 PRO B 204 
# 
loop_
_pdbx_struct_sheet_hbond.sheet_id 
_pdbx_struct_sheet_hbond.range_id_1 
_pdbx_struct_sheet_hbond.range_id_2 
_pdbx_struct_sheet_hbond.range_1_label_atom_id 
_pdbx_struct_sheet_hbond.range_1_label_comp_id 
_pdbx_struct_sheet_hbond.range_1_label_asym_id 
_pdbx_struct_sheet_hbond.range_1_label_seq_id 
_pdbx_struct_sheet_hbond.range_1_PDB_ins_code 
_pdbx_struct_sheet_hbond.range_1_auth_atom_id 
_pdbx_struct_sheet_hbond.range_1_auth_comp_id 
_pdbx_struct_sheet_hbond.range_1_auth_asym_id 
_pdbx_struct_sheet_hbond.range_1_auth_seq_id 
_pdbx_struct_sheet_hbond.range_2_label_atom_id 
_pdbx_struct_sheet_hbond.range_2_label_comp_id 
_pdbx_struct_sheet_hbond.range_2_label_asym_id 
_pdbx_struct_sheet_hbond.range_2_label_seq_id 
_pdbx_struct_sheet_hbond.range_2_PDB_ins_code 
_pdbx_struct_sheet_hbond.range_2_auth_atom_id 
_pdbx_struct_sheet_hbond.range_2_auth_comp_id 
_pdbx_struct_sheet_hbond.range_2_auth_asym_id 
_pdbx_struct_sheet_hbond.range_2_auth_seq_id 
A 1 2 O CYS A 55 ? O CYS A 209 N GLN A 6  ? N GLN A 160 
A 2 3 O VAL A 5  ? O VAL A 159 N ILE A 27 ? N ILE A 181 
A 3 4 O THR A 28 ? O THR A 182 N GLN A 41 ? N GLN A 195 
A 4 5 O TRP A 38 ? O TRP A 192 N PHE A 49 ? N PHE A 203 
B 1 2 O CYS B 55 ? O CYS B 209 N GLN B 6  ? N GLN B 160 
B 2 3 O VAL B 5  ? O VAL B 159 N ILE B 27 ? N ILE B 181 
B 3 4 O THR B 28 ? O THR B 182 N GLN B 41 ? N GLN B 195 
B 4 5 O TRP B 38 ? O TRP B 192 N PHE B 49 ? N PHE B 203 
# 
_struct_site.id                   AC2 
_struct_site.pdbx_evidence_code   Software 
_struct_site.pdbx_auth_asym_id    D 
_struct_site.pdbx_auth_comp_id    ACE 
_struct_site.pdbx_auth_seq_id     1 
_struct_site.pdbx_auth_ins_code   ? 
_struct_site.pdbx_num_residues    1 
_struct_site.details              'BINDING SITE FOR RESIDUE ACE D 1' 
# 
_struct_site_gen.id                   1 
_struct_site_gen.site_id              AC2 
_struct_site_gen.pdbx_num_res         1 
_struct_site_gen.label_comp_id        HOH 
_struct_site_gen.label_asym_id        H 
_struct_site_gen.label_seq_id         . 
_struct_site_gen.pdbx_auth_ins_code   ? 
_struct_site_gen.auth_comp_id         HOH 
_struct_site_gen.auth_asym_id         D 
_struct_site_gen.auth_seq_id          21 
_struct_site_gen.label_atom_id        . 
_struct_site_gen.label_alt_id         ? 
_struct_site_gen.symmetry             1_555 
_struct_site_gen.details              ? 
# 
_pdbx_entry_details.entry_id                   1SEM 
_pdbx_entry_details.compound_details           ? 
_pdbx_entry_details.source_details             
;MOLECULE_NAME: MSOS, 10-RESIDUE PEPTIDE
  (ACE-PRO-PRO-PRO-VAL-PRO-PRO-ARG-ARG-ARG).  PEPTIDE IS
  FROM BIOLOGICAL SEQUENCE, BUT IS CHEMICALLY SYNTHESIZED.
;
_pdbx_entry_details.nonpolymer_details         ? 
_pdbx_entry_details.sequence_details           ? 
_pdbx_entry_details.has_ligand_of_interest     ? 
_pdbx_entry_details.has_protein_modification   Y 
# 
loop_
_pdbx_validate_torsion.id 
_pdbx_validate_torsion.PDB_model_num 
_pdbx_validate_torsion.auth_comp_id 
_pdbx_validate_torsion.auth_asym_id 
_pdbx_validate_torsion.auth_seq_id 
_pdbx_validate_torsion.PDB_ins_code 
_pdbx_validate_torsion.label_alt_id 
_pdbx_validate_torsion.phi 
_pdbx_validate_torsion.psi 
1 1 ASN A 197 ? ? 55.93   -120.01 
2 1 TYR A 211 ? ? -138.49 -60.16  
3 1 LYS B 186 ? ? -146.71 40.78   
4 1 ASN B 197 ? ? 67.48   -116.53 
5 1 PRO C 6   ? ? -45.05  153.34  
6 1 PRO C 7   ? ? -42.97  101.19  
# 
loop_
_pdbx_unobs_or_zero_occ_residues.id 
_pdbx_unobs_or_zero_occ_residues.PDB_model_num 
_pdbx_unobs_or_zero_occ_residues.polymer_flag 
_pdbx_unobs_or_zero_occ_residues.occupancy_flag 
_pdbx_unobs_or_zero_occ_residues.auth_asym_id 
_pdbx_unobs_or_zero_occ_residues.auth_comp_id 
_pdbx_unobs_or_zero_occ_residues.auth_seq_id 
_pdbx_unobs_or_zero_occ_residues.PDB_ins_code 
_pdbx_unobs_or_zero_occ_residues.label_asym_id 
_pdbx_unobs_or_zero_occ_residues.label_comp_id 
_pdbx_unobs_or_zero_occ_residues.label_seq_id 
1 1 Y 1 B GLU 155 ? B GLU 1  
2 1 Y 1 C ARG 9   ? C ARG 9  
3 1 Y 1 C ARG 10  ? C ARG 10 
4 1 Y 1 D ARG 9   ? D ARG 9  
5 1 Y 1 D ARG 10  ? D ARG 10 
# 
loop_
_chem_comp_atom.comp_id 
_chem_comp_atom.atom_id 
_chem_comp_atom.type_symbol 
_chem_comp_atom.pdbx_aromatic_flag 
_chem_comp_atom.pdbx_stereo_config 
_chem_comp_atom.pdbx_ordinal 
ACE C    C N N 1   
ACE O    O N N 2   
ACE CH3  C N N 3   
ACE H    H N N 4   
ACE H1   H N N 5   
ACE H2   H N N 6   
ACE H3   H N N 7   
ALA N    N N N 8   
ALA CA   C N S 9   
ALA C    C N N 10  
ALA O    O N N 11  
ALA CB   C N N 12  
ALA OXT  O N N 13  
ALA H    H N N 14  
ALA H2   H N N 15  
ALA HA   H N N 16  
ALA HB1  H N N 17  
ALA HB2  H N N 18  
ALA HB3  H N N 19  
ALA HXT  H N N 20  
ARG N    N N N 21  
ARG CA   C N S 22  
ARG C    C N N 23  
ARG O    O N N 24  
ARG CB   C N N 25  
ARG CG   C N N 26  
ARG CD   C N N 27  
ARG NE   N N N 28  
ARG CZ   C N N 29  
ARG NH1  N N N 30  
ARG NH2  N N N 31  
ARG OXT  O N N 32  
ARG H    H N N 33  
ARG H2   H N N 34  
ARG HA   H N N 35  
ARG HB2  H N N 36  
ARG HB3  H N N 37  
ARG HG2  H N N 38  
ARG HG3  H N N 39  
ARG HD2  H N N 40  
ARG HD3  H N N 41  
ARG HE   H N N 42  
ARG HH11 H N N 43  
ARG HH12 H N N 44  
ARG HH21 H N N 45  
ARG HH22 H N N 46  
ARG HXT  H N N 47  
ASN N    N N N 48  
ASN CA   C N S 49  
ASN C    C N N 50  
ASN O    O N N 51  
ASN CB   C N N 52  
ASN CG   C N N 53  
ASN OD1  O N N 54  
ASN ND2  N N N 55  
ASN OXT  O N N 56  
ASN H    H N N 57  
ASN H2   H N N 58  
ASN HA   H N N 59  
ASN HB2  H N N 60  
ASN HB3  H N N 61  
ASN HD21 H N N 62  
ASN HD22 H N N 63  
ASN HXT  H N N 64  
ASP N    N N N 65  
ASP CA   C N S 66  
ASP C    C N N 67  
ASP O    O N N 68  
ASP CB   C N N 69  
ASP CG   C N N 70  
ASP OD1  O N N 71  
ASP OD2  O N N 72  
ASP OXT  O N N 73  
ASP H    H N N 74  
ASP H2   H N N 75  
ASP HA   H N N 76  
ASP HB2  H N N 77  
ASP HB3  H N N 78  
ASP HD2  H N N 79  
ASP HXT  H N N 80  
CYS N    N N N 81  
CYS CA   C N R 82  
CYS C    C N N 83  
CYS O    O N N 84  
CYS CB   C N N 85  
CYS SG   S N N 86  
CYS OXT  O N N 87  
CYS H    H N N 88  
CYS H2   H N N 89  
CYS HA   H N N 90  
CYS HB2  H N N 91  
CYS HB3  H N N 92  
CYS HG   H N N 93  
CYS HXT  H N N 94  
GLN N    N N N 95  
GLN CA   C N S 96  
GLN C    C N N 97  
GLN O    O N N 98  
GLN CB   C N N 99  
GLN CG   C N N 100 
GLN CD   C N N 101 
GLN OE1  O N N 102 
GLN NE2  N N N 103 
GLN OXT  O N N 104 
GLN H    H N N 105 
GLN H2   H N N 106 
GLN HA   H N N 107 
GLN HB2  H N N 108 
GLN HB3  H N N 109 
GLN HG2  H N N 110 
GLN HG3  H N N 111 
GLN HE21 H N N 112 
GLN HE22 H N N 113 
GLN HXT  H N N 114 
GLU N    N N N 115 
GLU CA   C N S 116 
GLU C    C N N 117 
GLU O    O N N 118 
GLU CB   C N N 119 
GLU CG   C N N 120 
GLU CD   C N N 121 
GLU OE1  O N N 122 
GLU OE2  O N N 123 
GLU OXT  O N N 124 
GLU H    H N N 125 
GLU H2   H N N 126 
GLU HA   H N N 127 
GLU HB2  H N N 128 
GLU HB3  H N N 129 
GLU HG2  H N N 130 
GLU HG3  H N N 131 
GLU HE2  H N N 132 
GLU HXT  H N N 133 
GLY N    N N N 134 
GLY CA   C N N 135 
GLY C    C N N 136 
GLY O    O N N 137 
GLY OXT  O N N 138 
GLY H    H N N 139 
GLY H2   H N N 140 
GLY HA2  H N N 141 
GLY HA3  H N N 142 
GLY HXT  H N N 143 
HOH O    O N N 144 
HOH H1   H N N 145 
HOH H2   H N N 146 
ILE N    N N N 147 
ILE CA   C N S 148 
ILE C    C N N 149 
ILE O    O N N 150 
ILE CB   C N S 151 
ILE CG1  C N N 152 
ILE CG2  C N N 153 
ILE CD1  C N N 154 
ILE OXT  O N N 155 
ILE H    H N N 156 
ILE H2   H N N 157 
ILE HA   H N N 158 
ILE HB   H N N 159 
ILE HG12 H N N 160 
ILE HG13 H N N 161 
ILE HG21 H N N 162 
ILE HG22 H N N 163 
ILE HG23 H N N 164 
ILE HD11 H N N 165 
ILE HD12 H N N 166 
ILE HD13 H N N 167 
ILE HXT  H N N 168 
LEU N    N N N 169 
LEU CA   C N S 170 
LEU C    C N N 171 
LEU O    O N N 172 
LEU CB   C N N 173 
LEU CG   C N N 174 
LEU CD1  C N N 175 
LEU CD2  C N N 176 
LEU OXT  O N N 177 
LEU H    H N N 178 
LEU H2   H N N 179 
LEU HA   H N N 180 
LEU HB2  H N N 181 
LEU HB3  H N N 182 
LEU HG   H N N 183 
LEU HD11 H N N 184 
LEU HD12 H N N 185 
LEU HD13 H N N 186 
LEU HD21 H N N 187 
LEU HD22 H N N 188 
LEU HD23 H N N 189 
LEU HXT  H N N 190 
LYS N    N N N 191 
LYS CA   C N S 192 
LYS C    C N N 193 
LYS O    O N N 194 
LYS CB   C N N 195 
LYS CG   C N N 196 
LYS CD   C N N 197 
LYS CE   C N N 198 
LYS NZ   N N N 199 
LYS OXT  O N N 200 
LYS H    H N N 201 
LYS H2   H N N 202 
LYS HA   H N N 203 
LYS HB2  H N N 204 
LYS HB3  H N N 205 
LYS HG2  H N N 206 
LYS HG3  H N N 207 
LYS HD2  H N N 208 
LYS HD3  H N N 209 
LYS HE2  H N N 210 
LYS HE3  H N N 211 
LYS HZ1  H N N 212 
LYS HZ2  H N N 213 
LYS HZ3  H N N 214 
LYS HXT  H N N 215 
PHE N    N N N 216 
PHE CA   C N S 217 
PHE C    C N N 218 
PHE O    O N N 219 
PHE CB   C N N 220 
PHE CG   C Y N 221 
PHE CD1  C Y N 222 
PHE CD2  C Y N 223 
PHE CE1  C Y N 224 
PHE CE2  C Y N 225 
PHE CZ   C Y N 226 
PHE OXT  O N N 227 
PHE H    H N N 228 
PHE H2   H N N 229 
PHE HA   H N N 230 
PHE HB2  H N N 231 
PHE HB3  H N N 232 
PHE HD1  H N N 233 
PHE HD2  H N N 234 
PHE HE1  H N N 235 
PHE HE2  H N N 236 
PHE HZ   H N N 237 
PHE HXT  H N N 238 
PRO N    N N N 239 
PRO CA   C N S 240 
PRO C    C N N 241 
PRO O    O N N 242 
PRO CB   C N N 243 
PRO CG   C N N 244 
PRO CD   C N N 245 
PRO OXT  O N N 246 
PRO H    H N N 247 
PRO HA   H N N 248 
PRO HB2  H N N 249 
PRO HB3  H N N 250 
PRO HG2  H N N 251 
PRO HG3  H N N 252 
PRO HD2  H N N 253 
PRO HD3  H N N 254 
PRO HXT  H N N 255 
SER N    N N N 256 
SER CA   C N S 257 
SER C    C N N 258 
SER O    O N N 259 
SER CB   C N N 260 
SER OG   O N N 261 
SER OXT  O N N 262 
SER H    H N N 263 
SER H2   H N N 264 
SER HA   H N N 265 
SER HB2  H N N 266 
SER HB3  H N N 267 
SER HG   H N N 268 
SER HXT  H N N 269 
THR N    N N N 270 
THR CA   C N S 271 
THR C    C N N 272 
THR O    O N N 273 
THR CB   C N R 274 
THR OG1  O N N 275 
THR CG2  C N N 276 
THR OXT  O N N 277 
THR H    H N N 278 
THR H2   H N N 279 
THR HA   H N N 280 
THR HB   H N N 281 
THR HG1  H N N 282 
THR HG21 H N N 283 
THR HG22 H N N 284 
THR HG23 H N N 285 
THR HXT  H N N 286 
TRP N    N N N 287 
TRP CA   C N S 288 
TRP C    C N N 289 
TRP O    O N N 290 
TRP CB   C N N 291 
TRP CG   C Y N 292 
TRP CD1  C Y N 293 
TRP CD2  C Y N 294 
TRP NE1  N Y N 295 
TRP CE2  C Y N 296 
TRP CE3  C Y N 297 
TRP CZ2  C Y N 298 
TRP CZ3  C Y N 299 
TRP CH2  C Y N 300 
TRP OXT  O N N 301 
TRP H    H N N 302 
TRP H2   H N N 303 
TRP HA   H N N 304 
TRP HB2  H N N 305 
TRP HB3  H N N 306 
TRP HD1  H N N 307 
TRP HE1  H N N 308 
TRP HE3  H N N 309 
TRP HZ2  H N N 310 
TRP HZ3  H N N 311 
TRP HH2  H N N 312 
TRP HXT  H N N 313 
TYR N    N N N 314 
TYR CA   C N S 315 
TYR C    C N N 316 
TYR O    O N N 317 
TYR CB   C N N 318 
TYR CG   C Y N 319 
TYR CD1  C Y N 320 
TYR CD2  C Y N 321 
TYR CE1  C Y N 322 
TYR CE2  C Y N 323 
TYR CZ   C Y N 324 
TYR OH   O N N 325 
TYR OXT  O N N 326 
TYR H    H N N 327 
TYR H2   H N N 328 
TYR HA   H N N 329 
TYR HB2  H N N 330 
TYR HB3  H N N 331 
TYR HD1  H N N 332 
TYR HD2  H N N 333 
TYR HE1  H N N 334 
TYR HE2  H N N 335 
TYR HH   H N N 336 
TYR HXT  H N N 337 
VAL N    N N N 338 
VAL CA   C N S 339 
VAL C    C N N 340 
VAL O    O N N 341 
VAL CB   C N N 342 
VAL CG1  C N N 343 
VAL CG2  C N N 344 
VAL OXT  O N N 345 
VAL H    H N N 346 
VAL H2   H N N 347 
VAL HA   H N N 348 
VAL HB   H N N 349 
VAL HG11 H N N 350 
VAL HG12 H N N 351 
VAL HG13 H N N 352 
VAL HG21 H N N 353 
VAL HG22 H N N 354 
VAL HG23 H N N 355 
VAL HXT  H N N 356 
# 
loop_
_chem_comp_bond.comp_id 
_chem_comp_bond.atom_id_1 
_chem_comp_bond.atom_id_2 
_chem_comp_bond.value_order 
_chem_comp_bond.pdbx_aromatic_flag 
_chem_comp_bond.pdbx_stereo_config 
_chem_comp_bond.pdbx_ordinal 
ACE C   O    doub N N 1   
ACE C   CH3  sing N N 2   
ACE C   H    sing N N 3   
ACE CH3 H1   sing N N 4   
ACE CH3 H2   sing N N 5   
ACE CH3 H3   sing N N 6   
ALA N   CA   sing N N 7   
ALA N   H    sing N N 8   
ALA N   H2   sing N N 9   
ALA CA  C    sing N N 10  
ALA CA  CB   sing N N 11  
ALA CA  HA   sing N N 12  
ALA C   O    doub N N 13  
ALA C   OXT  sing N N 14  
ALA CB  HB1  sing N N 15  
ALA CB  HB2  sing N N 16  
ALA CB  HB3  sing N N 17  
ALA OXT HXT  sing N N 18  
ARG N   CA   sing N N 19  
ARG N   H    sing N N 20  
ARG N   H2   sing N N 21  
ARG CA  C    sing N N 22  
ARG CA  CB   sing N N 23  
ARG CA  HA   sing N N 24  
ARG C   O    doub N N 25  
ARG C   OXT  sing N N 26  
ARG CB  CG   sing N N 27  
ARG CB  HB2  sing N N 28  
ARG CB  HB3  sing N N 29  
ARG CG  CD   sing N N 30  
ARG CG  HG2  sing N N 31  
ARG CG  HG3  sing N N 32  
ARG CD  NE   sing N N 33  
ARG CD  HD2  sing N N 34  
ARG CD  HD3  sing N N 35  
ARG NE  CZ   sing N N 36  
ARG NE  HE   sing N N 37  
ARG CZ  NH1  sing N N 38  
ARG CZ  NH2  doub N N 39  
ARG NH1 HH11 sing N N 40  
ARG NH1 HH12 sing N N 41  
ARG NH2 HH21 sing N N 42  
ARG NH2 HH22 sing N N 43  
ARG OXT HXT  sing N N 44  
ASN N   CA   sing N N 45  
ASN N   H    sing N N 46  
ASN N   H2   sing N N 47  
ASN CA  C    sing N N 48  
ASN CA  CB   sing N N 49  
ASN CA  HA   sing N N 50  
ASN C   O    doub N N 51  
ASN C   OXT  sing N N 52  
ASN CB  CG   sing N N 53  
ASN CB  HB2  sing N N 54  
ASN CB  HB3  sing N N 55  
ASN CG  OD1  doub N N 56  
ASN CG  ND2  sing N N 57  
ASN ND2 HD21 sing N N 58  
ASN ND2 HD22 sing N N 59  
ASN OXT HXT  sing N N 60  
ASP N   CA   sing N N 61  
ASP N   H    sing N N 62  
ASP N   H2   sing N N 63  
ASP CA  C    sing N N 64  
ASP CA  CB   sing N N 65  
ASP CA  HA   sing N N 66  
ASP C   O    doub N N 67  
ASP C   OXT  sing N N 68  
ASP CB  CG   sing N N 69  
ASP CB  HB2  sing N N 70  
ASP CB  HB3  sing N N 71  
ASP CG  OD1  doub N N 72  
ASP CG  OD2  sing N N 73  
ASP OD2 HD2  sing N N 74  
ASP OXT HXT  sing N N 75  
CYS N   CA   sing N N 76  
CYS N   H    sing N N 77  
CYS N   H2   sing N N 78  
CYS CA  C    sing N N 79  
CYS CA  CB   sing N N 80  
CYS CA  HA   sing N N 81  
CYS C   O    doub N N 82  
CYS C   OXT  sing N N 83  
CYS CB  SG   sing N N 84  
CYS CB  HB2  sing N N 85  
CYS CB  HB3  sing N N 86  
CYS SG  HG   sing N N 87  
CYS OXT HXT  sing N N 88  
GLN N   CA   sing N N 89  
GLN N   H    sing N N 90  
GLN N   H2   sing N N 91  
GLN CA  C    sing N N 92  
GLN CA  CB   sing N N 93  
GLN CA  HA   sing N N 94  
GLN C   O    doub N N 95  
GLN C   OXT  sing N N 96  
GLN CB  CG   sing N N 97  
GLN CB  HB2  sing N N 98  
GLN CB  HB3  sing N N 99  
GLN CG  CD   sing N N 100 
GLN CG  HG2  sing N N 101 
GLN CG  HG3  sing N N 102 
GLN CD  OE1  doub N N 103 
GLN CD  NE2  sing N N 104 
GLN NE2 HE21 sing N N 105 
GLN NE2 HE22 sing N N 106 
GLN OXT HXT  sing N N 107 
GLU N   CA   sing N N 108 
GLU N   H    sing N N 109 
GLU N   H2   sing N N 110 
GLU CA  C    sing N N 111 
GLU CA  CB   sing N N 112 
GLU CA  HA   sing N N 113 
GLU C   O    doub N N 114 
GLU C   OXT  sing N N 115 
GLU CB  CG   sing N N 116 
GLU CB  HB2  sing N N 117 
GLU CB  HB3  sing N N 118 
GLU CG  CD   sing N N 119 
GLU CG  HG2  sing N N 120 
GLU CG  HG3  sing N N 121 
GLU CD  OE1  doub N N 122 
GLU CD  OE2  sing N N 123 
GLU OE2 HE2  sing N N 124 
GLU OXT HXT  sing N N 125 
GLY N   CA   sing N N 126 
GLY N   H    sing N N 127 
GLY N   H2   sing N N 128 
GLY CA  C    sing N N 129 
GLY CA  HA2  sing N N 130 
GLY CA  HA3  sing N N 131 
GLY C   O    doub N N 132 
GLY C   OXT  sing N N 133 
GLY OXT HXT  sing N N 134 
HOH O   H1   sing N N 135 
HOH O   H2   sing N N 136 
ILE N   CA   sing N N 137 
ILE N   H    sing N N 138 
ILE N   H2   sing N N 139 
ILE CA  C    sing N N 140 
ILE CA  CB   sing N N 141 
ILE CA  HA   sing N N 142 
ILE C   O    doub N N 143 
ILE C   OXT  sing N N 144 
ILE CB  CG1  sing N N 145 
ILE CB  CG2  sing N N 146 
ILE CB  HB   sing N N 147 
ILE CG1 CD1  sing N N 148 
ILE CG1 HG12 sing N N 149 
ILE CG1 HG13 sing N N 150 
ILE CG2 HG21 sing N N 151 
ILE CG2 HG22 sing N N 152 
ILE CG2 HG23 sing N N 153 
ILE CD1 HD11 sing N N 154 
ILE CD1 HD12 sing N N 155 
ILE CD1 HD13 sing N N 156 
ILE OXT HXT  sing N N 157 
LEU N   CA   sing N N 158 
LEU N   H    sing N N 159 
LEU N   H2   sing N N 160 
LEU CA  C    sing N N 161 
LEU CA  CB   sing N N 162 
LEU CA  HA   sing N N 163 
LEU C   O    doub N N 164 
LEU C   OXT  sing N N 165 
LEU CB  CG   sing N N 166 
LEU CB  HB2  sing N N 167 
LEU CB  HB3  sing N N 168 
LEU CG  CD1  sing N N 169 
LEU CG  CD2  sing N N 170 
LEU CG  HG   sing N N 171 
LEU CD1 HD11 sing N N 172 
LEU CD1 HD12 sing N N 173 
LEU CD1 HD13 sing N N 174 
LEU CD2 HD21 sing N N 175 
LEU CD2 HD22 sing N N 176 
LEU CD2 HD23 sing N N 177 
LEU OXT HXT  sing N N 178 
LYS N   CA   sing N N 179 
LYS N   H    sing N N 180 
LYS N   H2   sing N N 181 
LYS CA  C    sing N N 182 
LYS CA  CB   sing N N 183 
LYS CA  HA   sing N N 184 
LYS C   O    doub N N 185 
LYS C   OXT  sing N N 186 
LYS CB  CG   sing N N 187 
LYS CB  HB2  sing N N 188 
LYS CB  HB3  sing N N 189 
LYS CG  CD   sing N N 190 
LYS CG  HG2  sing N N 191 
LYS CG  HG3  sing N N 192 
LYS CD  CE   sing N N 193 
LYS CD  HD2  sing N N 194 
LYS CD  HD3  sing N N 195 
LYS CE  NZ   sing N N 196 
LYS CE  HE2  sing N N 197 
LYS CE  HE3  sing N N 198 
LYS NZ  HZ1  sing N N 199 
LYS NZ  HZ2  sing N N 200 
LYS NZ  HZ3  sing N N 201 
LYS OXT HXT  sing N N 202 
PHE N   CA   sing N N 203 
PHE N   H    sing N N 204 
PHE N   H2   sing N N 205 
PHE CA  C    sing N N 206 
PHE CA  CB   sing N N 207 
PHE CA  HA   sing N N 208 
PHE C   O    doub N N 209 
PHE C   OXT  sing N N 210 
PHE CB  CG   sing N N 211 
PHE CB  HB2  sing N N 212 
PHE CB  HB3  sing N N 213 
PHE CG  CD1  doub Y N 214 
PHE CG  CD2  sing Y N 215 
PHE CD1 CE1  sing Y N 216 
PHE CD1 HD1  sing N N 217 
PHE CD2 CE2  doub Y N 218 
PHE CD2 HD2  sing N N 219 
PHE CE1 CZ   doub Y N 220 
PHE CE1 HE1  sing N N 221 
PHE CE2 CZ   sing Y N 222 
PHE CE2 HE2  sing N N 223 
PHE CZ  HZ   sing N N 224 
PHE OXT HXT  sing N N 225 
PRO N   CA   sing N N 226 
PRO N   CD   sing N N 227 
PRO N   H    sing N N 228 
PRO CA  C    sing N N 229 
PRO CA  CB   sing N N 230 
PRO CA  HA   sing N N 231 
PRO C   O    doub N N 232 
PRO C   OXT  sing N N 233 
PRO CB  CG   sing N N 234 
PRO CB  HB2  sing N N 235 
PRO CB  HB3  sing N N 236 
PRO CG  CD   sing N N 237 
PRO CG  HG2  sing N N 238 
PRO CG  HG3  sing N N 239 
PRO CD  HD2  sing N N 240 
PRO CD  HD3  sing N N 241 
PRO OXT HXT  sing N N 242 
SER N   CA   sing N N 243 
SER N   H    sing N N 244 
SER N   H2   sing N N 245 
SER CA  C    sing N N 246 
SER CA  CB   sing N N 247 
SER CA  HA   sing N N 248 
SER C   O    doub N N 249 
SER C   OXT  sing N N 250 
SER CB  OG   sing N N 251 
SER CB  HB2  sing N N 252 
SER CB  HB3  sing N N 253 
SER OG  HG   sing N N 254 
SER OXT HXT  sing N N 255 
THR N   CA   sing N N 256 
THR N   H    sing N N 257 
THR N   H2   sing N N 258 
THR CA  C    sing N N 259 
THR CA  CB   sing N N 260 
THR CA  HA   sing N N 261 
THR C   O    doub N N 262 
THR C   OXT  sing N N 263 
THR CB  OG1  sing N N 264 
THR CB  CG2  sing N N 265 
THR CB  HB   sing N N 266 
THR OG1 HG1  sing N N 267 
THR CG2 HG21 sing N N 268 
THR CG2 HG22 sing N N 269 
THR CG2 HG23 sing N N 270 
THR OXT HXT  sing N N 271 
TRP N   CA   sing N N 272 
TRP N   H    sing N N 273 
TRP N   H2   sing N N 274 
TRP CA  C    sing N N 275 
TRP CA  CB   sing N N 276 
TRP CA  HA   sing N N 277 
TRP C   O    doub N N 278 
TRP C   OXT  sing N N 279 
TRP CB  CG   sing N N 280 
TRP CB  HB2  sing N N 281 
TRP CB  HB3  sing N N 282 
TRP CG  CD1  doub Y N 283 
TRP CG  CD2  sing Y N 284 
TRP CD1 NE1  sing Y N 285 
TRP CD1 HD1  sing N N 286 
TRP CD2 CE2  doub Y N 287 
TRP CD2 CE3  sing Y N 288 
TRP NE1 CE2  sing Y N 289 
TRP NE1 HE1  sing N N 290 
TRP CE2 CZ2  sing Y N 291 
TRP CE3 CZ3  doub Y N 292 
TRP CE3 HE3  sing N N 293 
TRP CZ2 CH2  doub Y N 294 
TRP CZ2 HZ2  sing N N 295 
TRP CZ3 CH2  sing Y N 296 
TRP CZ3 HZ3  sing N N 297 
TRP CH2 HH2  sing N N 298 
TRP OXT HXT  sing N N 299 
TYR N   CA   sing N N 300 
TYR N   H    sing N N 301 
TYR N   H2   sing N N 302 
TYR CA  C    sing N N 303 
TYR CA  CB   sing N N 304 
TYR CA  HA   sing N N 305 
TYR C   O    doub N N 306 
TYR C   OXT  sing N N 307 
TYR CB  CG   sing N N 308 
TYR CB  HB2  sing N N 309 
TYR CB  HB3  sing N N 310 
TYR CG  CD1  doub Y N 311 
TYR CG  CD2  sing Y N 312 
TYR CD1 CE1  sing Y N 313 
TYR CD1 HD1  sing N N 314 
TYR CD2 CE2  doub Y N 315 
TYR CD2 HD2  sing N N 316 
TYR CE1 CZ   doub Y N 317 
TYR CE1 HE1  sing N N 318 
TYR CE2 CZ   sing Y N 319 
TYR CE2 HE2  sing N N 320 
TYR CZ  OH   sing N N 321 
TYR OH  HH   sing N N 322 
TYR OXT HXT  sing N N 323 
VAL N   CA   sing N N 324 
VAL N   H    sing N N 325 
VAL N   H2   sing N N 326 
VAL CA  C    sing N N 327 
VAL CA  CB   sing N N 328 
VAL CA  HA   sing N N 329 
VAL C   O    doub N N 330 
VAL C   OXT  sing N N 331 
VAL CB  CG1  sing N N 332 
VAL CB  CG2  sing N N 333 
VAL CB  HB   sing N N 334 
VAL CG1 HG11 sing N N 335 
VAL CG1 HG12 sing N N 336 
VAL CG1 HG13 sing N N 337 
VAL CG2 HG21 sing N N 338 
VAL CG2 HG22 sing N N 339 
VAL CG2 HG23 sing N N 340 
VAL OXT HXT  sing N N 341 
# 
_atom_sites.entry_id                    1SEM 
_atom_sites.fract_transf_matrix[1][1]   0.00892838 
_atom_sites.fract_transf_matrix[1][2]   0.01135052 
_atom_sites.fract_transf_matrix[1][3]   0.03437348 
_atom_sites.fract_transf_matrix[2][1]   0.00527412 
_atom_sites.fract_transf_matrix[2][2]   -0.01329468 
_atom_sites.fract_transf_matrix[2][3]   0.00302013 
_atom_sites.fract_transf_matrix[3][1]   0.02629595 
_atom_sites.fract_transf_matrix[3][2]   0.00879960 
_atom_sites.fract_transf_matrix[3][3]   -0.00718513 
_atom_sites.fract_transf_vector[1]      0.235814 
_atom_sites.fract_transf_vector[2]      -0.101263 
_atom_sites.fract_transf_vector[3]      0.763625 
# 
loop_
_atom_type.symbol 
C 
N 
O 
S 
# 
loop_
_atom_site.group_PDB 
_atom_site.id 
_atom_site.type_symbol 
_atom_site.label_atom_id 
_atom_site.label_alt_id 
_atom_site.label_comp_id 
_atom_site.label_asym_id 
_atom_site.label_entity_id 
_atom_site.label_seq_id 
_atom_site.pdbx_PDB_ins_code 
_atom_site.Cartn_x 
_atom_site.Cartn_y 
_atom_site.Cartn_z 
_atom_site.occupancy 
_atom_site.B_iso_or_equiv 
_atom_site.pdbx_formal_charge 
_atom_site.auth_seq_id 
_atom_site.auth_comp_id 
_atom_site.auth_asym_id 
_atom_site.auth_atom_id 
_atom_site.pdbx_PDB_model_num 
ATOM   1    N N   . GLU A 1 1  ? -10.822 2.000   17.629  1.00 57.62 ? 155 GLU A N   1 
ATOM   2    C CA  . GLU A 1 1  ? -11.114 2.434   16.235  1.00 55.34 ? 155 GLU A CA  1 
ATOM   3    C C   . GLU A 1 1  ? -11.036 1.197   15.343  1.00 49.05 ? 155 GLU A C   1 
ATOM   4    O O   . GLU A 1 1  ? -10.354 0.231   15.679  1.00 49.97 ? 155 GLU A O   1 
ATOM   5    C CB  . GLU A 1 1  ? -10.082 3.470   15.776  1.00 59.05 ? 155 GLU A CB  1 
ATOM   6    C CG  . GLU A 1 1  ? -10.379 4.106   14.417  1.00 69.48 ? 155 GLU A CG  1 
ATOM   7    C CD  . GLU A 1 1  ? -9.120  4.337   13.578  1.00 75.86 ? 155 GLU A CD  1 
ATOM   8    O OE1 . GLU A 1 1  ? -8.159  4.960   14.088  1.00 78.44 ? 155 GLU A OE1 1 
ATOM   9    O OE2 . GLU A 1 1  ? -9.093  3.893   12.403  1.00 78.65 ? 155 GLU A OE2 1 
ATOM   10   N N   . THR A 1 2  ? -11.790 1.208   14.254  1.00 41.79 ? 156 THR A N   1 
ATOM   11   C CA  . THR A 1 2  ? -11.783 0.113   13.300  1.00 36.79 ? 156 THR A CA  1 
ATOM   12   C C   . THR A 1 2  ? -10.664 0.458   12.319  1.00 29.57 ? 156 THR A C   1 
ATOM   13   O O   . THR A 1 2  ? -10.622 1.563   11.781  1.00 22.45 ? 156 THR A O   1 
ATOM   14   C CB  . THR A 1 2  ? -13.124 0.052   12.536  1.00 38.93 ? 156 THR A CB  1 
ATOM   15   O OG1 . THR A 1 2  ? -14.206 0.120   13.479  1.00 39.91 ? 156 THR A OG1 1 
ATOM   16   C CG2 . THR A 1 2  ? -13.221 -1.226  11.699  1.00 34.18 ? 156 THR A CG2 1 
ATOM   17   N N   . LYS A 1 3  ? -9.744  -0.469  12.111  1.00 24.01 ? 157 LYS A N   1 
ATOM   18   C CA  . LYS A 1 3  ? -8.636  -0.227  11.200  1.00 22.93 ? 157 LYS A CA  1 
ATOM   19   C C   . LYS A 1 3  ? -8.774  -1.090  9.947   1.00 18.67 ? 157 LYS A C   1 
ATOM   20   O O   . LYS A 1 3  ? -9.151  -2.261  10.022  1.00 23.13 ? 157 LYS A O   1 
ATOM   21   C CB  . LYS A 1 3  ? -7.314  -0.495  11.921  1.00 24.50 ? 157 LYS A CB  1 
ATOM   22   N N   . PHE A 1 4  ? -8.560  -0.493  8.783   1.00 19.63 ? 158 PHE A N   1 
ATOM   23   C CA  . PHE A 1 4  ? -8.665  -1.204  7.521   1.00 18.82 ? 158 PHE A CA  1 
ATOM   24   C C   . PHE A 1 4  ? -7.306  -1.296  6.892   1.00 21.92 ? 158 PHE A C   1 
ATOM   25   O O   . PHE A 1 4  ? -6.425  -0.504  7.220   1.00 20.39 ? 158 PHE A O   1 
ATOM   26   C CB  . PHE A 1 4  ? -9.576  -0.441  6.577   1.00 17.09 ? 158 PHE A CB  1 
ATOM   27   C CG  . PHE A 1 4  ? -10.928 -0.209  7.140   1.00 18.22 ? 158 PHE A CG  1 
ATOM   28   C CD1 . PHE A 1 4  ? -11.172 0.884   7.948   1.00 15.81 ? 158 PHE A CD1 1 
ATOM   29   C CD2 . PHE A 1 4  ? -11.932 -1.139  6.952   1.00 20.10 ? 158 PHE A CD2 1 
ATOM   30   C CE1 . PHE A 1 4  ? -12.387 1.044   8.571   1.00 18.92 ? 158 PHE A CE1 1 
ATOM   31   C CE2 . PHE A 1 4  ? -13.153 -0.986  7.571   1.00 20.69 ? 158 PHE A CE2 1 
ATOM   32   C CZ  . PHE A 1 4  ? -13.381 0.108   8.387   1.00 16.82 ? 158 PHE A CZ  1 
ATOM   33   N N   . VAL A 1 5  ? -7.113  -2.307  6.051   1.00 20.12 ? 159 VAL A N   1 
ATOM   34   C CA  . VAL A 1 5  ? -5.867  -2.485  5.301   1.00 19.31 ? 159 VAL A CA  1 
ATOM   35   C C   . VAL A 1 5  ? -6.309  -2.584  3.840   1.00 19.88 ? 159 VAL A C   1 
ATOM   36   O O   . VAL A 1 5  ? -7.432  -2.994  3.546   1.00 18.08 ? 159 VAL A O   1 
ATOM   37   C CB  . VAL A 1 5  ? -5.038  -3.749  5.717   1.00 18.02 ? 159 VAL A CB  1 
ATOM   38   C CG1 . VAL A 1 5  ? -4.493  -3.589  7.133   1.00 16.95 ? 159 VAL A CG1 1 
ATOM   39   C CG2 . VAL A 1 5  ? -5.871  -5.027  5.586   1.00 17.12 ? 159 VAL A CG2 1 
ATOM   40   N N   . GLN A 1 6  ? -5.472  -2.127  2.925   1.00 20.08 ? 160 GLN A N   1 
ATOM   41   C CA  . GLN A 1 6  ? -5.839  -2.182  1.541   1.00 20.83 ? 160 GLN A CA  1 
ATOM   42   C C   . GLN A 1 6  ? -4.922  -3.140  0.813   1.00 21.04 ? 160 GLN A C   1 
ATOM   43   O O   . GLN A 1 6  ? -3.713  -3.157  1.062   1.00 17.53 ? 160 GLN A O   1 
ATOM   44   C CB  . GLN A 1 6  ? -5.780  -0.799  0.906   1.00 24.15 ? 160 GLN A CB  1 
ATOM   45   C CG  . GLN A 1 6  ? -6.602  -0.724  -0.361  1.00 27.26 ? 160 GLN A CG  1 
ATOM   46   C CD  . GLN A 1 6  ? -6.097  0.311   -1.342  1.00 38.23 ? 160 GLN A CD  1 
ATOM   47   O OE1 . GLN A 1 6  ? -5.101  0.998   -1.092  1.00 38.81 ? 160 GLN A OE1 1 
ATOM   48   N NE2 . GLN A 1 6  ? -6.775  0.419   -2.481  1.00 38.63 ? 160 GLN A NE2 1 
ATOM   49   N N   . ALA A 1 7  ? -5.518  -3.908  -0.100  1.00 21.10 ? 161 ALA A N   1 
ATOM   50   C CA  . ALA A 1 7  ? -4.834  -4.910  -0.903  1.00 19.80 ? 161 ALA A CA  1 
ATOM   51   C C   . ALA A 1 7  ? -3.938  -4.354  -2.015  1.00 23.02 ? 161 ALA A C   1 
ATOM   52   O O   . ALA A 1 7  ? -4.410  -3.643  -2.919  1.00 21.70 ? 161 ALA A O   1 
ATOM   53   C CB  . ALA A 1 7  ? -5.856  -5.905  -1.492  1.00 20.46 ? 161 ALA A CB  1 
ATOM   54   N N   . LEU A 1 8  ? -2.653  -4.716  -1.946  1.00 20.17 ? 162 LEU A N   1 
ATOM   55   C CA  . LEU A 1 8  ? -1.650  -4.332  -2.918  1.00 16.34 ? 162 LEU A CA  1 
ATOM   56   C C   . LEU A 1 8  ? -1.701  -5.245  -4.140  1.00 17.58 ? 162 LEU A C   1 
ATOM   57   O O   . LEU A 1 8  ? -1.475  -4.805  -5.254  1.00 17.68 ? 162 LEU A O   1 
ATOM   58   C CB  . LEU A 1 8  ? -0.279  -4.430  -2.293  1.00 16.09 ? 162 LEU A CB  1 
ATOM   59   C CG  . LEU A 1 8  ? 0.062   -3.455  -1.185  1.00 14.65 ? 162 LEU A CG  1 
ATOM   60   C CD1 . LEU A 1 8  ? 1.430   -3.809  -0.644  1.00 14.78 ? 162 LEU A CD1 1 
ATOM   61   C CD2 . LEU A 1 8  ? 0.082   -2.083  -1.750  1.00 19.09 ? 162 LEU A CD2 1 
ATOM   62   N N   . PHE A 1 9  ? -1.996  -6.527  -3.938  1.00 22.18 ? 163 PHE A N   1 
ATOM   63   C CA  . PHE A 1 9  ? -2.048  -7.486  -5.052  1.00 20.36 ? 163 PHE A CA  1 
ATOM   64   C C   . PHE A 1 9  ? -3.191  -8.463  -4.784  1.00 21.59 ? 163 PHE A C   1 
ATOM   65   O O   . PHE A 1 9  ? -3.715  -8.532  -3.667  1.00 15.66 ? 163 PHE A O   1 
ATOM   66   C CB  . PHE A 1 9  ? -0.742  -8.324  -5.157  1.00 19.66 ? 163 PHE A CB  1 
ATOM   67   C CG  . PHE A 1 9  ? 0.512   -7.632  -4.639  1.00 18.54 ? 163 PHE A CG  1 
ATOM   68   C CD1 . PHE A 1 9  ? 0.883   -7.742  -3.307  1.00 21.43 ? 163 PHE A CD1 1 
ATOM   69   C CD2 . PHE A 1 9  ? 1.331   -6.909  -5.492  1.00 18.67 ? 163 PHE A CD2 1 
ATOM   70   C CE1 . PHE A 1 9  ? 2.057   -7.140  -2.833  1.00 23.56 ? 163 PHE A CE1 1 
ATOM   71   C CE2 . PHE A 1 9  ? 2.499   -6.310  -5.024  1.00 17.50 ? 163 PHE A CE2 1 
ATOM   72   C CZ  . PHE A 1 9  ? 2.859   -6.428  -3.698  1.00 19.70 ? 163 PHE A CZ  1 
ATOM   73   N N   . ASP A 1 10 ? -3.512  -9.255  -5.806  1.00 20.60 ? 164 ASP A N   1 
ATOM   74   C CA  . ASP A 1 10 ? -4.545  -10.291 -5.754  1.00 20.41 ? 164 ASP A CA  1 
ATOM   75   C C   . ASP A 1 10 ? -4.006  -11.417 -4.906  1.00 19.79 ? 164 ASP A C   1 
ATOM   76   O O   . ASP A 1 10 ? -2.839  -11.753 -5.022  1.00 25.06 ? 164 ASP A O   1 
ATOM   77   C CB  . ASP A 1 10 ? -4.771  -10.896 -7.146  1.00 12.98 ? 164 ASP A CB  1 
ATOM   78   C CG  . ASP A 1 10 ? -5.846  -10.227 -7.902  1.00 14.50 ? 164 ASP A CG  1 
ATOM   79   O OD1 . ASP A 1 10 ? -5.951  -8.984  -7.862  1.00 24.48 ? 164 ASP A OD1 1 
ATOM   80   O OD2 . ASP A 1 10 ? -6.617  -10.953 -8.538  1.00 27.38 ? 164 ASP A OD2 1 
ATOM   81   N N   . PHE A 1 11 ? -4.843  -11.988 -4.053  1.00 21.38 ? 165 PHE A N   1 
ATOM   82   C CA  . PHE A 1 11 ? -4.418  -13.121 -3.253  1.00 20.12 ? 165 PHE A CA  1 
ATOM   83   C C   . PHE A 1 11 ? -5.372  -14.273 -3.449  1.00 20.44 ? 165 PHE A C   1 
ATOM   84   O O   . PHE A 1 11 ? -6.543  -14.144 -3.117  1.00 21.47 ? 165 PHE A O   1 
ATOM   85   C CB  . PHE A 1 11 ? -4.382  -12.789 -1.777  1.00 19.14 ? 165 PHE A CB  1 
ATOM   86   C CG  . PHE A 1 11 ? -4.047  -13.969 -0.920  1.00 24.21 ? 165 PHE A CG  1 
ATOM   87   C CD1 . PHE A 1 11 ? -2.853  -14.663 -1.106  1.00 19.46 ? 165 PHE A CD1 1 
ATOM   88   C CD2 . PHE A 1 11 ? -4.932  -14.410 0.059   1.00 22.26 ? 165 PHE A CD2 1 
ATOM   89   C CE1 . PHE A 1 11 ? -2.559  -15.765 -0.335  1.00 21.87 ? 165 PHE A CE1 1 
ATOM   90   C CE2 . PHE A 1 11 ? -4.641  -15.515 0.838   1.00 15.21 ? 165 PHE A CE2 1 
ATOM   91   C CZ  . PHE A 1 11 ? -3.456  -16.192 0.641   1.00 19.92 ? 165 PHE A CZ  1 
ATOM   92   N N   . ASN A 1 12 ? -4.872  -15.385 -3.993  1.00 24.55 ? 166 ASN A N   1 
ATOM   93   C CA  . ASN A 1 12 ? -5.666  -16.606 -4.219  1.00 24.38 ? 166 ASN A CA  1 
ATOM   94   C C   . ASN A 1 12 ? -5.240  -17.653 -3.197  1.00 22.63 ? 166 ASN A C   1 
ATOM   95   O O   . ASN A 1 12 ? -4.116  -18.140 -3.229  1.00 22.89 ? 166 ASN A O   1 
ATOM   96   C CB  . ASN A 1 12 ? -5.456  -17.171 -5.631  1.00 33.27 ? 166 ASN A CB  1 
ATOM   97   C CG  . ASN A 1 12 ? -6.102  -16.317 -6.707  1.00 41.18 ? 166 ASN A CG  1 
ATOM   98   O OD1 . ASN A 1 12 ? -5.603  -15.243 -7.045  1.00 45.95 ? 166 ASN A OD1 1 
ATOM   99   N ND2 . ASN A 1 12 ? -7.218  -16.799 -7.261  1.00 48.95 ? 166 ASN A ND2 1 
ATOM   100  N N   . PRO A 1 13 ? -6.112  -17.946 -2.226  1.00 22.67 ? 167 PRO A N   1 
ATOM   101  C CA  . PRO A 1 13 ? -5.888  -18.913 -1.158  1.00 21.49 ? 167 PRO A CA  1 
ATOM   102  C C   . PRO A 1 13 ? -5.402  -20.247 -1.657  1.00 21.79 ? 167 PRO A C   1 
ATOM   103  O O   . PRO A 1 13 ? -5.880  -20.738 -2.669  1.00 26.64 ? 167 PRO A O   1 
ATOM   104  C CB  . PRO A 1 13 ? -7.266  -19.045 -0.561  1.00 23.32 ? 167 PRO A CB  1 
ATOM   105  C CG  . PRO A 1 13 ? -7.758  -17.647 -0.654  1.00 21.45 ? 167 PRO A CG  1 
ATOM   106  C CD  . PRO A 1 13 ? -7.428  -17.313 -2.058  1.00 24.53 ? 167 PRO A CD  1 
ATOM   107  N N   . GLN A 1 14 ? -4.414  -20.803 -0.966  1.00 26.73 ? 168 GLN A N   1 
ATOM   108  C CA  . GLN A 1 14 ? -3.850  -22.104 -1.316  1.00 30.80 ? 168 GLN A CA  1 
ATOM   109  C C   . GLN A 1 14 ? -4.361  -23.173 -0.327  1.00 28.60 ? 168 GLN A C   1 
ATOM   110  O O   . GLN A 1 14 ? -4.257  -24.375 -0.562  1.00 28.14 ? 168 GLN A O   1 
ATOM   111  C CB  . GLN A 1 14 ? -2.335  -22.008 -1.241  1.00 40.23 ? 168 GLN A CB  1 
ATOM   112  C CG  . GLN A 1 14 ? -1.561  -22.695 -2.349  1.00 56.75 ? 168 GLN A CG  1 
ATOM   113  C CD  . GLN A 1 14 ? -1.880  -22.160 -3.737  1.00 64.86 ? 168 GLN A CD  1 
ATOM   114  O OE1 . GLN A 1 14 ? -2.076  -22.935 -4.673  1.00 72.28 ? 168 GLN A OE1 1 
ATOM   115  N NE2 . GLN A 1 14 ? -1.907  -20.837 -3.885  1.00 69.57 ? 168 GLN A NE2 1 
ATOM   116  N N   . GLU A 1 15 ? -4.939  -22.702 0.770   1.00 27.43 ? 169 GLU A N   1 
ATOM   117  C CA  . GLU A 1 15 ? -5.466  -23.552 1.813   1.00 30.08 ? 169 GLU A CA  1 
ATOM   118  C C   . GLU A 1 15 ? -6.775  -22.976 2.313   1.00 31.26 ? 169 GLU A C   1 
ATOM   119  O O   . GLU A 1 15 ? -7.184  -21.879 1.926   1.00 31.57 ? 169 GLU A O   1 
ATOM   120  C CB  . GLU A 1 15 ? -4.482  -23.665 2.984   1.00 35.06 ? 169 GLU A CB  1 
ATOM   121  C CG  . GLU A 1 15 ? -3.340  -24.641 2.757   1.00 41.90 ? 169 GLU A CG  1 
ATOM   122  C CD  . GLU A 1 15 ? -2.270  -24.577 3.833   1.00 44.11 ? 169 GLU A CD  1 
ATOM   123  O OE1 . GLU A 1 15 ? -2.584  -24.262 5.007   1.00 47.42 ? 169 GLU A OE1 1 
ATOM   124  O OE2 . GLU A 1 15 ? -1.102  -24.846 3.493   1.00 47.57 ? 169 GLU A OE2 1 
ATOM   125  N N   . SER A 1 16 ? -7.437  -23.748 3.154   1.00 31.81 ? 170 SER A N   1 
ATOM   126  C CA  . SER A 1 16 ? -8.706  -23.369 3.718   1.00 35.60 ? 170 SER A CA  1 
ATOM   127  C C   . SER A 1 16 ? -8.444  -22.453 4.897   1.00 32.79 ? 170 SER A C   1 
ATOM   128  O O   . SER A 1 16 ? -7.433  -22.596 5.573   1.00 34.33 ? 170 SER A O   1 
ATOM   129  C CB  . SER A 1 16 ? -9.435  -24.626 4.186   1.00 37.35 ? 170 SER A CB  1 
ATOM   130  O OG  . SER A 1 16 ? -10.819 -24.518 3.908   1.00 50.74 ? 170 SER A OG  1 
ATOM   131  N N   . GLY A 1 17 ? -9.362  -21.520 5.149   1.00 29.50 ? 171 GLY A N   1 
ATOM   132  C CA  . GLY A 1 17 ? -9.198  -20.609 6.266   1.00 23.02 ? 171 GLY A CA  1 
ATOM   133  C C   . GLY A 1 17 ? -8.581  -19.297 5.833   1.00 25.66 ? 171 GLY A C   1 
ATOM   134  O O   . GLY A 1 17 ? -8.562  -18.347 6.617   1.00 26.44 ? 171 GLY A O   1 
ATOM   135  N N   . GLU A 1 18 ? -8.119  -19.242 4.576   1.00 25.07 ? 172 GLU A N   1 
ATOM   136  C CA  . GLU A 1 18 ? -7.465  -18.059 3.992   1.00 24.56 ? 172 GLU A CA  1 
ATOM   137  C C   . GLU A 1 18 ? -8.445  -17.137 3.271   1.00 24.83 ? 172 GLU A C   1 
ATOM   138  O O   . GLU A 1 18 ? -9.338  -17.613 2.571   1.00 21.89 ? 172 GLU A O   1 
ATOM   139  C CB  . GLU A 1 18 ? -6.343  -18.488 3.035   1.00 18.63 ? 172 GLU A CB  1 
ATOM   140  C CG  . GLU A 1 18 ? -5.146  -19.121 3.748   1.00 16.20 ? 172 GLU A CG  1 
ATOM   141  C CD  . GLU A 1 18 ? -4.130  -19.700 2.796   1.00 17.02 ? 172 GLU A CD  1 
ATOM   142  O OE1 . GLU A 1 18 ? -4.353  -19.666 1.568   1.00 16.62 ? 172 GLU A OE1 1 
ATOM   143  O OE2 . GLU A 1 18 ? -3.081  -20.174 3.268   1.00 22.98 ? 172 GLU A OE2 1 
ATOM   144  N N   . LEU A 1 19 ? -8.233  -15.823 3.375   1.00 23.34 ? 173 LEU A N   1 
ATOM   145  C CA  . LEU A 1 19 ? -9.137  -14.865 2.753   1.00 19.85 ? 173 LEU A CA  1 
ATOM   146  C C   . LEU A 1 19 ? -8.729  -14.433 1.364   1.00 21.40 ? 173 LEU A C   1 
ATOM   147  O O   . LEU A 1 19 ? -7.682  -13.832 1.185   1.00 23.89 ? 173 LEU A O   1 
ATOM   148  C CB  . LEU A 1 19 ? -9.295  -13.622 3.642   1.00 18.32 ? 173 LEU A CB  1 
ATOM   149  C CG  . LEU A 1 19 ? -10.256 -12.524 3.177   1.00 19.51 ? 173 LEU A CG  1 
ATOM   150  C CD1 . LEU A 1 19 ? -11.697 -12.984 3.270   1.00 11.10 ? 173 LEU A CD1 1 
ATOM   151  C CD2 . LEU A 1 19 ? -10.041 -11.278 4.007   1.00 17.48 ? 173 LEU A CD2 1 
ATOM   152  N N   . ALA A 1 20 ? -9.578  -14.722 0.385   1.00 15.30 ? 174 ALA A N   1 
ATOM   153  C CA  . ALA A 1 20 ? -9.327  -14.317 -0.984  1.00 17.73 ? 174 ALA A CA  1 
ATOM   154  C C   . ALA A 1 20 ? -9.637  -12.820 -1.120  1.00 19.76 ? 174 ALA A C   1 
ATOM   155  O O   . ALA A 1 20 ? -10.499 -12.289 -0.409  1.00 23.52 ? 174 ALA A O   1 
ATOM   156  C CB  . ALA A 1 20 ? -10.193 -15.113 -1.918  1.00 13.69 ? 174 ALA A CB  1 
ATOM   157  N N   . PHE A 1 21 ? -8.930  -12.147 -2.026  1.00 21.46 ? 175 PHE A N   1 
ATOM   158  C CA  . PHE A 1 21 ? -9.118  -10.714 -2.282  1.00 20.42 ? 175 PHE A CA  1 
ATOM   159  C C   . PHE A 1 21 ? -8.428  -10.251 -3.558  1.00 17.63 ? 175 PHE A C   1 
ATOM   160  O O   . PHE A 1 21 ? -7.544  -10.931 -4.078  1.00 19.28 ? 175 PHE A O   1 
ATOM   161  C CB  . PHE A 1 21 ? -8.713  -9.830  -1.073  1.00 20.42 ? 175 PHE A CB  1 
ATOM   162  C CG  . PHE A 1 21 ? -7.249  -9.958  -0.627  1.00 22.03 ? 175 PHE A CG  1 
ATOM   163  C CD1 . PHE A 1 21 ? -6.224  -9.360  -1.344  1.00 17.12 ? 175 PHE A CD1 1 
ATOM   164  C CD2 . PHE A 1 21 ? -6.925  -10.571 0.589   1.00 26.73 ? 175 PHE A CD2 1 
ATOM   165  C CE1 . PHE A 1 21 ? -4.903  -9.355  -0.859  1.00 17.97 ? 175 PHE A CE1 1 
ATOM   166  C CE2 . PHE A 1 21 ? -5.599  -10.570 1.084   1.00 23.18 ? 175 PHE A CE2 1 
ATOM   167  C CZ  . PHE A 1 21 ? -4.598  -9.959  0.358   1.00 17.87 ? 175 PHE A CZ  1 
ATOM   168  N N   . LYS A 1 22 ? -8.894  -9.129  -4.096  1.00 16.94 ? 176 LYS A N   1 
ATOM   169  C CA  . LYS A 1 22 ? -8.335  -8.538  -5.316  1.00 21.10 ? 176 LYS A CA  1 
ATOM   170  C C   . LYS A 1 22 ? -7.595  -7.249  -4.946  1.00 23.93 ? 176 LYS A C   1 
ATOM   171  O O   . LYS A 1 22 ? -7.832  -6.684  -3.862  1.00 20.79 ? 176 LYS A O   1 
ATOM   172  C CB  . LYS A 1 22 ? -9.442  -8.225  -6.317  1.00 21.80 ? 176 LYS A CB  1 
ATOM   173  C CG  . LYS A 1 22 ? -10.200 -9.461  -6.796  1.00 36.90 ? 176 LYS A CG  1 
ATOM   174  C CD  . LYS A 1 22 ? -11.318 -9.098  -7.778  1.00 51.00 ? 176 LYS A CD  1 
ATOM   175  C CE  . LYS A 1 22 ? -11.874 -10.341 -8.487  1.00 59.68 ? 176 LYS A CE  1 
ATOM   176  N NZ  . LYS A 1 22 ? -12.865 -10.043 -9.589  1.00 61.79 ? 176 LYS A NZ  1 
ATOM   177  N N   . ARG A 1 23 ? -6.675  -6.799  -5.805  1.00 21.98 ? 177 ARG A N   1 
ATOM   178  C CA  . ARG A 1 23 ? -5.945  -5.577  -5.504  1.00 21.55 ? 177 ARG A CA  1 
ATOM   179  C C   . ARG A 1 23 ? -6.999  -4.519  -5.493  1.00 22.37 ? 177 ARG A C   1 
ATOM   180  O O   . ARG A 1 23 ? -7.883  -4.520  -6.357  1.00 24.69 ? 177 ARG A O   1 
ATOM   181  C CB  . ARG A 1 23 ? -4.933  -5.210  -6.571  1.00 20.97 ? 177 ARG A CB  1 
ATOM   182  C CG  . ARG A 1 23 ? -4.231  -3.922  -6.223  1.00 19.55 ? 177 ARG A CG  1 
ATOM   183  C CD  . ARG A 1 23 ? -3.415  -3.432  -7.363  1.00 30.09 ? 177 ARG A CD  1 
ATOM   184  N NE  . ARG A 1 23 ? -4.251  -2.976  -8.463  1.00 38.98 ? 177 ARG A NE  1 
ATOM   185  C CZ  . ARG A 1 23 ? -4.176  -3.458  -9.698  1.00 44.66 ? 177 ARG A CZ  1 
ATOM   186  N NH1 . ARG A 1 23 ? -3.316  -4.424  -9.993  1.00 51.87 ? 177 ARG A NH1 1 
ATOM   187  N NH2 . ARG A 1 23 ? -4.970  -2.983  -10.644 1.00 49.28 ? 177 ARG A NH2 1 
ATOM   188  N N   . GLY A 1 24 ? -6.952  -3.677  -4.473  1.00 18.97 ? 178 GLY A N   1 
ATOM   189  C CA  . GLY A 1 24 ? -7.922  -2.613  -4.353  1.00 20.15 ? 178 GLY A CA  1 
ATOM   190  C C   . GLY A 1 24 ? -8.864  -2.853  -3.190  1.00 21.76 ? 178 GLY A C   1 
ATOM   191  O O   . GLY A 1 24 ? -9.334  -1.903  -2.572  1.00 22.27 ? 178 GLY A O   1 
ATOM   192  N N   . ASP A 1 25 ? -9.102  -4.115  -2.861  1.00 18.20 ? 179 ASP A N   1 
ATOM   193  C CA  . ASP A 1 25 ? -9.983  -4.437  -1.773  1.00 16.62 ? 179 ASP A CA  1 
ATOM   194  C C   . ASP A 1 25 ? -9.531  -3.870  -0.457  1.00 17.80 ? 179 ASP A C   1 
ATOM   195  O O   . ASP A 1 25 ? -8.346  -3.889  -0.121  1.00 15.16 ? 179 ASP A O   1 
ATOM   196  C CB  . ASP A 1 25 ? -10.189 -5.943  -1.664  1.00 15.63 ? 179 ASP A CB  1 
ATOM   197  C CG  . ASP A 1 25 ? -11.065 -6.472  -2.765  1.00 18.01 ? 179 ASP A CG  1 
ATOM   198  O OD1 . ASP A 1 25 ? -11.615 -5.635  -3.501  1.00 24.31 ? 179 ASP A OD1 1 
ATOM   199  O OD2 . ASP A 1 25 ? -11.193 -7.708  -2.922  1.00 18.64 ? 179 ASP A OD2 1 
ATOM   200  N N   . VAL A 1 26 ? -10.522 -3.414  0.298   1.00 14.77 ? 180 VAL A N   1 
ATOM   201  C CA  . VAL A 1 26 ? -10.331 -2.826  1.607   1.00 18.79 ? 180 VAL A CA  1 
ATOM   202  C C   . VAL A 1 26 ? -10.836 -3.846  2.609   1.00 16.85 ? 180 VAL A C   1 
ATOM   203  O O   . VAL A 1 26 ? -12.025 -4.175  2.652   1.00 17.74 ? 180 VAL A O   1 
ATOM   204  C CB  . VAL A 1 26 ? -11.098 -1.510  1.704   1.00 20.30 ? 180 VAL A CB  1 
ATOM   205  C CG1 . VAL A 1 26 ? -11.133 -1.020  3.148   1.00 18.94 ? 180 VAL A CG1 1 
ATOM   206  C CG2 . VAL A 1 26 ? -10.431 -0.473  0.767   1.00 18.31 ? 180 VAL A CG2 1 
ATOM   207  N N   . ILE A 1 27 ? -9.904  -4.376  3.383   1.00 16.08 ? 181 ILE A N   1 
ATOM   208  C CA  . ILE A 1 27 ? -10.197 -5.406  4.353   1.00 14.83 ? 181 ILE A CA  1 
ATOM   209  C C   . ILE A 1 27 ? -10.253 -4.850  5.747   1.00 16.14 ? 181 ILE A C   1 
ATOM   210  O O   . ILE A 1 27 ? -9.477  -3.968  6.115   1.00 16.30 ? 181 ILE A O   1 
ATOM   211  C CB  . ILE A 1 27 ? -9.109  -6.530  4.290   1.00 17.71 ? 181 ILE A CB  1 
ATOM   212  C CG1 . ILE A 1 27 ? -9.078  -7.138  2.888   1.00 15.68 ? 181 ILE A CG1 1 
ATOM   213  C CG2 . ILE A 1 27 ? -9.349  -7.615  5.371   1.00 10.22 ? 181 ILE A CG2 1 
ATOM   214  C CD1 . ILE A 1 27 ? -7.741  -7.699  2.538   1.00 21.33 ? 181 ILE A CD1 1 
ATOM   215  N N   . THR A 1 28 ? -11.215 -5.337  6.512   1.00 18.21 ? 182 THR A N   1 
ATOM   216  C CA  . THR A 1 28 ? -11.341 -4.926  7.895   1.00 19.57 ? 182 THR A CA  1 
ATOM   217  C C   . THR A 1 28 ? -10.377 -5.834  8.647   1.00 22.17 ? 182 THR A C   1 
ATOM   218  O O   . THR A 1 28 ? -10.364 -7.045  8.434   1.00 26.44 ? 182 THR A O   1 
ATOM   219  C CB  . THR A 1 28 ? -12.759 -5.146  8.419   1.00 18.20 ? 182 THR A CB  1 
ATOM   220  O OG1 . THR A 1 28 ? -13.705 -4.646  7.458   1.00 19.96 ? 182 THR A OG1 1 
ATOM   221  C CG2 . THR A 1 28 ? -12.922 -4.409  9.747   1.00 16.54 ? 182 THR A CG2 1 
ATOM   222  N N   . LEU A 1 29 ? -9.523  -5.259  9.477   1.00 22.02 ? 183 LEU A N   1 
ATOM   223  C CA  . LEU A 1 29 ? -8.583  -6.075  10.208  1.00 27.81 ? 183 LEU A CA  1 
ATOM   224  C C   . LEU A 1 29 ? -9.216  -6.547  11.504  1.00 28.37 ? 183 LEU A C   1 
ATOM   225  O O   . LEU A 1 29 ? -9.792  -5.758  12.252  1.00 31.17 ? 183 LEU A O   1 
ATOM   226  C CB  . LEU A 1 29 ? -7.309  -5.281  10.495  1.00 31.21 ? 183 LEU A CB  1 
ATOM   227  C CG  . LEU A 1 29 ? -6.099  -6.047  11.028  1.00 32.81 ? 183 LEU A CG  1 
ATOM   228  C CD1 . LEU A 1 29 ? -5.654  -7.100  10.020  1.00 28.31 ? 183 LEU A CD1 1 
ATOM   229  C CD2 . LEU A 1 29 ? -4.979  -5.038  11.289  1.00 35.26 ? 183 LEU A CD2 1 
ATOM   230  N N   . ILE A 1 30 ? -9.191  -7.854  11.716  1.00 27.34 ? 184 ILE A N   1 
ATOM   231  C CA  . ILE A 1 30 ? -9.734  -8.427  12.935  1.00 25.70 ? 184 ILE A CA  1 
ATOM   232  C C   . ILE A 1 30 ? -8.564  -8.549  13.917  1.00 29.04 ? 184 ILE A C   1 
ATOM   233  O O   . ILE A 1 30 ? -8.703  -8.184  15.080  1.00 34.84 ? 184 ILE A O   1 
ATOM   234  C CB  . ILE A 1 30 ? -10.435 -9.786  12.658  1.00 23.06 ? 184 ILE A CB  1 
ATOM   235  C CG1 . ILE A 1 30 ? -11.586 -9.564  11.682  1.00 22.29 ? 184 ILE A CG1 1 
ATOM   236  C CG2 . ILE A 1 30 ? -10.958 -10.407 13.945  1.00 23.27 ? 184 ILE A CG2 1 
ATOM   237  C CD1 . ILE A 1 30 ? -12.345 -10.811 11.316  1.00 18.99 ? 184 ILE A CD1 1 
ATOM   238  N N   . ASN A 1 31 ? -7.389  -8.954  13.437  1.00 25.71 ? 185 ASN A N   1 
ATOM   239  C CA  . ASN A 1 31 ? -6.226  -9.069  14.307  1.00 27.56 ? 185 ASN A CA  1 
ATOM   240  C C   . ASN A 1 31 ? -4.926  -9.386  13.570  1.00 28.44 ? 185 ASN A C   1 
ATOM   241  O O   . ASN A 1 31 ? -4.943  -9.804  12.412  1.00 25.43 ? 185 ASN A O   1 
ATOM   242  C CB  . ASN A 1 31 ? -6.478  -10.121 15.387  1.00 32.53 ? 185 ASN A CB  1 
ATOM   243  C CG  . ASN A 1 31 ? -6.466  -11.527 14.843  1.00 34.38 ? 185 ASN A CG  1 
ATOM   244  O OD1 . ASN A 1 31 ? -5.419  -12.032 14.424  1.00 41.00 ? 185 ASN A OD1 1 
ATOM   245  N ND2 . ASN A 1 31 ? -7.625  -12.179 14.848  1.00 28.23 ? 185 ASN A ND2 1 
ATOM   246  N N   . LYS A 1 32 ? -3.809  -9.182  14.268  1.00 33.17 ? 186 LYS A N   1 
ATOM   247  C CA  . LYS A 1 32 ? -2.446  -9.419  13.752  1.00 36.55 ? 186 LYS A CA  1 
ATOM   248  C C   . LYS A 1 32 ? -1.771  -10.425 14.681  1.00 37.09 ? 186 LYS A C   1 
ATOM   249  O O   . LYS A 1 32 ? -0.603  -10.263 15.033  1.00 40.92 ? 186 LYS A O   1 
ATOM   250  C CB  . LYS A 1 32 ? -1.592  -8.130  13.793  1.00 33.18 ? 186 LYS A CB  1 
ATOM   251  C CG  . LYS A 1 32 ? -1.964  -6.993  12.852  1.00 34.54 ? 186 LYS A CG  1 
ATOM   252  C CD  . LYS A 1 32 ? -2.331  -5.738  13.638  1.00 45.32 ? 186 LYS A CD  1 
ATOM   253  C CE  . LYS A 1 32 ? -3.653  -5.948  14.422  1.00 56.12 ? 186 LYS A CE  1 
ATOM   254  N NZ  . LYS A 1 32 ? -3.930  -5.000  15.547  1.00 54.41 ? 186 LYS A NZ  1 
ATOM   255  N N   . ASP A 1 33 ? -2.492  -11.462 15.079  1.00 40.04 ? 187 ASP A N   1 
ATOM   256  C CA  . ASP A 1 33 ? -1.938  -12.438 16.004  1.00 44.58 ? 187 ASP A CA  1 
ATOM   257  C C   . ASP A 1 33 ? -0.697  -13.154 15.505  1.00 45.36 ? 187 ASP A C   1 
ATOM   258  O O   . ASP A 1 33 ? 0.020   -13.797 16.276  1.00 47.32 ? 187 ASP A O   1 
ATOM   259  C CB  . ASP A 1 33 ? -3.009  -13.436 16.417  1.00 51.14 ? 187 ASP A CB  1 
ATOM   260  C CG  . ASP A 1 33 ? -3.809  -12.959 17.604  1.00 58.70 ? 187 ASP A CG  1 
ATOM   261  O OD1 . ASP A 1 33 ? -4.371  -11.840 17.538  1.00 58.81 ? 187 ASP A OD1 1 
ATOM   262  O OD2 . ASP A 1 33 ? -3.851  -13.698 18.613  1.00 66.11 ? 187 ASP A OD2 1 
ATOM   263  N N   . ASP A 1 34 ? -0.467  -13.054 14.206  1.00 43.20 ? 188 ASP A N   1 
ATOM   264  C CA  . ASP A 1 34 ? 0.676   -13.661 13.557  1.00 37.75 ? 188 ASP A CA  1 
ATOM   265  C C   . ASP A 1 34 ? 1.183   -12.524 12.702  1.00 36.01 ? 188 ASP A C   1 
ATOM   266  O O   . ASP A 1 34 ? 0.447   -11.978 11.901  1.00 42.47 ? 188 ASP A O   1 
ATOM   267  C CB  . ASP A 1 34 ? 0.201   -14.831 12.692  1.00 37.02 ? 188 ASP A CB  1 
ATOM   268  C CG  . ASP A 1 34 ? 1.343   -15.610 12.037  1.00 35.58 ? 188 ASP A CG  1 
ATOM   269  O OD1 . ASP A 1 34 ? 2.285   -15.007 11.484  1.00 35.29 ? 188 ASP A OD1 1 
ATOM   270  O OD2 . ASP A 1 34 ? 1.262   -16.851 12.032  1.00 38.35 ? 188 ASP A OD2 1 
ATOM   271  N N   . PRO A 1 35 ? 2.448   -12.147 12.865  1.00 37.08 ? 189 PRO A N   1 
ATOM   272  C CA  . PRO A 1 35 ? 3.093   -11.062 12.117  1.00 33.85 ? 189 PRO A CA  1 
ATOM   273  C C   . PRO A 1 35 ? 3.014   -11.225 10.602  1.00 34.55 ? 189 PRO A C   1 
ATOM   274  O O   . PRO A 1 35 ? 3.154   -10.258 9.857   1.00 38.71 ? 189 PRO A O   1 
ATOM   275  C CB  . PRO A 1 35 ? 4.541   -11.166 12.576  1.00 35.95 ? 189 PRO A CB  1 
ATOM   276  C CG  . PRO A 1 35 ? 4.412   -11.714 13.979  1.00 39.18 ? 189 PRO A CG  1 
ATOM   277  C CD  . PRO A 1 35 ? 3.406   -12.792 13.779  1.00 36.92 ? 189 PRO A CD  1 
ATOM   278  N N   . ASN A 1 36 ? 2.846   -12.458 10.141  1.00 30.32 ? 190 ASN A N   1 
ATOM   279  C CA  . ASN A 1 36 ? 2.783   -12.730 8.713   1.00 25.83 ? 190 ASN A CA  1 
ATOM   280  C C   . ASN A 1 36 ? 1.402   -13.013 8.180   1.00 22.80 ? 190 ASN A C   1 
ATOM   281  O O   . ASN A 1 36 ? 1.148   -12.870 6.985   1.00 21.28 ? 190 ASN A O   1 
ATOM   282  C CB  . ASN A 1 36 ? 3.688   -13.898 8.373   1.00 28.48 ? 190 ASN A CB  1 
ATOM   283  C CG  . ASN A 1 36 ? 5.140   -13.594 8.649   1.00 38.55 ? 190 ASN A CG  1 
ATOM   284  O OD1 . ASN A 1 36 ? 5.698   -14.043 9.645   1.00 39.47 ? 190 ASN A OD1 1 
ATOM   285  N ND2 . ASN A 1 36 ? 5.750   -12.784 7.792   1.00 45.24 ? 190 ASN A ND2 1 
ATOM   286  N N   . TRP A 1 37 ? 0.504   -13.426 9.061   1.00 21.67 ? 191 TRP A N   1 
ATOM   287  C CA  . TRP A 1 37 ? -0.844  -13.763 8.643   1.00 22.59 ? 191 TRP A CA  1 
ATOM   288  C C   . TRP A 1 37 ? -1.837  -13.065 9.516   1.00 21.56 ? 191 TRP A C   1 
ATOM   289  O O   . TRP A 1 37 ? -2.005  -13.383 10.701  1.00 22.14 ? 191 TRP A O   1 
ATOM   290  C CB  . TRP A 1 37 ? -1.061  -15.284 8.661   1.00 22.98 ? 191 TRP A CB  1 
ATOM   291  C CG  . TRP A 1 37 ? -0.233  -15.987 7.619   1.00 24.27 ? 191 TRP A CG  1 
ATOM   292  C CD1 . TRP A 1 37 ? 1.089   -16.347 7.723   1.00 29.15 ? 191 TRP A CD1 1 
ATOM   293  C CD2 . TRP A 1 37 ? -0.637  -16.339 6.293   1.00 18.15 ? 191 TRP A CD2 1 
ATOM   294  N NE1 . TRP A 1 37 ? 1.524   -16.883 6.546   1.00 24.56 ? 191 TRP A NE1 1 
ATOM   295  C CE2 . TRP A 1 37 ? 0.489   -16.894 5.647   1.00 23.64 ? 191 TRP A CE2 1 
ATOM   296  C CE3 . TRP A 1 37 ? -1.846  -16.238 5.580   1.00 18.75 ? 191 TRP A CE3 1 
ATOM   297  C CZ2 . TRP A 1 37 ? 0.450   -17.349 4.326   1.00 19.96 ? 191 TRP A CZ2 1 
ATOM   298  C CZ3 . TRP A 1 37 ? -1.885  -16.692 4.262   1.00 16.53 ? 191 TRP A CZ3 1 
ATOM   299  C CH2 . TRP A 1 37 ? -0.739  -17.242 3.650   1.00 17.00 ? 191 TRP A CH2 1 
ATOM   300  N N   . TRP A 1 38 ? -2.460  -12.066 8.921   1.00 21.57 ? 192 TRP A N   1 
ATOM   301  C CA  . TRP A 1 38 ? -3.452  -11.283 9.608   1.00 20.09 ? 192 TRP A CA  1 
ATOM   302  C C   . TRP A 1 38 ? -4.836  -11.829 9.297   1.00 18.77 ? 192 TRP A C   1 
ATOM   303  O O   . TRP A 1 38 ? -5.070  -12.431 8.246   1.00 16.24 ? 192 TRP A O   1 
ATOM   304  C CB  . TRP A 1 38 ? -3.308  -9.816  9.207   1.00 18.94 ? 192 TRP A CB  1 
ATOM   305  C CG  . TRP A 1 38 ? -1.965  -9.250  9.608   1.00 21.21 ? 192 TRP A CG  1 
ATOM   306  C CD1 . TRP A 1 38 ? -1.018  -9.861  10.377  1.00 20.85 ? 192 TRP A CD1 1 
ATOM   307  C CD2 . TRP A 1 38 ? -1.449  -7.954  9.305   1.00 25.27 ? 192 TRP A CD2 1 
ATOM   308  N NE1 . TRP A 1 38 ? 0.049   -9.026  10.584  1.00 21.50 ? 192 TRP A NE1 1 
ATOM   309  C CE2 . TRP A 1 38 ? -0.186  -7.845  9.936   1.00 26.94 ? 192 TRP A CE2 1 
ATOM   310  C CE3 . TRP A 1 38 ? -1.930  -6.867  8.563   1.00 24.56 ? 192 TRP A CE3 1 
ATOM   311  C CZ2 . TRP A 1 38 ? 0.599   -6.690  9.849   1.00 28.53 ? 192 TRP A CZ2 1 
ATOM   312  C CZ3 . TRP A 1 38 ? -1.148  -5.717  8.476   1.00 20.22 ? 192 TRP A CZ3 1 
ATOM   313  C CH2 . TRP A 1 38 ? 0.098   -5.639  9.115   1.00 26.09 ? 192 TRP A CH2 1 
ATOM   314  N N   . GLU A 1 39 ? -5.728  -11.710 10.265  1.00 21.83 ? 193 GLU A N   1 
ATOM   315  C CA  . GLU A 1 39 ? -7.087  -12.177 10.075  1.00 24.52 ? 193 GLU A CA  1 
ATOM   316  C C   . GLU A 1 39 ? -8.007  -10.989 9.786   1.00 24.93 ? 193 GLU A C   1 
ATOM   317  O O   . GLU A 1 39 ? -7.891  -9.926  10.423  1.00 24.09 ? 193 GLU A O   1 
ATOM   318  C CB  . GLU A 1 39 ? -7.570  -12.924 11.294  1.00 20.65 ? 193 GLU A CB  1 
ATOM   319  C CG  . GLU A 1 39 ? -8.779  -13.755 11.005  1.00 20.49 ? 193 GLU A CG  1 
ATOM   320  C CD  . GLU A 1 39 ? -9.296  -14.402 12.250  1.00 27.14 ? 193 GLU A CD  1 
ATOM   321  O OE1 . GLU A 1 39 ? -8.493  -14.682 13.169  1.00 34.51 ? 193 GLU A OE1 1 
ATOM   322  O OE2 . GLU A 1 39 ? -10.511 -14.633 12.321  1.00 33.63 ? 193 GLU A OE2 1 
ATOM   323  N N   . GLY A 1 40 ? -8.912  -11.164 8.828   1.00 20.54 ? 194 GLY A N   1 
ATOM   324  C CA  . GLY A 1 40 ? -9.802  -10.078 8.487   1.00 18.47 ? 194 GLY A CA  1 
ATOM   325  C C   . GLY A 1 40 ? -11.128 -10.489 7.911   1.00 18.20 ? 194 GLY A C   1 
ATOM   326  O O   . GLY A 1 40 ? -11.450 -11.672 7.787   1.00 17.52 ? 194 GLY A O   1 
ATOM   327  N N   . GLN A 1 41 ? -11.860 -9.474  7.482   1.00 20.96 ? 195 GLN A N   1 
ATOM   328  C CA  . GLN A 1 41 ? -13.187 -9.641  6.932   1.00 20.94 ? 195 GLN A CA  1 
ATOM   329  C C   . GLN A 1 41 ? -13.344 -8.829  5.633   1.00 21.65 ? 195 GLN A C   1 
ATOM   330  O O   . GLN A 1 41 ? -12.880 -7.700  5.521   1.00 18.82 ? 195 GLN A O   1 
ATOM   331  C CB  . GLN A 1 41 ? -14.198 -9.156  8.000   1.00 23.45 ? 195 GLN A CB  1 
ATOM   332  C CG  . GLN A 1 41 ? -15.695 -9.334  7.669   1.00 22.77 ? 195 GLN A CG  1 
ATOM   333  C CD  . GLN A 1 41 ? -16.292 -10.632 8.182   1.00 19.99 ? 195 GLN A CD  1 
ATOM   334  O OE1 . GLN A 1 41 ? -15.992 -11.082 9.289   1.00 16.13 ? 195 GLN A OE1 1 
ATOM   335  N NE2 . GLN A 1 41 ? -17.160 -11.227 7.386   1.00 21.58 ? 195 GLN A NE2 1 
ATOM   336  N N   . LEU A 1 42 ? -13.940 -9.441  4.630   1.00 19.82 ? 196 LEU A N   1 
ATOM   337  C CA  . LEU A 1 42 ? -14.201 -8.760  3.382   1.00 27.70 ? 196 LEU A CA  1 
ATOM   338  C C   . LEU A 1 42 ? -15.677 -9.116  3.152   1.00 30.03 ? 196 LEU A C   1 
ATOM   339  O O   . LEU A 1 42 ? -16.000 -10.234 2.745   1.00 26.17 ? 196 LEU A O   1 
ATOM   340  C CB  . LEU A 1 42 ? -13.326 -9.317  2.262   1.00 27.65 ? 196 LEU A CB  1 
ATOM   341  C CG  . LEU A 1 42 ? -12.587 -8.320  1.367   1.00 30.22 ? 196 LEU A CG  1 
ATOM   342  C CD1 . LEU A 1 42 ? -12.153 -9.045  0.116   1.00 27.29 ? 196 LEU A CD1 1 
ATOM   343  C CD2 . LEU A 1 42 ? -13.461 -7.122  1.010   1.00 20.69 ? 196 LEU A CD2 1 
ATOM   344  N N   . ASN A 1 43 ? -16.558 -8.159  3.431   1.00 30.33 ? 197 ASN A N   1 
ATOM   345  C CA  . ASN A 1 43 ? -17.997 -8.360  3.331   1.00 27.97 ? 197 ASN A CA  1 
ATOM   346  C C   . ASN A 1 43 ? -18.356 -9.566  4.218   1.00 24.38 ? 197 ASN A C   1 
ATOM   347  O O   . ASN A 1 43 ? -18.060 -9.552  5.406   1.00 20.14 ? 197 ASN A O   1 
ATOM   348  C CB  . ASN A 1 43 ? -18.494 -8.508  1.869   1.00 23.98 ? 197 ASN A CB  1 
ATOM   349  C CG  . ASN A 1 43 ? -20.053 -8.405  1.743   1.00 28.48 ? 197 ASN A CG  1 
ATOM   350  O OD1 . ASN A 1 43 ? -20.772 -8.221  2.725   1.00 34.09 ? 197 ASN A OD1 1 
ATOM   351  N ND2 . ASN A 1 43 ? -20.557 -8.543  0.536   1.00 29.09 ? 197 ASN A ND2 1 
ATOM   352  N N   . ASN A 1 44 ? -18.923 -10.617 3.644   1.00 28.82 ? 198 ASN A N   1 
ATOM   353  C CA  . ASN A 1 44 ? -19.330 -11.799 4.402   1.00 35.32 ? 198 ASN A CA  1 
ATOM   354  C C   . ASN A 1 44 ? -18.203 -12.768 4.739   1.00 37.42 ? 198 ASN A C   1 
ATOM   355  O O   . ASN A 1 44 ? -18.229 -13.421 5.784   1.00 42.02 ? 198 ASN A O   1 
ATOM   356  C CB  . ASN A 1 44 ? -20.410 -12.543 3.628   1.00 38.68 ? 198 ASN A CB  1 
ATOM   357  C CG  . ASN A 1 44 ? -21.410 -11.602 3.003   1.00 48.10 ? 198 ASN A CG  1 
ATOM   358  O OD1 . ASN A 1 44 ? -21.287 -11.229 1.832   1.00 54.83 ? 198 ASN A OD1 1 
ATOM   359  N ND2 . ASN A 1 44 ? -22.371 -11.161 3.792   1.00 51.24 ? 198 ASN A ND2 1 
ATOM   360  N N   . ARG A 1 45 ? -17.212 -12.857 3.860   1.00 35.09 ? 199 ARG A N   1 
ATOM   361  C CA  . ARG A 1 45 ? -16.102 -13.766 4.074   1.00 30.02 ? 199 ARG A CA  1 
ATOM   362  C C   . ARG A 1 45 ? -15.057 -13.321 5.095   1.00 29.63 ? 199 ARG A C   1 
ATOM   363  O O   . ARG A 1 45 ? -14.729 -12.137 5.233   1.00 29.34 ? 199 ARG A O   1 
ATOM   364  C CB  . ARG A 1 45 ? -15.460 -14.163 2.738   1.00 34.13 ? 199 ARG A CB  1 
ATOM   365  C CG  . ARG A 1 45 ? -15.153 -13.040 1.769   1.00 44.34 ? 199 ARG A CG  1 
ATOM   366  C CD  . ARG A 1 45 ? -14.646 -13.616 0.445   1.00 52.10 ? 199 ARG A CD  1 
ATOM   367  N NE  . ARG A 1 45 ? -14.119 -12.597 -0.468  1.00 55.66 ? 199 ARG A NE  1 
ATOM   368  C CZ  . ARG A 1 45 ? -13.471 -12.869 -1.600  1.00 55.56 ? 199 ARG A CZ  1 
ATOM   369  N NH1 . ARG A 1 45 ? -13.279 -14.133 -1.978  1.00 54.24 ? 199 ARG A NH1 1 
ATOM   370  N NH2 . ARG A 1 45 ? -13.027 -11.882 -2.366  1.00 52.67 ? 199 ARG A NH2 1 
ATOM   371  N N   . ARG A 1 46 ? -14.504 -14.298 5.794   1.00 24.99 ? 200 ARG A N   1 
ATOM   372  C CA  . ARG A 1 46 ? -13.504 -14.032 6.799   1.00 20.40 ? 200 ARG A CA  1 
ATOM   373  C C   . ARG A 1 46 ? -12.366 -15.046 6.654   1.00 22.29 ? 200 ARG A C   1 
ATOM   374  O O   . ARG A 1 46 ? -12.584 -16.160 6.168   1.00 21.94 ? 200 ARG A O   1 
ATOM   375  C CB  . ARG A 1 46 ? -14.137 -14.169 8.177   1.00 19.45 ? 200 ARG A CB  1 
ATOM   376  C CG  . ARG A 1 46 ? -13.269 -13.685 9.301   1.00 18.64 ? 200 ARG A CG  1 
ATOM   377  C CD  . ARG A 1 46 ? -13.938 -14.002 10.593  1.00 22.01 ? 200 ARG A CD  1 
ATOM   378  N NE  . ARG A 1 46 ? -13.035 -13.777 11.702  1.00 27.79 ? 200 ARG A NE  1 
ATOM   379  C CZ  . ARG A 1 46 ? -13.347 -13.983 12.973  1.00 30.48 ? 200 ARG A CZ  1 
ATOM   380  N NH1 . ARG A 1 46 ? -14.546 -14.440 13.288  1.00 42.98 ? 200 ARG A NH1 1 
ATOM   381  N NH2 . ARG A 1 46 ? -12.455 -13.749 13.930  1.00 29.59 ? 200 ARG A NH2 1 
ATOM   382  N N   . GLY A 1 47 ? -11.147 -14.631 6.997   1.00 19.37 ? 201 GLY A N   1 
ATOM   383  C CA  . GLY A 1 47 ? -10.018 -15.544 6.945   1.00 15.76 ? 201 GLY A CA  1 
ATOM   384  C C   . GLY A 1 47 ? -8.724  -14.816 7.178   1.00 15.76 ? 201 GLY A C   1 
ATOM   385  O O   . GLY A 1 47 ? -8.729  -13.605 7.412   1.00 15.38 ? 201 GLY A O   1 
ATOM   386  N N   . ILE A 1 48 ? -7.622  -15.555 7.121   1.00 16.20 ? 202 ILE A N   1 
ATOM   387  C CA  . ILE A 1 48 ? -6.292  -14.976 7.272   1.00 16.70 ? 202 ILE A CA  1 
ATOM   388  C C   . ILE A 1 48 ? -5.700  -14.671 5.883   1.00 16.90 ? 202 ILE A C   1 
ATOM   389  O O   . ILE A 1 48 ? -6.050  -15.289 4.878   1.00 14.63 ? 202 ILE A O   1 
ATOM   390  C CB  . ILE A 1 48 ? -5.341  -15.892 8.058   1.00 15.76 ? 202 ILE A CB  1 
ATOM   391  C CG1 . ILE A 1 48 ? -5.254  -17.267 7.392   1.00 15.33 ? 202 ILE A CG1 1 
ATOM   392  C CG2 . ILE A 1 48 ? -5.831  -16.046 9.478   1.00 12.82 ? 202 ILE A CG2 1 
ATOM   393  C CD1 . ILE A 1 48 ? -4.211  -18.184 8.006   1.00 14.95 ? 202 ILE A CD1 1 
ATOM   394  N N   . PHE A 1 49 ? -4.795  -13.707 5.841   1.00 19.84 ? 203 PHE A N   1 
ATOM   395  C CA  . PHE A 1 49 ? -4.172  -13.297 4.603   1.00 16.31 ? 203 PHE A CA  1 
ATOM   396  C C   . PHE A 1 49 ? -2.732  -12.858 4.919   1.00 15.42 ? 203 PHE A C   1 
ATOM   397  O O   . PHE A 1 49 ? -2.377  -12.587 6.072   1.00 13.20 ? 203 PHE A O   1 
ATOM   398  C CB  . PHE A 1 49 ? -4.994  -12.144 3.968   1.00 22.15 ? 203 PHE A CB  1 
ATOM   399  C CG  . PHE A 1 49 ? -5.089  -10.894 4.841   1.00 22.37 ? 203 PHE A CG  1 
ATOM   400  C CD1 . PHE A 1 49 ? -4.090  -9.910  4.797   1.00 21.84 ? 203 PHE A CD1 1 
ATOM   401  C CD2 . PHE A 1 49 ? -6.138  -10.734 5.753   1.00 21.09 ? 203 PHE A CD2 1 
ATOM   402  C CE1 . PHE A 1 49 ? -4.132  -8.812  5.644   1.00 18.91 ? 203 PHE A CE1 1 
ATOM   403  C CE2 . PHE A 1 49 ? -6.182  -9.628  6.603   1.00 20.26 ? 203 PHE A CE2 1 
ATOM   404  C CZ  . PHE A 1 49 ? -5.174  -8.667  6.549   1.00 19.85 ? 203 PHE A CZ  1 
ATOM   405  N N   . PRO A 1 50 ? -1.864  -12.861 3.909   1.00 17.99 ? 204 PRO A N   1 
ATOM   406  C CA  . PRO A 1 50 ? -0.483  -12.446 4.168   1.00 20.59 ? 204 PRO A CA  1 
ATOM   407  C C   . PRO A 1 50 ? -0.367  -10.929 4.399   1.00 20.17 ? 204 PRO A C   1 
ATOM   408  O O   . PRO A 1 50 ? -0.923  -10.122 3.649   1.00 23.29 ? 204 PRO A O   1 
ATOM   409  C CB  . PRO A 1 50 ? 0.272   -12.954 2.919   1.00 20.77 ? 204 PRO A CB  1 
ATOM   410  C CG  . PRO A 1 50 ? -0.771  -13.031 1.853   1.00 17.98 ? 204 PRO A CG  1 
ATOM   411  C CD  . PRO A 1 50 ? -2.024  -13.451 2.564   1.00 16.73 ? 204 PRO A CD  1 
ATOM   412  N N   . SER A 1 51 ? 0.338   -10.547 5.457   1.00 24.84 ? 205 SER A N   1 
ATOM   413  C CA  . SER A 1 51 ? 0.513   -9.136  5.806   1.00 22.35 ? 205 SER A CA  1 
ATOM   414  C C   . SER A 1 51 ? 1.324   -8.326  4.797   1.00 21.98 ? 205 SER A C   1 
ATOM   415  O O   . SER A 1 51 ? 1.241   -7.099  4.782   1.00 21.09 ? 205 SER A O   1 
ATOM   416  C CB  . SER A 1 51 ? 1.132   -8.999  7.199   1.00 19.06 ? 205 SER A CB  1 
ATOM   417  O OG  . SER A 1 51 ? 2.414   -9.601  7.286   1.00 21.20 ? 205 SER A OG  1 
ATOM   418  N N   . ASN A 1 52 ? 2.058   -9.016  3.921   1.00 21.69 ? 206 ASN A N   1 
ATOM   419  C CA  . ASN A 1 52 ? 2.899   -8.361  2.912   1.00 19.89 ? 206 ASN A CA  1 
ATOM   420  C C   . ASN A 1 52 ? 2.154   -8.029  1.624   1.00 18.25 ? 206 ASN A C   1 
ATOM   421  O O   . ASN A 1 52 ? 2.706   -7.432  0.694   1.00 19.71 ? 206 ASN A O   1 
ATOM   422  C CB  . ASN A 1 52 ? 4.188   -9.177  2.645   1.00 16.07 ? 206 ASN A CB  1 
ATOM   423  C CG  . ASN A 1 52 ? 3.916   -10.585 2.092   1.00 22.18 ? 206 ASN A CG  1 
ATOM   424  O OD1 . ASN A 1 52 ? 2.918   -11.229 2.435   1.00 22.45 ? 206 ASN A OD1 1 
ATOM   425  N ND2 . ASN A 1 52 ? 4.821   -11.071 1.246   1.00 16.95 ? 206 ASN A ND2 1 
ATOM   426  N N   . TYR A 1 53 ? 0.874   -8.384  1.604   1.00 20.06 ? 207 TYR A N   1 
ATOM   427  C CA  . TYR A 1 53 ? 0.006   -8.152  0.462   1.00 20.22 ? 207 TYR A CA  1 
ATOM   428  C C   . TYR A 1 53 ? -0.871  -6.931  0.672   1.00 18.54 ? 207 TYR A C   1 
ATOM   429  O O   . TYR A 1 53 ? -1.652  -6.583  -0.198  1.00 19.98 ? 207 TYR A O   1 
ATOM   430  C CB  . TYR A 1 53 ? -0.896  -9.376  0.241   1.00 13.82 ? 207 TYR A CB  1 
ATOM   431  C CG  . TYR A 1 53 ? -0.303  -10.400 -0.689  1.00 16.88 ? 207 TYR A CG  1 
ATOM   432  C CD1 . TYR A 1 53 ? 0.870   -11.073 -0.360  1.00 14.43 ? 207 TYR A CD1 1 
ATOM   433  C CD2 . TYR A 1 53 ? -0.890  -10.668 -1.913  1.00 13.28 ? 207 TYR A CD2 1 
ATOM   434  C CE1 . TYR A 1 53 ? 1.443   -11.973 -1.226  1.00 16.22 ? 207 TYR A CE1 1 
ATOM   435  C CE2 . TYR A 1 53 ? -0.325  -11.574 -2.790  1.00 17.29 ? 207 TYR A CE2 1 
ATOM   436  C CZ  . TYR A 1 53 ? 0.844   -12.220 -2.443  1.00 20.59 ? 207 TYR A CZ  1 
ATOM   437  O OH  . TYR A 1 53 ? 1.432   -13.093 -3.335  1.00 22.47 ? 207 TYR A OH  1 
ATOM   438  N N   . VAL A 1 54 ? -0.758  -6.300  1.830   1.00 17.07 ? 208 VAL A N   1 
ATOM   439  C CA  . VAL A 1 54 ? -1.587  -5.156  2.142   1.00 18.00 ? 208 VAL A CA  1 
ATOM   440  C C   . VAL A 1 54 ? -0.806  -3.997  2.767   1.00 21.94 ? 208 VAL A C   1 
ATOM   441  O O   . VAL A 1 54 ? 0.267   -4.201  3.317   1.00 19.92 ? 208 VAL A O   1 
ATOM   442  C CB  . VAL A 1 54 ? -2.690  -5.558  3.159   1.00 18.53 ? 208 VAL A CB  1 
ATOM   443  C CG1 . VAL A 1 54 ? -3.415  -6.792  2.690   1.00 8.97  ? 208 VAL A CG1 1 
ATOM   444  C CG2 . VAL A 1 54 ? -2.087  -5.771  4.552   1.00 9.54  ? 208 VAL A CG2 1 
ATOM   445  N N   . CYS A 1 55 ? -1.394  -2.802  2.719   1.00 24.13 ? 209 CYS A N   1 
ATOM   446  C CA  . CYS A 1 55 ? -0.831  -1.588  3.327   1.00 27.06 ? 209 CYS A CA  1 
ATOM   447  C C   . CYS A 1 55 ? -1.964  -0.927  4.137   1.00 26.01 ? 209 CYS A C   1 
ATOM   448  O O   . CYS A 1 55 ? -3.135  -1.120  3.815   1.00 26.68 ? 209 CYS A O   1 
ATOM   449  C CB  . CYS A 1 55 ? -0.335  -0.619  2.250   1.00 25.78 ? 209 CYS A CB  1 
ATOM   450  S SG  . CYS A 1 55 ? 1.475   -0.672  2.018   1.00 41.04 ? 209 CYS A SG  1 
ATOM   451  N N   . PRO A 1 56 ? -1.642  -0.199  5.229   1.00 28.20 ? 210 PRO A N   1 
ATOM   452  C CA  . PRO A 1 56 ? -2.708  0.443   6.012   1.00 27.87 ? 210 PRO A CA  1 
ATOM   453  C C   . PRO A 1 56 ? -3.623  1.256   5.089   1.00 28.06 ? 210 PRO A C   1 
ATOM   454  O O   . PRO A 1 56 ? -3.218  1.676   4.011   1.00 30.24 ? 210 PRO A O   1 
ATOM   455  C CB  . PRO A 1 56 ? -1.935  1.364   6.961   1.00 23.92 ? 210 PRO A CB  1 
ATOM   456  C CG  . PRO A 1 56 ? -0.671  0.632   7.190   1.00 28.22 ? 210 PRO A CG  1 
ATOM   457  C CD  . PRO A 1 56 ? -0.315  0.095   5.809   1.00 30.73 ? 210 PRO A CD  1 
ATOM   458  N N   . TYR A 1 57 ? -4.852  1.475   5.511   1.00 27.66 ? 211 TYR A N   1 
ATOM   459  C CA  . TYR A 1 57 ? -5.798  2.219   4.716   1.00 35.12 ? 211 TYR A CA  1 
ATOM   460  C C   . TYR A 1 57 ? -6.554  3.136   5.661   1.00 43.31 ? 211 TYR A C   1 
ATOM   461  O O   . TYR A 1 57 ? -6.482  4.367   5.542   1.00 49.80 ? 211 TYR A O   1 
ATOM   462  C CB  . TYR A 1 57 ? -6.747  1.241   4.014   1.00 33.64 ? 211 TYR A CB  1 
ATOM   463  C CG  . TYR A 1 57 ? -7.949  1.874   3.345   1.00 34.98 ? 211 TYR A CG  1 
ATOM   464  C CD1 . TYR A 1 57 ? -9.144  2.062   4.049   1.00 38.64 ? 211 TYR A CD1 1 
ATOM   465  C CD2 . TYR A 1 57 ? -7.904  2.268   2.010   1.00 33.90 ? 211 TYR A CD2 1 
ATOM   466  C CE1 . TYR A 1 57 ? -10.269 2.629   3.441   1.00 38.39 ? 211 TYR A CE1 1 
ATOM   467  C CE2 . TYR A 1 57 ? -9.014  2.827   1.394   1.00 36.01 ? 211 TYR A CE2 1 
ATOM   468  C CZ  . TYR A 1 57 ? -10.195 3.002   2.114   1.00 38.17 ? 211 TYR A CZ  1 
ATOM   469  O OH  . TYR A 1 57 ? -11.311 3.514   1.495   1.00 44.90 ? 211 TYR A OH  1 
ATOM   470  N N   . ASN A 1 58 ? -7.235  2.528   6.631   1.00 47.26 ? 212 ASN A N   1 
ATOM   471  C CA  . ASN A 1 58 ? -8.022  3.261   7.620   1.00 51.38 ? 212 ASN A CA  1 
ATOM   472  C C   . ASN A 1 58 ? -8.033  2.536   8.960   1.00 47.65 ? 212 ASN A C   1 
ATOM   473  O O   . ASN A 1 58 ? -7.066  1.785   9.202   1.00 48.05 ? 212 ASN A O   1 
ATOM   474  C CB  . ASN A 1 58 ? -9.455  3.463   7.115   1.00 53.17 ? 212 ASN A CB  1 
ATOM   475  C CG  . ASN A 1 58 ? -10.367 4.085   8.157   1.00 56.26 ? 212 ASN A CG  1 
ATOM   476  O OD1 . ASN A 1 58 ? -9.914  4.665   9.147   1.00 57.95 ? 212 ASN A OD1 1 
ATOM   477  N ND2 . ASN A 1 58 ? -11.665 3.961   7.939   1.00 57.69 ? 212 ASN A ND2 1 
ATOM   478  N N   . THR B 1 2  ? 17.700  4.952   5.477   1.00 33.32 ? 156 THR B N   1 
ATOM   479  C CA  . THR B 1 2  ? 17.099  5.146   4.116   1.00 32.54 ? 156 THR B CA  1 
ATOM   480  C C   . THR B 1 2  ? 15.710  4.506   4.173   1.00 30.69 ? 156 THR B C   1 
ATOM   481  O O   . THR B 1 2  ? 15.571  3.413   4.705   1.00 36.23 ? 156 THR B O   1 
ATOM   482  C CB  . THR B 1 2  ? 17.971  4.455   3.002   1.00 30.30 ? 156 THR B CB  1 
ATOM   483  O OG1 . THR B 1 2  ? 19.304  4.983   3.031   1.00 28.95 ? 156 THR B OG1 1 
ATOM   484  C CG2 . THR B 1 2  ? 17.378  4.685   1.625   1.00 27.46 ? 156 THR B CG2 1 
ATOM   485  N N   . LYS B 1 3  ? 14.693  5.202   3.678   1.00 24.05 ? 157 LYS B N   1 
ATOM   486  C CA  . LYS B 1 3  ? 13.335  4.692   3.692   1.00 23.60 ? 157 LYS B CA  1 
ATOM   487  C C   . LYS B 1 3  ? 12.796  4.685   2.287   1.00 22.02 ? 157 LYS B C   1 
ATOM   488  O O   . LYS B 1 3  ? 13.168  5.520   1.470   1.00 16.65 ? 157 LYS B O   1 
ATOM   489  C CB  . LYS B 1 3  ? 12.433  5.568   4.558   1.00 27.75 ? 157 LYS B CB  1 
ATOM   490  C CG  . LYS B 1 3  ? 12.359  5.171   6.027   1.00 33.55 ? 157 LYS B CG  1 
ATOM   491  C CD  . LYS B 1 3  ? 11.469  6.151   6.813   1.00 45.38 ? 157 LYS B CD  1 
ATOM   492  C CE  . LYS B 1 3  ? 12.006  7.590   6.715   1.00 56.14 ? 157 LYS B CE  1 
ATOM   493  N NZ  . LYS B 1 3  ? 11.132  8.635   7.347   1.00 61.07 ? 157 LYS B NZ  1 
ATOM   494  N N   . PHE B 1 4  ? 11.885  3.758   2.028   1.00 19.27 ? 158 PHE B N   1 
ATOM   495  C CA  . PHE B 1 4  ? 11.268  3.611   0.719   1.00 19.95 ? 158 PHE B CA  1 
ATOM   496  C C   . PHE B 1 4  ? 9.753   3.500   0.894   1.00 19.73 ? 158 PHE B C   1 
ATOM   497  O O   . PHE B 1 4  ? 9.259   3.185   1.983   1.00 21.28 ? 158 PHE B O   1 
ATOM   498  C CB  . PHE B 1 4  ? 11.774  2.338   0.026   1.00 24.25 ? 158 PHE B CB  1 
ATOM   499  C CG  . PHE B 1 4  ? 13.282  2.260   -0.111  1.00 24.50 ? 158 PHE B CG  1 
ATOM   500  C CD1 . PHE B 1 4  ? 13.933  2.868   -1.181  1.00 23.83 ? 158 PHE B CD1 1 
ATOM   501  C CD2 . PHE B 1 4  ? 14.048  1.598   0.841   1.00 25.32 ? 158 PHE B CD2 1 
ATOM   502  C CE1 . PHE B 1 4  ? 15.317  2.827   -1.293  1.00 21.90 ? 158 PHE B CE1 1 
ATOM   503  C CE2 . PHE B 1 4  ? 15.439  1.553   0.729   1.00 22.89 ? 158 PHE B CE2 1 
ATOM   504  C CZ  . PHE B 1 4  ? 16.067  2.170   -0.336  1.00 23.47 ? 158 PHE B CZ  1 
ATOM   505  N N   . VAL B 1 5  ? 9.024   3.809   -0.171  1.00 19.51 ? 159 VAL B N   1 
ATOM   506  C CA  . VAL B 1 5  ? 7.567   3.712   -0.200  1.00 15.68 ? 159 VAL B CA  1 
ATOM   507  C C   . VAL B 1 5  ? 7.270   3.171   -1.569  1.00 15.51 ? 159 VAL B C   1 
ATOM   508  O O   . VAL B 1 5  ? 8.107   3.268   -2.456  1.00 13.82 ? 159 VAL B O   1 
ATOM   509  C CB  . VAL B 1 5  ? 6.854   5.065   0.004   1.00 15.28 ? 159 VAL B CB  1 
ATOM   510  C CG1 . VAL B 1 5  ? 7.141   5.607   1.416   1.00 14.68 ? 159 VAL B CG1 1 
ATOM   511  C CG2 . VAL B 1 5  ? 7.284   6.052   -1.054  1.00 16.43 ? 159 VAL B CG2 1 
ATOM   512  N N   . GLN B 1 6  ? 6.177   2.432   -1.681  1.00 15.72 ? 160 GLN B N   1 
ATOM   513  C CA  . GLN B 1 6  ? 5.792   1.861   -2.948  1.00 16.48 ? 160 GLN B CA  1 
ATOM   514  C C   . GLN B 1 6  ? 4.516   2.566   -3.337  1.00 17.84 ? 160 GLN B C   1 
ATOM   515  O O   . GLN B 1 6  ? 3.722   2.943   -2.479  1.00 16.28 ? 160 GLN B O   1 
ATOM   516  C CB  . GLN B 1 6  ? 5.574   0.365   -2.822  1.00 13.80 ? 160 GLN B CB  1 
ATOM   517  C CG  . GLN B 1 6  ? 4.679   -0.010  -1.698  1.00 16.63 ? 160 GLN B CG  1 
ATOM   518  C CD  . GLN B 1 6  ? 4.581   -1.503  -1.522  1.00 16.75 ? 160 GLN B CD  1 
ATOM   519  O OE1 . GLN B 1 6  ? 4.467   -2.250  -2.490  1.00 23.30 ? 160 GLN B OE1 1 
ATOM   520  N NE2 . GLN B 1 6  ? 4.634   -1.947  -0.279  1.00 18.72 ? 160 GLN B NE2 1 
ATOM   521  N N   . ALA B 1 7  ? 4.391   2.841   -4.626  1.00 16.82 ? 161 ALA B N   1 
ATOM   522  C CA  . ALA B 1 7  ? 3.247   3.538   -5.159  1.00 15.53 ? 161 ALA B CA  1 
ATOM   523  C C   . ALA B 1 7  ? 2.082   2.581   -5.228  1.00 15.90 ? 161 ALA B C   1 
ATOM   524  O O   . ALA B 1 7  ? 2.211   1.464   -5.722  1.00 22.38 ? 161 ALA B O   1 
ATOM   525  C CB  . ALA B 1 7  ? 3.579   4.100   -6.570  1.00 10.22 ? 161 ALA B CB  1 
ATOM   526  N N   . LEU B 1 8  ? 0.950   3.004   -4.698  1.00 18.95 ? 162 LEU B N   1 
ATOM   527  C CA  . LEU B 1 8  ? -0.249  2.191   -4.749  1.00 16.54 ? 162 LEU B CA  1 
ATOM   528  C C   . LEU B 1 8  ? -0.937  2.457   -6.073  1.00 16.01 ? 162 LEU B C   1 
ATOM   529  O O   . LEU B 1 8  ? -1.690  1.611   -6.539  1.00 21.02 ? 162 LEU B O   1 
ATOM   530  C CB  . LEU B 1 8  ? -1.195  2.542   -3.609  1.00 15.01 ? 162 LEU B CB  1 
ATOM   531  C CG  . LEU B 1 8  ? -0.863  2.160   -2.173  1.00 16.22 ? 162 LEU B CG  1 
ATOM   532  C CD1 . LEU B 1 8  ? 0.599   1.939   -1.956  1.00 21.47 ? 162 LEU B CD1 1 
ATOM   533  C CD2 . LEU B 1 8  ? -1.352  3.275   -1.275  1.00 17.46 ? 162 LEU B CD2 1 
ATOM   534  N N   . PHE B 1 9  ? -0.677  3.623   -6.681  1.00 15.00 ? 163 PHE B N   1 
ATOM   535  C CA  . PHE B 1 9  ? -1.286  4.000   -7.966  1.00 16.91 ? 163 PHE B CA  1 
ATOM   536  C C   . PHE B 1 9  ? -0.289  4.829   -8.760  1.00 17.82 ? 163 PHE B C   1 
ATOM   537  O O   . PHE B 1 9  ? 0.645   5.382   -8.195  1.00 14.65 ? 163 PHE B O   1 
ATOM   538  C CB  . PHE B 1 9  ? -2.563  4.901   -7.789  1.00 21.47 ? 163 PHE B CB  1 
ATOM   539  C CG  . PHE B 1 9  ? -3.364  4.643   -6.524  1.00 17.69 ? 163 PHE B CG  1 
ATOM   540  C CD1 . PHE B 1 9  ? -4.327  3.644   -6.488  1.00 14.73 ? 163 PHE B CD1 1 
ATOM   541  C CD2 . PHE B 1 9  ? -3.062  5.327   -5.343  1.00 19.08 ? 163 PHE B CD2 1 
ATOM   542  C CE1 . PHE B 1 9  ? -4.956  3.317   -5.297  1.00 14.31 ? 163 PHE B CE1 1 
ATOM   543  C CE2 . PHE B 1 9  ? -3.685  5.005   -4.154  1.00 13.59 ? 163 PHE B CE2 1 
ATOM   544  C CZ  . PHE B 1 9  ? -4.629  3.996   -4.133  1.00 16.42 ? 163 PHE B CZ  1 
ATOM   545  N N   . ASP B 1 10 ? -0.517  4.949   -10.067 1.00 19.86 ? 164 ASP B N   1 
ATOM   546  C CA  . ASP B 1 10 ? 0.332   5.805   -10.904 1.00 23.92 ? 164 ASP B CA  1 
ATOM   547  C C   . ASP B 1 10 ? -0.001  7.237   -10.496 1.00 24.18 ? 164 ASP B C   1 
ATOM   548  O O   . ASP B 1 10 ? -1.162  7.551   -10.190 1.00 30.54 ? 164 ASP B O   1 
ATOM   549  C CB  . ASP B 1 10 ? -0.046  5.761   -12.390 1.00 19.97 ? 164 ASP B CB  1 
ATOM   550  C CG  . ASP B 1 10 ? -0.109  4.385   -12.958 1.00 18.43 ? 164 ASP B CG  1 
ATOM   551  O OD1 . ASP B 1 10 ? 0.472   3.442   -12.400 1.00 22.99 ? 164 ASP B OD1 1 
ATOM   552  O OD2 . ASP B 1 10 ? -0.748  4.252   -14.010 1.00 26.53 ? 164 ASP B OD2 1 
ATOM   553  N N   . PHE B 1 11 ? 0.976   8.120   -10.600 1.00 19.30 ? 165 PHE B N   1 
ATOM   554  C CA  . PHE B 1 11 ? 0.762   9.513   -10.294 1.00 17.81 ? 165 PHE B CA  1 
ATOM   555  C C   . PHE B 1 11 ? 1.299   10.287  -11.479 1.00 23.15 ? 165 PHE B C   1 
ATOM   556  O O   . PHE B 1 11 ? 2.476   10.149  -11.859 1.00 19.43 ? 165 PHE B O   1 
ATOM   557  C CB  . PHE B 1 11 ? 1.495   9.930   -9.018  1.00 17.93 ? 165 PHE B CB  1 
ATOM   558  C CG  . PHE B 1 11 ? 1.463   11.412  -8.762  1.00 17.98 ? 165 PHE B CG  1 
ATOM   559  C CD1 . PHE B 1 11 ? 0.251   12.089  -8.695  1.00 17.66 ? 165 PHE B CD1 1 
ATOM   560  C CD2 . PHE B 1 11 ? 2.648   12.142  -8.650  1.00 18.44 ? 165 PHE B CD2 1 
ATOM   561  C CE1 . PHE B 1 11 ? 0.224   13.489  -8.525  1.00 21.87 ? 165 PHE B CE1 1 
ATOM   562  C CE2 . PHE B 1 11 ? 2.632   13.528  -8.483  1.00 14.97 ? 165 PHE B CE2 1 
ATOM   563  C CZ  . PHE B 1 11 ? 1.416   14.200  -8.421  1.00 18.46 ? 165 PHE B CZ  1 
ATOM   564  N N   . ASN B 1 12 ? 0.414   11.085  -12.063 1.00 23.23 ? 166 ASN B N   1 
ATOM   565  C CA  . ASN B 1 12 ? 0.723   11.927  -13.208 1.00 27.96 ? 166 ASN B CA  1 
ATOM   566  C C   . ASN B 1 12 ? 0.855   13.377  -12.772 1.00 23.75 ? 166 ASN B C   1 
ATOM   567  O O   . ASN B 1 12 ? -0.142  14.017  -12.421 1.00 25.77 ? 166 ASN B O   1 
ATOM   568  C CB  . ASN B 1 12 ? -0.403  11.832  -14.234 1.00 36.89 ? 166 ASN B CB  1 
ATOM   569  C CG  . ASN B 1 12 ? 0.059   11.240  -15.530 1.00 48.01 ? 166 ASN B CG  1 
ATOM   570  O OD1 . ASN B 1 12 ? 0.193   10.022  -15.644 1.00 52.99 ? 166 ASN B OD1 1 
ATOM   571  N ND2 . ASN B 1 12 ? 0.335   12.096  -16.518 1.00 50.82 ? 166 ASN B ND2 1 
ATOM   572  N N   . PRO B 1 13 ? 2.079   13.922  -12.794 1.00 24.35 ? 167 PRO B N   1 
ATOM   573  C CA  . PRO B 1 13 ? 2.336   15.307  -12.399 1.00 25.45 ? 167 PRO B CA  1 
ATOM   574  C C   . PRO B 1 13 ? 1.427   16.306  -13.120 1.00 26.92 ? 167 PRO B C   1 
ATOM   575  O O   . PRO B 1 13 ? 1.069   16.114  -14.274 1.00 23.09 ? 167 PRO B O   1 
ATOM   576  C CB  . PRO B 1 13 ? 3.792   15.499  -12.811 1.00 22.68 ? 167 PRO B CB  1 
ATOM   577  C CG  . PRO B 1 13 ? 4.366   14.174  -12.545 1.00 21.24 ? 167 PRO B CG  1 
ATOM   578  C CD  . PRO B 1 13 ? 3.341   13.262  -13.165 1.00 25.46 ? 167 PRO B CD  1 
ATOM   579  N N   . GLN B 1 14 ? 1.032   17.354  -12.410 1.00 27.67 ? 168 GLN B N   1 
ATOM   580  C CA  . GLN B 1 14 ? 0.186   18.396  -12.960 1.00 29.16 ? 168 GLN B CA  1 
ATOM   581  C C   . GLN B 1 14 ? 0.995   19.675  -13.034 1.00 26.56 ? 168 GLN B C   1 
ATOM   582  O O   . GLN B 1 14 ? 0.697   20.563  -13.826 1.00 27.07 ? 168 GLN B O   1 
ATOM   583  C CB  . GLN B 1 14 ? -1.020  18.599  -12.059 1.00 40.35 ? 168 GLN B CB  1 
ATOM   584  C CG  . GLN B 1 14 ? -2.332  18.188  -12.681 1.00 53.81 ? 168 GLN B CG  1 
ATOM   585  C CD  . GLN B 1 14 ? -3.014  19.355  -13.354 1.00 62.93 ? 168 GLN B CD  1 
ATOM   586  O OE1 . GLN B 1 14 ? -3.149  19.395  -14.584 1.00 68.05 ? 168 GLN B OE1 1 
ATOM   587  N NE2 . GLN B 1 14 ? -3.443  20.327  -12.549 1.00 63.71 ? 168 GLN B NE2 1 
ATOM   588  N N   . GLU B 1 15 ? 2.050   19.739  -12.227 1.00 27.43 ? 169 GLU B N   1 
ATOM   589  C CA  . GLU B 1 15 ? 2.929   20.903  -12.176 1.00 25.74 ? 169 GLU B CA  1 
ATOM   590  C C   . GLU B 1 15 ? 4.374   20.474  -12.148 1.00 26.16 ? 169 GLU B C   1 
ATOM   591  O O   . GLU B 1 15 ? 4.681   19.358  -11.731 1.00 26.59 ? 169 GLU B O   1 
ATOM   592  C CB  . GLU B 1 15 ? 2.655   21.714  -10.924 1.00 26.81 ? 169 GLU B CB  1 
ATOM   593  C CG  . GLU B 1 15 ? 1.281   22.326  -10.885 1.00 34.97 ? 169 GLU B CG  1 
ATOM   594  C CD  . GLU B 1 15 ? 1.158   23.350  -9.782  1.00 41.55 ? 169 GLU B CD  1 
ATOM   595  O OE1 . GLU B 1 15 ? 2.177   23.589  -9.085  1.00 46.67 ? 169 GLU B OE1 1 
ATOM   596  O OE2 . GLU B 1 15 ? 0.054   23.923  -9.619  1.00 45.73 ? 169 GLU B OE2 1 
ATOM   597  N N   . SER B 1 16 ? 5.271   21.358  -12.577 1.00 27.34 ? 170 SER B N   1 
ATOM   598  C CA  . SER B 1 16 ? 6.689   21.018  -12.574 1.00 24.73 ? 170 SER B CA  1 
ATOM   599  C C   . SER B 1 16 ? 7.126   20.759  -11.140 1.00 22.71 ? 170 SER B C   1 
ATOM   600  O O   . SER B 1 16 ? 6.574   21.331  -10.195 1.00 19.94 ? 170 SER B O   1 
ATOM   601  C CB  . SER B 1 16 ? 7.540   22.139  -13.204 1.00 27.64 ? 170 SER B CB  1 
ATOM   602  O OG  . SER B 1 16 ? 7.442   23.370  -12.500 1.00 32.76 ? 170 SER B OG  1 
ATOM   603  N N   . GLY B 1 17 ? 8.073   19.851  -10.980 1.00 20.57 ? 171 GLY B N   1 
ATOM   604  C CA  . GLY B 1 17 ? 8.567   19.562  -9.655  1.00 21.87 ? 171 GLY B CA  1 
ATOM   605  C C   . GLY B 1 17 ? 7.874   18.398  -9.002  1.00 20.12 ? 171 GLY B C   1 
ATOM   606  O O   . GLY B 1 17 ? 8.250   17.993  -7.900  1.00 17.56 ? 171 GLY B O   1 
ATOM   607  N N   . GLU B 1 18 ? 6.866   17.856  -9.677  1.00 19.53 ? 172 GLU B N   1 
ATOM   608  C CA  . GLU B 1 18 ? 6.126   16.714  -9.165  1.00 18.36 ? 172 GLU B CA  1 
ATOM   609  C C   . GLU B 1 18 ? 6.706   15.457  -9.781  1.00 23.18 ? 172 GLU B C   1 
ATOM   610  O O   . GLU B 1 18 ? 6.932   15.395  -10.997 1.00 23.17 ? 172 GLU B O   1 
ATOM   611  C CB  . GLU B 1 18 ? 4.631   16.861  -9.460  1.00 13.80 ? 172 GLU B CB  1 
ATOM   612  C CG  . GLU B 1 18 ? 3.933   17.791  -8.466  1.00 16.52 ? 172 GLU B CG  1 
ATOM   613  C CD  . GLU B 1 18 ? 2.530   18.214  -8.862  1.00 17.05 ? 172 GLU B CD  1 
ATOM   614  O OE1 . GLU B 1 18 ? 2.000   17.694  -9.850  1.00 18.67 ? 172 GLU B OE1 1 
ATOM   615  O OE2 . GLU B 1 18 ? 1.949   19.081  -8.172  1.00 26.07 ? 172 GLU B OE2 1 
ATOM   616  N N   . LEU B 1 19 ? 6.974   14.465  -8.939  1.00 22.57 ? 173 LEU B N   1 
ATOM   617  C CA  . LEU B 1 19 ? 7.580   13.219  -9.397  1.00 18.03 ? 173 LEU B CA  1 
ATOM   618  C C   . LEU B 1 19 ? 6.566   12.254  -9.962  1.00 19.29 ? 173 LEU B C   1 
ATOM   619  O O   . LEU B 1 19 ? 5.642   11.840  -9.270  1.00 24.00 ? 173 LEU B O   1 
ATOM   620  C CB  . LEU B 1 19 ? 8.316   12.538  -8.242  1.00 21.18 ? 173 LEU B CB  1 
ATOM   621  C CG  . LEU B 1 19 ? 9.040   11.220  -8.500  1.00 18.15 ? 173 LEU B CG  1 
ATOM   622  C CD1 . LEU B 1 19 ? 10.404  11.472  -9.143  1.00 12.59 ? 173 LEU B CD1 1 
ATOM   623  C CD2 . LEU B 1 19 ? 9.200   10.511  -7.177  1.00 22.98 ? 173 LEU B CD2 1 
ATOM   624  N N   . ALA B 1 20 ? 6.753   11.897  -11.225 1.00 17.94 ? 174 ALA B N   1 
ATOM   625  C CA  . ALA B 1 20 ? 5.900   10.945  -11.904 1.00 16.09 ? 174 ALA B CA  1 
ATOM   626  C C   . ALA B 1 20 ? 6.280   9.504   -11.489 1.00 17.68 ? 174 ALA B C   1 
ATOM   627  O O   . ALA B 1 20 ? 7.461   9.191   -11.272 1.00 16.27 ? 174 ALA B O   1 
ATOM   628  C CB  . ALA B 1 20 ? 6.062   11.111  -13.429 1.00 18.45 ? 174 ALA B CB  1 
ATOM   629  N N   . PHE B 1 21 ? 5.284   8.635   -11.363 1.00 17.61 ? 175 PHE B N   1 
ATOM   630  C CA  . PHE B 1 21 ? 5.525   7.233   -11.017 1.00 19.49 ? 175 PHE B CA  1 
ATOM   631  C C   . PHE B 1 21 ? 4.330   6.362   -11.372 1.00 18.61 ? 175 PHE B C   1 
ATOM   632  O O   . PHE B 1 21 ? 3.269   6.871   -11.722 1.00 20.28 ? 175 PHE B O   1 
ATOM   633  C CB  . PHE B 1 21 ? 5.997   7.014   -9.560  1.00 12.71 ? 175 PHE B CB  1 
ATOM   634  C CG  . PHE B 1 21 ? 5.062   7.557   -8.494  1.00 21.02 ? 175 PHE B CG  1 
ATOM   635  C CD1 . PHE B 1 21 ? 3.859   6.924   -8.206  1.00 16.14 ? 175 PHE B CD1 1 
ATOM   636  C CD2 . PHE B 1 21 ? 5.430   8.662   -7.723  1.00 17.72 ? 175 PHE B CD2 1 
ATOM   637  C CE1 . PHE B 1 21 ? 3.040   7.363   -7.172  1.00 17.68 ? 175 PHE B CE1 1 
ATOM   638  C CE2 . PHE B 1 21 ? 4.613   9.110   -6.685  1.00 18.81 ? 175 PHE B CE2 1 
ATOM   639  C CZ  . PHE B 1 21 ? 3.420   8.455   -6.408  1.00 17.51 ? 175 PHE B CZ  1 
ATOM   640  N N   . LYS B 1 22 ? 4.562   5.050   -11.392 1.00 18.11 ? 176 LYS B N   1 
ATOM   641  C CA  . LYS B 1 22 ? 3.556   4.058   -11.724 1.00 20.38 ? 176 LYS B CA  1 
ATOM   642  C C   . LYS B 1 22 ? 3.298   3.184   -10.516 1.00 23.12 ? 176 LYS B C   1 
ATOM   643  O O   . LYS B 1 22 ? 4.140   3.048   -9.630  1.00 20.28 ? 176 LYS B O   1 
ATOM   644  C CB  . LYS B 1 22 ? 4.050   3.120   -12.823 1.00 25.85 ? 176 LYS B CB  1 
ATOM   645  C CG  . LYS B 1 22 ? 4.124   3.679   -14.218 1.00 37.85 ? 176 LYS B CG  1 
ATOM   646  C CD  . LYS B 1 22 ? 4.439   2.542   -15.215 1.00 56.97 ? 176 LYS B CD  1 
ATOM   647  C CE  . LYS B 1 22 ? 5.865   1.924   -15.062 1.00 61.84 ? 176 LYS B CE  1 
ATOM   648  N NZ  . LYS B 1 22 ? 6.102   1.063   -13.852 1.00 64.92 ? 176 LYS B NZ  1 
ATOM   649  N N   . ARG B 1 23 ? 2.172   2.493   -10.548 1.00 21.56 ? 177 ARG B N   1 
ATOM   650  C CA  . ARG B 1 23 ? 1.837   1.617   -9.473  1.00 21.02 ? 177 ARG B CA  1 
ATOM   651  C C   . ARG B 1 23 ? 3.003   0.639   -9.318  1.00 18.94 ? 177 ARG B C   1 
ATOM   652  O O   . ARG B 1 23 ? 3.573   0.169   -10.310 1.00 20.22 ? 177 ARG B O   1 
ATOM   653  C CB  . ARG B 1 23 ? 0.571   0.858   -9.816  1.00 19.95 ? 177 ARG B CB  1 
ATOM   654  C CG  . ARG B 1 23 ? 0.057   0.035   -8.658  1.00 27.74 ? 177 ARG B CG  1 
ATOM   655  C CD  . ARG B 1 23 ? -1.223  -0.672  -9.033  1.00 34.14 ? 177 ARG B CD  1 
ATOM   656  N NE  . ARG B 1 23 ? -0.972  -1.810  -9.907  1.00 44.16 ? 177 ARG B NE  1 
ATOM   657  C CZ  . ARG B 1 23 ? -1.505  -1.962  -11.112 1.00 43.66 ? 177 ARG B CZ  1 
ATOM   658  N NH1 . ARG B 1 23 ? -2.317  -1.036  -11.603 1.00 47.78 ? 177 ARG B NH1 1 
ATOM   659  N NH2 . ARG B 1 23 ? -1.218  -3.039  -11.824 1.00 47.82 ? 177 ARG B NH2 1 
ATOM   660  N N   . GLY B 1 24 ? 3.400   0.399   -8.080  1.00 18.44 ? 178 GLY B N   1 
ATOM   661  C CA  . GLY B 1 24 ? 4.471   -0.534  -7.829  1.00 20.42 ? 178 GLY B CA  1 
ATOM   662  C C   . GLY B 1 24 ? 5.881   0.016   -7.826  1.00 20.83 ? 178 GLY B C   1 
ATOM   663  O O   . GLY B 1 24 ? 6.769   -0.687  -7.366  1.00 27.43 ? 178 GLY B O   1 
ATOM   664  N N   . ASP B 1 25 ? 6.109   1.227   -8.339  1.00 21.30 ? 179 ASP B N   1 
ATOM   665  C CA  . ASP B 1 25 ? 7.462   1.800   -8.354  1.00 20.80 ? 179 ASP B CA  1 
ATOM   666  C C   . ASP B 1 25 ? 7.885   1.994   -6.919  1.00 20.09 ? 179 ASP B C   1 
ATOM   667  O O   . ASP B 1 25 ? 7.040   2.295   -6.076  1.00 22.25 ? 179 ASP B O   1 
ATOM   668  C CB  . ASP B 1 25 ? 7.497   3.162   -9.066  1.00 13.12 ? 179 ASP B CB  1 
ATOM   669  C CG  . ASP B 1 25 ? 7.561   3.046   -10.596 1.00 19.64 ? 179 ASP B CG  1 
ATOM   670  O OD1 . ASP B 1 25 ? 7.851   1.957   -11.141 1.00 23.60 ? 179 ASP B OD1 1 
ATOM   671  O OD2 . ASP B 1 25 ? 7.345   4.073   -11.273 1.00 21.25 ? 179 ASP B OD2 1 
ATOM   672  N N   . VAL B 1 26 ? 9.148   1.708   -6.615  1.00 17.16 ? 180 VAL B N   1 
ATOM   673  C CA  . VAL B 1 26 ? 9.665   1.921   -5.268  1.00 20.45 ? 180 VAL B CA  1 
ATOM   674  C C   . VAL B 1 26 ? 10.413  3.264   -5.289  1.00 24.54 ? 180 VAL B C   1 
ATOM   675  O O   . VAL B 1 26 ? 11.377  3.423   -6.051  1.00 25.11 ? 180 VAL B O   1 
ATOM   676  C CB  . VAL B 1 26 ? 10.583  0.768   -4.822  1.00 22.99 ? 180 VAL B CB  1 
ATOM   677  C CG1 . VAL B 1 26 ? 11.329  1.122   -3.531  1.00 16.90 ? 180 VAL B CG1 1 
ATOM   678  C CG2 . VAL B 1 26 ? 9.749   -0.492  -4.624  1.00 23.69 ? 180 VAL B CG2 1 
ATOM   679  N N   . ILE B 1 27 ? 9.902   4.234   -4.517  1.00 19.12 ? 181 ILE B N   1 
ATOM   680  C CA  . ILE B 1 27 ? 10.446  5.594   -4.411  1.00 14.93 ? 181 ILE B CA  1 
ATOM   681  C C   . ILE B 1 27 ? 11.277  5.748   -3.140  1.00 16.58 ? 181 ILE B C   1 
ATOM   682  O O   . ILE B 1 27 ? 10.913  5.243   -2.092  1.00 15.14 ? 181 ILE B O   1 
ATOM   683  C CB  . ILE B 1 27 ? 9.306   6.660   -4.361  1.00 16.52 ? 181 ILE B CB  1 
ATOM   684  C CG1 . ILE B 1 27 ? 8.468   6.618   -5.631  1.00 11.22 ? 181 ILE B CG1 1 
ATOM   685  C CG2 . ILE B 1 27 ? 9.862   8.053   -4.199  1.00 15.10 ? 181 ILE B CG2 1 
ATOM   686  C CD1 . ILE B 1 27 ? 7.215   5.864   -5.490  1.00 17.77 ? 181 ILE B CD1 1 
ATOM   687  N N   . THR B 1 28 ? 12.432  6.397   -3.251  1.00 19.45 ? 182 THR B N   1 
ATOM   688  C CA  . THR B 1 28 ? 13.275  6.614   -2.092  1.00 18.14 ? 182 THR B CA  1 
ATOM   689  C C   . THR B 1 28 ? 12.839  7.908   -1.420  1.00 19.56 ? 182 THR B C   1 
ATOM   690  O O   . THR B 1 28 ? 12.768  8.961   -2.055  1.00 21.79 ? 182 THR B O   1 
ATOM   691  C CB  . THR B 1 28 ? 14.756  6.759   -2.467  1.00 18.22 ? 182 THR B CB  1 
ATOM   692  O OG1 . THR B 1 28 ? 15.143  5.753   -3.418  1.00 19.52 ? 182 THR B OG1 1 
ATOM   693  C CG2 . THR B 1 28 ? 15.590  6.608   -1.229  1.00 19.48 ? 182 THR B CG2 1 
ATOM   694  N N   . LEU B 1 29 ? 12.548  7.832   -0.135  1.00 24.04 ? 183 LEU B N   1 
ATOM   695  C CA  . LEU B 1 29 ? 12.140  9.010   0.610   1.00 26.24 ? 183 LEU B CA  1 
ATOM   696  C C   . LEU B 1 29 ? 13.307  9.935   0.912   1.00 25.47 ? 183 LEU B C   1 
ATOM   697  O O   . LEU B 1 29 ? 14.345  9.495   1.395   1.00 30.01 ? 183 LEU B O   1 
ATOM   698  C CB  . LEU B 1 29 ? 11.475  8.614   1.915   1.00 25.72 ? 183 LEU B CB  1 
ATOM   699  C CG  . LEU B 1 29 ? 9.994   8.303   1.835   1.00 26.15 ? 183 LEU B CG  1 
ATOM   700  C CD1 . LEU B 1 29 ? 9.542   7.727   3.168   1.00 26.05 ? 183 LEU B CD1 1 
ATOM   701  C CD2 . LEU B 1 29 ? 9.243   9.593   1.492   1.00 28.07 ? 183 LEU B CD2 1 
ATOM   702  N N   . ILE B 1 30 ? 13.130  11.210  0.586   1.00 28.23 ? 184 ILE B N   1 
ATOM   703  C CA  . ILE B 1 30 ? 14.130  12.238  0.839   1.00 26.18 ? 184 ILE B CA  1 
ATOM   704  C C   . ILE B 1 30 ? 13.585  13.113  1.980   1.00 29.14 ? 184 ILE B C   1 
ATOM   705  O O   . ILE B 1 30 ? 14.319  13.517  2.885   1.00 29.16 ? 184 ILE B O   1 
ATOM   706  C CB  . ILE B 1 30 ? 14.404  13.117  -0.446  1.00 27.93 ? 184 ILE B CB  1 
ATOM   707  C CG1 . ILE B 1 30 ? 15.055  12.272  -1.552  1.00 21.99 ? 184 ILE B CG1 1 
ATOM   708  C CG2 . ILE B 1 30 ? 15.314  14.332  -0.104  1.00 27.90 ? 184 ILE B CG2 1 
ATOM   709  C CD1 . ILE B 1 30 ? 15.386  13.054  -2.831  1.00 15.06 ? 184 ILE B CD1 1 
ATOM   710  N N   . ASN B 1 31 ? 12.279  13.360  1.967   1.00 29.63 ? 185 ASN B N   1 
ATOM   711  C CA  . ASN B 1 31 ? 11.662  14.209  2.985   1.00 29.99 ? 185 ASN B CA  1 
ATOM   712  C C   . ASN B 1 31 ? 10.176  13.881  3.086   1.00 26.90 ? 185 ASN B C   1 
ATOM   713  O O   . ASN B 1 31 ? 9.545   13.482  2.102   1.00 24.36 ? 185 ASN B O   1 
ATOM   714  C CB  . ASN B 1 31 ? 11.852  15.688  2.607   1.00 28.12 ? 185 ASN B CB  1 
ATOM   715  C CG  . ASN B 1 31 ? 11.397  16.631  3.691   1.00 39.62 ? 185 ASN B CG  1 
ATOM   716  O OD1 . ASN B 1 31 ? 10.199  16.852  3.871   1.00 49.05 ? 185 ASN B OD1 1 
ATOM   717  N ND2 . ASN B 1 31 ? 12.350  17.203  4.425   1.00 43.51 ? 185 ASN B ND2 1 
ATOM   718  N N   . LYS B 1 32 ? 9.644   13.963  4.292   1.00 23.56 ? 186 LYS B N   1 
ATOM   719  C CA  . LYS B 1 32 ? 8.243   13.691  4.488   1.00 31.11 ? 186 LYS B CA  1 
ATOM   720  C C   . LYS B 1 32 ? 7.771   14.588  5.599   1.00 33.46 ? 186 LYS B C   1 
ATOM   721  O O   . LYS B 1 32 ? 7.018   14.170  6.466   1.00 40.28 ? 186 LYS B O   1 
ATOM   722  C CB  . LYS B 1 32 ? 8.004   12.215  4.836   1.00 29.61 ? 186 LYS B CB  1 
ATOM   723  C CG  . LYS B 1 32 ? 8.512   11.817  6.187   1.00 32.10 ? 186 LYS B CG  1 
ATOM   724  C CD  . LYS B 1 32 ? 8.495   10.334  6.364   1.00 33.54 ? 186 LYS B CD  1 
ATOM   725  C CE  . LYS B 1 32 ? 7.118   9.783   6.355   1.00 33.10 ? 186 LYS B CE  1 
ATOM   726  N NZ  . LYS B 1 32 ? 7.265   8.329   6.517   1.00 39.20 ? 186 LYS B NZ  1 
ATOM   727  N N   . ASP B 1 33 ? 8.235   15.826  5.591   1.00 35.68 ? 187 ASP B N   1 
ATOM   728  C CA  . ASP B 1 33 ? 7.825   16.747  6.625   1.00 43.32 ? 187 ASP B CA  1 
ATOM   729  C C   . ASP B 1 33 ? 6.381   17.165  6.419   1.00 44.23 ? 187 ASP B C   1 
ATOM   730  O O   . ASP B 1 33 ? 5.592   17.214  7.366   1.00 43.17 ? 187 ASP B O   1 
ATOM   731  C CB  . ASP B 1 33 ? 8.749   17.956  6.680   1.00 53.61 ? 187 ASP B CB  1 
ATOM   732  C CG  . ASP B 1 33 ? 9.812   17.820  7.763   1.00 63.94 ? 187 ASP B CG  1 
ATOM   733  O OD1 . ASP B 1 33 ? 9.466   17.355  8.880   1.00 69.65 ? 187 ASP B OD1 1 
ATOM   734  O OD2 . ASP B 1 33 ? 10.987  18.177  7.504   1.00 70.35 ? 187 ASP B OD2 1 
ATOM   735  N N   . ASP B 1 34 ? 6.016   17.443  5.175   1.00 39.87 ? 188 ASP B N   1 
ATOM   736  C CA  . ASP B 1 34 ? 4.641   17.830  4.912   1.00 33.67 ? 188 ASP B CA  1 
ATOM   737  C C   . ASP B 1 34 ? 3.785   16.564  4.874   1.00 32.23 ? 188 ASP B C   1 
ATOM   738  O O   . ASP B 1 34 ? 4.092   15.616  4.170   1.00 28.71 ? 188 ASP B O   1 
ATOM   739  C CB  . ASP B 1 34 ? 4.532   18.609  3.602   1.00 29.60 ? 188 ASP B CB  1 
ATOM   740  C CG  . ASP B 1 34 ? 3.184   19.252  3.427   1.00 26.86 ? 188 ASP B CG  1 
ATOM   741  O OD1 . ASP B 1 34 ? 2.848   20.165  4.208   1.00 33.78 ? 188 ASP B OD1 1 
ATOM   742  O OD2 . ASP B 1 34 ? 2.449   18.832  2.525   1.00 28.35 ? 188 ASP B OD2 1 
ATOM   743  N N   . PRO B 1 35 ? 2.712   16.527  5.669   1.00 33.31 ? 189 PRO B N   1 
ATOM   744  C CA  . PRO B 1 35 ? 1.880   15.331  5.651   1.00 29.15 ? 189 PRO B CA  1 
ATOM   745  C C   . PRO B 1 35 ? 1.219   15.067  4.319   1.00 26.35 ? 189 PRO B C   1 
ATOM   746  O O   . PRO B 1 35 ? 0.744   13.969  4.092   1.00 32.26 ? 189 PRO B O   1 
ATOM   747  C CB  . PRO B 1 35 ? 0.843   15.623  6.741   1.00 29.28 ? 189 PRO B CB  1 
ATOM   748  C CG  . PRO B 1 35 ? 0.775   17.116  6.784   1.00 25.36 ? 189 PRO B CG  1 
ATOM   749  C CD  . PRO B 1 35 ? 2.231   17.480  6.687   1.00 30.86 ? 189 PRO B CD  1 
ATOM   750  N N   . ASN B 1 36 ? 1.164   16.058  3.439   1.00 25.18 ? 190 ASN B N   1 
ATOM   751  C CA  . ASN B 1 36 ? 0.513   15.850  2.145   1.00 22.18 ? 190 ASN B CA  1 
ATOM   752  C C   . ASN B 1 36 ? 1.451   15.605  0.992   1.00 24.33 ? 190 ASN B C   1 
ATOM   753  O O   . ASN B 1 36 ? 1.185   14.771  0.130   1.00 21.76 ? 190 ASN B O   1 
ATOM   754  C CB  . ASN B 1 36 ? -0.359  17.039  1.791   1.00 28.05 ? 190 ASN B CB  1 
ATOM   755  C CG  . ASN B 1 36 ? -1.418  17.287  2.814   1.00 38.45 ? 190 ASN B CG  1 
ATOM   756  O OD1 . ASN B 1 36 ? -1.482  18.371  3.397   1.00 46.25 ? 190 ASN B OD1 1 
ATOM   757  N ND2 . ASN B 1 36 ? -2.230  16.266  3.090   1.00 35.35 ? 190 ASN B ND2 1 
ATOM   758  N N   . TRP B 1 37 ? 2.506   16.404  0.928   1.00 22.44 ? 191 TRP B N   1 
ATOM   759  C CA  . TRP B 1 37 ? 3.468   16.285  -0.136  1.00 21.94 ? 191 TRP B CA  1 
ATOM   760  C C   . TRP B 1 37 ? 4.835   15.830  0.339   1.00 22.17 ? 191 TRP B C   1 
ATOM   761  O O   . TRP B 1 37 ? 5.527   16.522  1.075   1.00 24.63 ? 191 TRP B O   1 
ATOM   762  C CB  . TRP B 1 37 ? 3.545   17.600  -0.915  1.00 20.16 ? 191 TRP B CB  1 
ATOM   763  C CG  . TRP B 1 37 ? 2.223   17.922  -1.568  1.00 23.10 ? 191 TRP B CG  1 
ATOM   764  C CD1 . TRP B 1 37 ? 1.153   18.559  -0.997  1.00 19.34 ? 191 TRP B CD1 1 
ATOM   765  C CD2 . TRP B 1 37 ? 1.816   17.568  -2.898  1.00 18.72 ? 191 TRP B CD2 1 
ATOM   766  N NE1 . TRP B 1 37 ? 0.112   18.614  -1.886  1.00 21.85 ? 191 TRP B NE1 1 
ATOM   767  C CE2 . TRP B 1 37 ? 0.490   18.013  -3.059  1.00 16.98 ? 191 TRP B CE2 1 
ATOM   768  C CE3 . TRP B 1 37 ? 2.450   16.919  -3.969  1.00 19.59 ? 191 TRP B CE3 1 
ATOM   769  C CZ2 . TRP B 1 37 ? -0.219  17.827  -4.246  1.00 22.18 ? 191 TRP B CZ2 1 
ATOM   770  C CZ3 . TRP B 1 37 ? 1.742   16.737  -5.155  1.00 20.18 ? 191 TRP B CZ3 1 
ATOM   771  C CH2 . TRP B 1 37 ? 0.421   17.190  -5.280  1.00 16.86 ? 191 TRP B CH2 1 
ATOM   772  N N   . TRP B 1 38 ? 5.213   14.647  -0.098  1.00 18.61 ? 192 TRP B N   1 
ATOM   773  C CA  . TRP B 1 38 ? 6.494   14.098  0.264   1.00 19.65 ? 192 TRP B CA  1 
ATOM   774  C C   . TRP B 1 38 ? 7.462   14.278  -0.885  1.00 19.94 ? 192 TRP B C   1 
ATOM   775  O O   . TRP B 1 38 ? 7.041   14.466  -2.039  1.00 19.48 ? 192 TRP B O   1 
ATOM   776  C CB  . TRP B 1 38 ? 6.338   12.623  0.607   1.00 20.25 ? 192 TRP B CB  1 
ATOM   777  C CG  . TRP B 1 38 ? 5.545   12.407  1.859   1.00 24.95 ? 192 TRP B CG  1 
ATOM   778  C CD1 . TRP B 1 38 ? 5.057   13.371  2.689   1.00 24.04 ? 192 TRP B CD1 1 
ATOM   779  C CD2 . TRP B 1 38 ? 5.176   11.146  2.437   1.00 27.81 ? 192 TRP B CD2 1 
ATOM   780  N NE1 . TRP B 1 38 ? 4.408   12.795  3.753   1.00 29.01 ? 192 TRP B NE1 1 
ATOM   781  C CE2 . TRP B 1 38 ? 4.462   11.429  3.629   1.00 28.51 ? 192 TRP B CE2 1 
ATOM   782  C CE3 . TRP B 1 38 ? 5.373   9.806   2.066   1.00 20.78 ? 192 TRP B CE3 1 
ATOM   783  C CZ2 . TRP B 1 38 ? 3.943   10.417  4.456   1.00 23.11 ? 192 TRP B CZ2 1 
ATOM   784  C CZ3 . TRP B 1 38 ? 4.858   8.805   2.885   1.00 22.78 ? 192 TRP B CZ3 1 
ATOM   785  C CH2 . TRP B 1 38 ? 4.150   9.117   4.066   1.00 21.50 ? 192 TRP B CH2 1 
ATOM   786  N N   . GLU B 1 39 ? 8.751   14.293  -0.551  1.00 19.56 ? 193 GLU B N   1 
ATOM   787  C CA  . GLU B 1 39 ? 9.782   14.438  -1.550  1.00 20.49 ? 193 GLU B CA  1 
ATOM   788  C C   . GLU B 1 39 ? 10.560  13.144  -1.678  1.00 20.32 ? 193 GLU B C   1 
ATOM   789  O O   . GLU B 1 39 ? 11.020  12.590  -0.679  1.00 18.05 ? 193 GLU B O   1 
ATOM   790  C CB  . GLU B 1 39 ? 10.730  15.586  -1.223  1.00 24.78 ? 193 GLU B CB  1 
ATOM   791  C CG  . GLU B 1 39 ? 11.811  15.700  -2.297  1.00 22.65 ? 193 GLU B CG  1 
ATOM   792  C CD  . GLU B 1 39 ? 12.674  16.908  -2.159  1.00 23.43 ? 193 GLU B CD  1 
ATOM   793  O OE1 . GLU B 1 39 ? 12.701  17.496  -1.064  1.00 31.10 ? 193 GLU B OE1 1 
ATOM   794  O OE2 . GLU B 1 39 ? 13.335  17.265  -3.154  1.00 26.52 ? 193 GLU B OE2 1 
ATOM   795  N N   . GLY B 1 40 ? 10.739  12.691  -2.913  1.00 18.82 ? 194 GLY B N   1 
ATOM   796  C CA  . GLY B 1 40 ? 11.434  11.441  -3.141  1.00 21.82 ? 194 GLY B CA  1 
ATOM   797  C C   . GLY B 1 40 ? 12.271  11.387  -4.393  1.00 19.82 ? 194 GLY B C   1 
ATOM   798  O O   . GLY B 1 40 ? 12.264  12.315  -5.196  1.00 16.28 ? 194 GLY B O   1 
ATOM   799  N N   . GLN B 1 41 ? 12.984  10.274  -4.541  1.00 23.28 ? 195 GLN B N   1 
ATOM   800  C CA  . GLN B 1 41 ? 13.891  10.027  -5.655  1.00 21.14 ? 195 GLN B CA  1 
ATOM   801  C C   . GLN B 1 41 ? 13.555  8.710   -6.365  1.00 20.82 ? 195 GLN B C   1 
ATOM   802  O O   . GLN B 1 41 ? 13.449  7.668   -5.734  1.00 22.02 ? 195 GLN B O   1 
ATOM   803  C CB  . GLN B 1 41 ? 15.324  9.951   -5.093  1.00 26.53 ? 195 GLN B CB  1 
ATOM   804  C CG  . GLN B 1 41 ? 16.467  9.949   -6.121  1.00 29.59 ? 195 GLN B CG  1 
ATOM   805  C CD  . GLN B 1 41 ? 16.999  11.343  -6.481  1.00 31.21 ? 195 GLN B CD  1 
ATOM   806  O OE1 . GLN B 1 41 ? 16.989  12.270  -5.663  1.00 28.90 ? 195 GLN B OE1 1 
ATOM   807  N NE2 . GLN B 1 41 ? 17.512  11.472  -7.703  1.00 37.47 ? 195 GLN B NE2 1 
ATOM   808  N N   . LEU B 1 42 ? 13.353  8.751   -7.669  1.00 17.39 ? 196 LEU B N   1 
ATOM   809  C CA  . LEU B 1 42 ? 13.096  7.524   -8.398  1.00 23.30 ? 196 LEU B CA  1 
ATOM   810  C C   . LEU B 1 42 ? 14.123  7.526   -9.524  1.00 28.73 ? 196 LEU B C   1 
ATOM   811  O O   . LEU B 1 42 ? 13.945  8.209   -10.533 1.00 26.96 ? 196 LEU B O   1 
ATOM   812  C CB  . LEU B 1 42 ? 11.682  7.513   -8.948  1.00 26.89 ? 196 LEU B CB  1 
ATOM   813  C CG  . LEU B 1 42 ? 11.213  6.269   -9.702  1.00 25.19 ? 196 LEU B CG  1 
ATOM   814  C CD1 . LEU B 1 42 ? 11.330  5.035   -8.831  1.00 28.03 ? 196 LEU B CD1 1 
ATOM   815  C CD2 . LEU B 1 42 ? 9.760   6.500   -10.128 1.00 29.91 ? 196 LEU B CD2 1 
ATOM   816  N N   . ASN B 1 43 ? 15.220  6.798   -9.315  1.00 29.51 ? 197 ASN B N   1 
ATOM   817  C CA  . ASN B 1 43 ? 16.324  6.741   -10.276 1.00 30.82 ? 197 ASN B CA  1 
ATOM   818  C C   . ASN B 1 43 ? 16.965  8.132   -10.297 1.00 28.91 ? 197 ASN B C   1 
ATOM   819  O O   . ASN B 1 43 ? 17.424  8.622   -9.266  1.00 32.59 ? 197 ASN B O   1 
ATOM   820  C CB  . ASN B 1 43 ? 15.828  6.341   -11.671 1.00 31.71 ? 197 ASN B CB  1 
ATOM   821  C CG  . ASN B 1 43 ? 16.950  5.838   -12.585 1.00 34.49 ? 197 ASN B CG  1 
ATOM   822  O OD1 . ASN B 1 43 ? 18.134  6.036   -12.318 1.00 31.62 ? 197 ASN B OD1 1 
ATOM   823  N ND2 . ASN B 1 43 ? 16.569  5.182   -13.666 1.00 31.86 ? 197 ASN B ND2 1 
ATOM   824  N N   . ASN B 1 44 ? 16.914  8.812   -11.430 1.00 32.21 ? 198 ASN B N   1 
ATOM   825  C CA  . ASN B 1 44 ? 17.516  10.136  -11.543 1.00 31.26 ? 198 ASN B CA  1 
ATOM   826  C C   . ASN B 1 44 ? 16.486  11.245  -11.550 1.00 28.29 ? 198 ASN B C   1 
ATOM   827  O O   . ASN B 1 44 ? 16.801  12.385  -11.851 1.00 30.95 ? 198 ASN B O   1 
ATOM   828  C CB  . ASN B 1 44 ? 18.335  10.210  -12.816 1.00 36.43 ? 198 ASN B CB  1 
ATOM   829  C CG  . ASN B 1 44 ? 17.617  9.605   -13.978 1.00 38.32 ? 198 ASN B CG  1 
ATOM   830  O OD1 . ASN B 1 44 ? 16.398  9.691   -14.058 1.00 46.88 ? 198 ASN B OD1 1 
ATOM   831  N ND2 . ASN B 1 44 ? 18.347  8.920   -14.844 1.00 43.78 ? 198 ASN B ND2 1 
ATOM   832  N N   . ARG B 1 45 ? 15.249  10.895  -11.259 1.00 23.77 ? 199 ARG B N   1 
ATOM   833  C CA  . ARG B 1 45 ? 14.177  11.855  -11.210 1.00 21.02 ? 199 ARG B CA  1 
ATOM   834  C C   . ARG B 1 45 ? 13.918  12.116  -9.737  1.00 22.94 ? 199 ARG B C   1 
ATOM   835  O O   . ARG B 1 45 ? 14.041  11.223  -8.891  1.00 21.83 ? 199 ARG B O   1 
ATOM   836  C CB  . ARG B 1 45 ? 12.950  11.301  -11.924 1.00 24.22 ? 199 ARG B CB  1 
ATOM   837  C CG  . ARG B 1 45 ? 13.170  11.160  -13.421 1.00 33.66 ? 199 ARG B CG  1 
ATOM   838  C CD  . ARG B 1 45 ? 12.230  10.149  -14.062 1.00 48.68 ? 199 ARG B CD  1 
ATOM   839  N NE  . ARG B 1 45 ? 12.301  8.807   -13.460 1.00 59.46 ? 199 ARG B NE  1 
ATOM   840  C CZ  . ARG B 1 45 ? 13.248  7.891   -13.700 1.00 62.81 ? 199 ARG B CZ  1 
ATOM   841  N NH1 . ARG B 1 45 ? 14.256  8.138   -14.535 1.00 58.69 ? 199 ARG B NH1 1 
ATOM   842  N NH2 . ARG B 1 45 ? 13.188  6.711   -13.089 1.00 62.53 ? 199 ARG B NH2 1 
ATOM   843  N N   . ARG B 1 46 ? 13.599  13.360  -9.425  1.00 24.30 ? 200 ARG B N   1 
ATOM   844  C CA  . ARG B 1 46 ? 13.360  13.773  -8.054  1.00 24.18 ? 200 ARG B CA  1 
ATOM   845  C C   . ARG B 1 46 ? 12.229  14.806  -7.972  1.00 25.26 ? 200 ARG B C   1 
ATOM   846  O O   . ARG B 1 46 ? 12.102  15.677  -8.830  1.00 27.65 ? 200 ARG B O   1 
ATOM   847  C CB  . ARG B 1 46 ? 14.653  14.339  -7.491  1.00 22.41 ? 200 ARG B CB  1 
ATOM   848  C CG  . ARG B 1 46 ? 14.523  14.867  -6.110  1.00 23.28 ? 200 ARG B CG  1 
ATOM   849  C CD  . ARG B 1 46 ? 15.842  15.313  -5.609  1.00 28.64 ? 200 ARG B CD  1 
ATOM   850  N NE  . ARG B 1 46 ? 15.660  16.081  -4.392  1.00 38.10 ? 200 ARG B NE  1 
ATOM   851  C CZ  . ARG B 1 46 ? 16.584  16.222  -3.453  1.00 40.75 ? 200 ARG B CZ  1 
ATOM   852  N NH1 . ARG B 1 46 ? 17.767  15.626  -3.587  1.00 40.86 ? 200 ARG B NH1 1 
ATOM   853  N NH2 . ARG B 1 46 ? 16.310  16.951  -2.375  1.00 39.33 ? 200 ARG B NH2 1 
ATOM   854  N N   . GLY B 1 47 ? 11.387  14.697  -6.955  1.00 21.59 ? 201 GLY B N   1 
ATOM   855  C CA  . GLY B 1 47 ? 10.293  15.637  -6.845  1.00 23.08 ? 201 GLY B CA  1 
ATOM   856  C C   . GLY B 1 47 ? 9.357   15.324  -5.705  1.00 20.17 ? 201 GLY B C   1 
ATOM   857  O O   . GLY B 1 47 ? 9.653   14.468  -4.890  1.00 16.60 ? 201 GLY B O   1 
ATOM   858  N N   . ILE B 1 48 ? 8.242   16.045  -5.640  1.00 21.52 ? 202 ILE B N   1 
ATOM   859  C CA  . ILE B 1 48 ? 7.263   15.842  -4.588  1.00 19.65 ? 202 ILE B CA  1 
ATOM   860  C C   . ILE B 1 48 ? 6.067   15.061  -5.113  1.00 20.14 ? 202 ILE B C   1 
ATOM   861  O O   . ILE B 1 48 ? 5.776   15.032  -6.318  1.00 18.14 ? 202 ILE B O   1 
ATOM   862  C CB  . ILE B 1 48 ? 6.815   17.161  -3.974  1.00 17.97 ? 202 ILE B CB  1 
ATOM   863  C CG1 . ILE B 1 48 ? 6.141   18.034  -5.023  1.00 13.39 ? 202 ILE B CG1 1 
ATOM   864  C CG2 . ILE B 1 48 ? 8.006   17.876  -3.397  1.00 19.56 ? 202 ILE B CG2 1 
ATOM   865  C CD1 . ILE B 1 48 ? 5.717   19.362  -4.518  1.00 12.74 ? 202 ILE B CD1 1 
ATOM   866  N N   . PHE B 1 49 ? 5.368   14.412  -4.204  1.00 20.39 ? 203 PHE B N   1 
ATOM   867  C CA  . PHE B 1 49 ? 4.242   13.595  -4.604  1.00 19.01 ? 203 PHE B CA  1 
ATOM   868  C C   . PHE B 1 49 ? 3.299   13.481  -3.431  1.00 17.30 ? 203 PHE B C   1 
ATOM   869  O O   . PHE B 1 49 ? 3.674   13.776  -2.292  1.00 17.97 ? 203 PHE B O   1 
ATOM   870  C CB  . PHE B 1 49 ? 4.744   12.188  -5.015  1.00 25.09 ? 203 PHE B CB  1 
ATOM   871  C CG  . PHE B 1 49 ? 5.524   11.472  -3.925  1.00 18.41 ? 203 PHE B CG  1 
ATOM   872  C CD1 . PHE B 1 49 ? 4.856   10.784  -2.910  1.00 18.25 ? 203 PHE B CD1 1 
ATOM   873  C CD2 . PHE B 1 49 ? 6.915   11.566  -3.873  1.00 22.47 ? 203 PHE B CD2 1 
ATOM   874  C CE1 . PHE B 1 49 ? 5.533   10.210  -1.854  1.00 17.08 ? 203 PHE B CE1 1 
ATOM   875  C CE2 . PHE B 1 49 ? 7.627   10.992  -2.814  1.00 23.25 ? 203 PHE B CE2 1 
ATOM   876  C CZ  . PHE B 1 49 ? 6.928   10.313  -1.799  1.00 24.03 ? 203 PHE B CZ  1 
ATOM   877  N N   . PRO B 1 50 ? 2.057   13.050  -3.697  1.00 18.50 ? 204 PRO B N   1 
ATOM   878  C CA  . PRO B 1 50 ? 1.039   12.884  -2.666  1.00 15.98 ? 204 PRO B CA  1 
ATOM   879  C C   . PRO B 1 50 ? 1.342   11.646  -1.793  1.00 13.53 ? 204 PRO B C   1 
ATOM   880  O O   . PRO B 1 50 ? 1.598   10.541  -2.288  1.00 10.90 ? 204 PRO B O   1 
ATOM   881  C CB  . PRO B 1 50 ? -0.242  12.701  -3.490  1.00 13.53 ? 204 PRO B CB  1 
ATOM   882  C CG  . PRO B 1 50 ? 0.085   13.264  -4.802  1.00 12.24 ? 204 PRO B CG  1 
ATOM   883  C CD  . PRO B 1 50 ? 1.472   12.794  -5.016  1.00 12.76 ? 204 PRO B CD  1 
ATOM   884  N N   . SER B 1 51 ? 1.344   11.843  -0.487  1.00 13.98 ? 205 SER B N   1 
ATOM   885  C CA  . SER B 1 51 ? 1.606   10.767  0.439   1.00 13.67 ? 205 SER B CA  1 
ATOM   886  C C   . SER B 1 51 ? 0.536   9.669   0.416   1.00 16.31 ? 205 SER B C   1 
ATOM   887  O O   . SER B 1 51 ? 0.820   8.507   0.662   1.00 19.95 ? 205 SER B O   1 
ATOM   888  C CB  . SER B 1 51 ? 1.741   11.350  1.833   1.00 13.20 ? 205 SER B CB  1 
ATOM   889  O OG  . SER B 1 51 ? 0.652   12.188  2.137   1.00 15.56 ? 205 SER B OG  1 
ATOM   890  N N   . ASN B 1 52 ? -0.692  10.049  0.100   1.00 20.06 ? 206 ASN B N   1 
ATOM   891  C CA  . ASN B 1 52 ? -1.819  9.131   0.042   1.00 19.37 ? 206 ASN B CA  1 
ATOM   892  C C   . ASN B 1 52 ? -1.742  8.251   -1.208  1.00 19.49 ? 206 ASN B C   1 
ATOM   893  O O   . ASN B 1 52 ? -2.713  7.584   -1.575  1.00 18.78 ? 206 ASN B O   1 
ATOM   894  C CB  . ASN B 1 52 ? -3.147  9.935   0.053   1.00 25.19 ? 206 ASN B CB  1 
ATOM   895  C CG  . ASN B 1 52 ? -3.267  10.935  -1.119  1.00 21.76 ? 206 ASN B CG  1 
ATOM   896  O OD1 . ASN B 1 52 ? -2.308  11.604  -1.466  1.00 26.45 ? 206 ASN B OD1 1 
ATOM   897  N ND2 . ASN B 1 52 ? -4.453  11.047  -1.698  1.00 26.46 ? 206 ASN B ND2 1 
ATOM   898  N N   . TYR B 1 53 ? -0.618  8.325   -1.916  1.00 21.45 ? 207 TYR B N   1 
ATOM   899  C CA  . TYR B 1 53 ? -0.436  7.529   -3.130  1.00 19.05 ? 207 TYR B CA  1 
ATOM   900  C C   . TYR B 1 53 ? 0.575   6.430   -2.922  1.00 17.67 ? 207 TYR B C   1 
ATOM   901  O O   . TYR B 1 53 ? 0.798   5.621   -3.811  1.00 15.64 ? 207 TYR B O   1 
ATOM   902  C CB  . TYR B 1 53 ? 0.013   8.408   -4.298  1.00 20.71 ? 207 TYR B CB  1 
ATOM   903  C CG  . TYR B 1 53 ? -1.137  8.935   -5.113  1.00 15.70 ? 207 TYR B CG  1 
ATOM   904  C CD1 . TYR B 1 53 ? -2.073  9.823   -4.555  1.00 14.19 ? 207 TYR B CD1 1 
ATOM   905  C CD2 . TYR B 1 53 ? -1.317  8.518   -6.424  1.00 17.82 ? 207 TYR B CD2 1 
ATOM   906  C CE1 . TYR B 1 53 ? -3.158  10.278  -5.288  1.00 17.82 ? 207 TYR B CE1 1 
ATOM   907  C CE2 . TYR B 1 53 ? -2.403  8.961   -7.169  1.00 19.40 ? 207 TYR B CE2 1 
ATOM   908  C CZ  . TYR B 1 53 ? -3.319  9.837   -6.601  1.00 19.41 ? 207 TYR B CZ  1 
ATOM   909  O OH  . TYR B 1 53 ? -4.397  10.249  -7.356  1.00 20.14 ? 207 TYR B OH  1 
ATOM   910  N N   . VAL B 1 54 ? 1.164   6.385   -1.731  1.00 16.80 ? 208 VAL B N   1 
ATOM   911  C CA  . VAL B 1 54 ? 2.181   5.388   -1.442  1.00 14.01 ? 208 VAL B CA  1 
ATOM   912  C C   . VAL B 1 54 ? 2.008   4.813   -0.053  1.00 15.35 ? 208 VAL B C   1 
ATOM   913  O O   . VAL B 1 54 ? 1.194   5.299   0.742   1.00 15.86 ? 208 VAL B O   1 
ATOM   914  C CB  . VAL B 1 54 ? 3.629   6.014   -1.487  1.00 14.86 ? 208 VAL B CB  1 
ATOM   915  C CG1 . VAL B 1 54 ? 3.976   6.579   -2.880  1.00 13.04 ? 208 VAL B CG1 1 
ATOM   916  C CG2 . VAL B 1 54 ? 3.774   7.100   -0.418  1.00 13.89 ? 208 VAL B CG2 1 
ATOM   917  N N   . CYS B 1 55 ? 2.765   3.759   0.232   1.00 17.31 ? 209 CYS B N   1 
ATOM   918  C CA  . CYS B 1 55 ? 2.788   3.198   1.576   1.00 20.51 ? 209 CYS B CA  1 
ATOM   919  C C   . CYS B 1 55 ? 4.172   2.588   1.790   1.00 22.86 ? 209 CYS B C   1 
ATOM   920  O O   . CYS B 1 55 ? 4.895   2.316   0.814   1.00 20.27 ? 209 CYS B O   1 
ATOM   921  C CB  . CYS B 1 55 ? 1.662   2.234   1.803   1.00 24.75 ? 209 CYS B CB  1 
ATOM   922  S SG  . CYS B 1 55 ? 1.785   0.841   0.709   1.00 34.16 ? 209 CYS B SG  1 
ATOM   923  N N   . PRO B 1 56 ? 4.587   2.431   3.064   1.00 21.83 ? 210 PRO B N   1 
ATOM   924  C CA  . PRO B 1 56 ? 5.891   1.886   3.439   1.00 20.11 ? 210 PRO B CA  1 
ATOM   925  C C   . PRO B 1 56 ? 6.266   0.691   2.633   1.00 18.67 ? 210 PRO B C   1 
ATOM   926  O O   . PRO B 1 56 ? 5.432   -0.151  2.334   1.00 22.00 ? 210 PRO B O   1 
ATOM   927  C CB  . PRO B 1 56 ? 5.711   1.524   4.903   1.00 23.07 ? 210 PRO B CB  1 
ATOM   928  C CG  . PRO B 1 56 ? 4.650   2.468   5.367   1.00 22.49 ? 210 PRO B CG  1 
ATOM   929  C CD  . PRO B 1 56 ? 3.684   2.443   4.230   1.00 23.04 ? 210 PRO B CD  1 
ATOM   930  N N   . TYR B 1 57 ? 7.503   0.683   2.176   1.00 22.02 ? 211 TYR B N   1 
ATOM   931  C CA  . TYR B 1 57 ? 7.982   -0.434  1.403   1.00 31.31 ? 211 TYR B CA  1 
ATOM   932  C C   . TYR B 1 57 ? 8.876   -1.263  2.322   1.00 42.23 ? 211 TYR B C   1 
ATOM   933  O O   . TYR B 1 57 ? 9.569   -2.179  1.886   1.00 47.11 ? 211 TYR B O   1 
ATOM   934  C CB  . TYR B 1 57 ? 8.688   0.043   0.139   1.00 26.79 ? 211 TYR B CB  1 
ATOM   935  C CG  . TYR B 1 57 ? 9.189   -1.079  -0.729  1.00 30.05 ? 211 TYR B CG  1 
ATOM   936  C CD1 . TYR B 1 57 ? 8.311   -1.862  -1.486  1.00 37.79 ? 211 TYR B CD1 1 
ATOM   937  C CD2 . TYR B 1 57 ? 10.545  -1.368  -0.796  1.00 30.30 ? 211 TYR B CD2 1 
ATOM   938  C CE1 . TYR B 1 57 ? 8.785   -2.911  -2.295  1.00 40.11 ? 211 TYR B CE1 1 
ATOM   939  C CE2 . TYR B 1 57 ? 11.028  -2.400  -1.591  1.00 35.17 ? 211 TYR B CE2 1 
ATOM   940  C CZ  . TYR B 1 57 ? 10.154  -3.167  -2.338  1.00 38.10 ? 211 TYR B CZ  1 
ATOM   941  O OH  . TYR B 1 57 ? 10.668  -4.164  -3.137  1.00 44.33 ? 211 TYR B OH  1 
ATOM   942  N N   . ASN B 1 58 ? 8.818   -0.941  3.615   1.00 54.14 ? 212 ASN B N   1 
ATOM   943  C CA  . ASN B 1 58 ? 9.547   -1.652  4.672   1.00 61.48 ? 212 ASN B CA  1 
ATOM   944  C C   . ASN B 1 58 ? 9.442   -0.912  6.011   1.00 62.02 ? 212 ASN B C   1 
ATOM   945  O O   . ASN B 1 58 ? 9.251   0.326   5.978   1.00 65.24 ? 212 ASN B O   1 
ATOM   946  C CB  . ASN B 1 58 ? 11.019  -1.865  4.301   1.00 69.06 ? 212 ASN B CB  1 
ATOM   947  C CG  . ASN B 1 58 ? 11.654  -3.010  5.070   1.00 71.55 ? 212 ASN B CG  1 
ATOM   948  O OD1 . ASN B 1 58 ? 11.602  -3.062  6.303   1.00 73.23 ? 212 ASN B OD1 1 
ATOM   949  N ND2 . ASN B 1 58 ? 12.258  -3.938  4.343   1.00 74.12 ? 212 ASN B ND2 1 
HETATM 950  C C   . ACE C 2 1  ? 4.673   -9.219  -7.868  1.00 31.50 ? 1   ACE C C   1 
HETATM 951  O O   . ACE C 2 1  ? 5.316   -8.516  -7.091  1.00 38.95 ? 1   ACE C O   1 
HETATM 952  C CH3 . ACE C 2 1  ? 4.973   -9.137  -9.350  1.00 34.05 ? 1   ACE C CH3 1 
ATOM   953  N N   . PRO C 2 2  ? 3.663   -10.004 -7.444  1.00 27.80 ? 2   PRO C N   1 
ATOM   954  C CA  . PRO C 2 2  ? 3.314   -10.147 -6.023  1.00 29.29 ? 2   PRO C CA  1 
ATOM   955  C C   . PRO C 2 2  ? 4.395   -10.926 -5.291  1.00 26.75 ? 2   PRO C C   1 
ATOM   956  O O   . PRO C 2 2  ? 4.939   -11.899 -5.826  1.00 25.20 ? 2   PRO C O   1 
ATOM   957  C CB  . PRO C 2 2  ? 1.994   -10.924 -6.071  1.00 28.70 ? 2   PRO C CB  1 
ATOM   958  C CG  . PRO C 2 2  ? 2.119   -11.738 -7.317  1.00 32.34 ? 2   PRO C CG  1 
ATOM   959  C CD  . PRO C 2 2  ? 2.720   -10.754 -8.290  1.00 33.03 ? 2   PRO C CD  1 
ATOM   960  N N   . PRO C 2 3  ? 4.720   -10.511 -4.062  1.00 24.30 ? 3   PRO C N   1 
ATOM   961  C CA  . PRO C 2 3  ? 5.753   -11.181 -3.269  1.00 28.16 ? 3   PRO C CA  1 
ATOM   962  C C   . PRO C 2 3  ? 5.323   -12.584 -2.850  1.00 26.73 ? 3   PRO C C   1 
ATOM   963  O O   . PRO C 2 3  ? 4.152   -12.939 -2.988  1.00 25.36 ? 3   PRO C O   1 
ATOM   964  C CB  . PRO C 2 3  ? 5.908   -10.254 -2.057  1.00 21.93 ? 3   PRO C CB  1 
ATOM   965  C CG  . PRO C 2 3  ? 4.539   -9.768  -1.846  1.00 22.51 ? 3   PRO C CG  1 
ATOM   966  C CD  . PRO C 2 3  ? 4.053   -9.471  -3.266  1.00 25.18 ? 3   PRO C CD  1 
ATOM   967  N N   . PRO C 2 4  ? 6.287   -13.419 -2.413  1.00 25.19 ? 4   PRO C N   1 
ATOM   968  C CA  . PRO C 2 4  ? 5.966   -14.771 -1.986  1.00 24.57 ? 4   PRO C CA  1 
ATOM   969  C C   . PRO C 2 4  ? 5.133   -14.644 -0.737  1.00 26.62 ? 4   PRO C C   1 
ATOM   970  O O   . PRO C 2 4  ? 5.228   -13.653 -0.002  1.00 27.50 ? 4   PRO C O   1 
ATOM   971  C CB  . PRO C 2 4  ? 7.341   -15.374 -1.682  1.00 22.47 ? 4   PRO C CB  1 
ATOM   972  C CG  . PRO C 2 4  ? 8.234   -14.637 -2.590  1.00 24.59 ? 4   PRO C CG  1 
ATOM   973  C CD  . PRO C 2 4  ? 7.745   -13.227 -2.417  1.00 25.69 ? 4   PRO C CD  1 
ATOM   974  N N   . VAL C 2 5  ? 4.259   -15.622 -0.561  1.00 29.23 ? 5   VAL C N   1 
ATOM   975  C CA  . VAL C 2 5  ? 3.367   -15.694 0.569   1.00 35.80 ? 5   VAL C CA  1 
ATOM   976  C C   . VAL C 2 5  ? 4.167   -16.185 1.764   1.00 42.36 ? 5   VAL C C   1 
ATOM   977  O O   . VAL C 2 5  ? 4.800   -17.243 1.689   1.00 45.24 ? 5   VAL C O   1 
ATOM   978  C CB  . VAL C 2 5  ? 2.229   -16.657 0.252   1.00 35.33 ? 5   VAL C CB  1 
ATOM   979  C CG1 . VAL C 2 5  ? 1.557   -17.113 1.510   1.00 28.19 ? 5   VAL C CG1 1 
ATOM   980  C CG2 . VAL C 2 5  ? 1.235   -15.975 -0.699  1.00 35.45 ? 5   VAL C CG2 1 
ATOM   981  N N   . PRO C 2 6  ? 4.126   -15.438 2.886   1.00 47.11 ? 6   PRO C N   1 
ATOM   982  C CA  . PRO C 2 6  ? 4.823   -15.722 4.147   1.00 46.93 ? 6   PRO C CA  1 
ATOM   983  C C   . PRO C 2 6  ? 4.713   -17.183 4.595   1.00 48.62 ? 6   PRO C C   1 
ATOM   984  O O   . PRO C 2 6  ? 3.735   -17.864 4.260   1.00 45.97 ? 6   PRO C O   1 
ATOM   985  C CB  . PRO C 2 6  ? 4.129   -14.786 5.123   1.00 48.77 ? 6   PRO C CB  1 
ATOM   986  C CG  . PRO C 2 6  ? 3.813   -13.608 4.271   1.00 47.44 ? 6   PRO C CG  1 
ATOM   987  C CD  . PRO C 2 6  ? 3.241   -14.271 3.053   1.00 45.48 ? 6   PRO C CD  1 
ATOM   988  N N   . PRO C 2 7  ? 5.709   -17.671 5.372   1.00 50.57 ? 7   PRO C N   1 
ATOM   989  C CA  . PRO C 2 7  ? 5.734   -19.049 5.869   1.00 53.29 ? 7   PRO C CA  1 
ATOM   990  C C   . PRO C 2 7  ? 4.357   -19.462 6.360   1.00 55.55 ? 7   PRO C C   1 
ATOM   991  O O   . PRO C 2 7  ? 3.911   -19.015 7.429   1.00 56.05 ? 7   PRO C O   1 
ATOM   992  C CB  . PRO C 2 7  ? 6.749   -18.975 7.010   1.00 53.80 ? 7   PRO C CB  1 
ATOM   993  C CG  . PRO C 2 7  ? 7.746   -17.988 6.489   1.00 51.48 ? 7   PRO C CG  1 
ATOM   994  C CD  . PRO C 2 7  ? 6.830   -16.901 5.952   1.00 52.97 ? 7   PRO C CD  1 
ATOM   995  N N   . ARG C 2 8  ? 3.664   -20.224 5.510   1.00 55.98 ? 8   ARG C N   1 
ATOM   996  C CA  . ARG C 2 8  ? 2.320   -20.715 5.792   1.00 59.84 ? 8   ARG C CA  1 
ATOM   997  C C   . ARG C 2 8  ? 2.277   -21.667 6.983   1.00 63.97 ? 8   ARG C C   1 
ATOM   998  O O   . ARG C 2 8  ? 2.022   -21.166 8.102   1.00 69.17 ? 8   ARG C O   1 
ATOM   999  C CB  . ARG C 2 8  ? 1.731   -21.399 4.553   1.00 59.33 ? 8   ARG C CB  1 
ATOM   1000 C CG  . ARG C 2 8  ? 0.787   -20.525 3.742   1.00 56.20 ? 8   ARG C CG  1 
ATOM   1001 C CD  . ARG C 2 8  ? 0.305   -21.213 2.483   1.00 50.77 ? 8   ARG C CD  1 
ATOM   1002 N NE  . ARG C 2 8  ? -0.545  -20.334 1.689   1.00 55.07 ? 8   ARG C NE  1 
ATOM   1003 C CZ  . ARG C 2 8  ? -0.475  -20.205 0.362   1.00 55.92 ? 8   ARG C CZ  1 
ATOM   1004 N NH1 . ARG C 2 8  ? 0.381   -20.934 -0.342  1.00 58.39 ? 8   ARG C NH1 1 
ATOM   1005 N NH2 . ARG C 2 8  ? -1.294  -19.373 -0.275  1.00 49.54 ? 8   ARG C NH2 1 
HETATM 1006 C C   . ACE D 2 1  ? -8.596  4.842   -6.850  1.00 27.29 ? 1   ACE D C   1 
HETATM 1007 O O   . ACE D 2 1  ? -8.647  4.857   -5.618  1.00 28.57 ? 1   ACE D O   1 
HETATM 1008 C CH3 . ACE D 2 1  ? -9.504  3.928   -7.635  1.00 26.88 ? 1   ACE D CH3 1 
ATOM   1009 N N   . PRO D 2 2  ? -7.744  5.618   -7.543  1.00 28.06 ? 2   PRO D N   1 
ATOM   1010 C CA  . PRO D 2 2  ? -6.780  6.571   -6.979  1.00 23.14 ? 2   PRO D CA  1 
ATOM   1011 C C   . PRO D 2 2  ? -7.499  7.689   -6.257  1.00 25.37 ? 2   PRO D C   1 
ATOM   1012 O O   . PRO D 2 2  ? -8.451  8.271   -6.777  1.00 19.42 ? 2   PRO D O   1 
ATOM   1013 C CB  . PRO D 2 2  ? -6.072  7.125   -8.210  1.00 19.24 ? 2   PRO D CB  1 
ATOM   1014 C CG  . PRO D 2 2  ? -6.262  6.070   -9.243  1.00 21.00 ? 2   PRO D CG  1 
ATOM   1015 C CD  . PRO D 2 2  ? -7.664  5.605   -9.013  1.00 25.05 ? 2   PRO D CD  1 
ATOM   1016 N N   . PRO D 2 3  ? -6.979  8.081   -5.096  1.00 29.68 ? 3   PRO D N   1 
ATOM   1017 C CA  . PRO D 2 3  ? -7.589  9.154   -4.304  1.00 31.56 ? 3   PRO D CA  1 
ATOM   1018 C C   . PRO D 2 3  ? -7.366  10.509  -4.972  1.00 27.50 ? 3   PRO D C   1 
ATOM   1019 O O   . PRO D 2 3  ? -6.506  10.647  -5.832  1.00 25.41 ? 3   PRO D O   1 
ATOM   1020 C CB  . PRO D 2 3  ? -6.822  9.085   -2.966  1.00 34.20 ? 3   PRO D CB  1 
ATOM   1021 C CG  . PRO D 2 3  ? -5.937  7.859   -3.073  1.00 35.53 ? 3   PRO D CG  1 
ATOM   1022 C CD  . PRO D 2 3  ? -5.684  7.688   -4.532  1.00 29.77 ? 3   PRO D CD  1 
ATOM   1023 N N   . PRO D 2 4  ? -8.172  11.518  -4.619  1.00 27.00 ? 4   PRO D N   1 
ATOM   1024 C CA  . PRO D 2 4  ? -7.899  12.781  -5.285  1.00 26.18 ? 4   PRO D CA  1 
ATOM   1025 C C   . PRO D 2 4  ? -6.569  13.300  -4.746  1.00 27.83 ? 4   PRO D C   1 
ATOM   1026 O O   . PRO D 2 4  ? -6.224  13.069  -3.584  1.00 25.93 ? 4   PRO D O   1 
ATOM   1027 C CB  . PRO D 2 4  ? -9.091  13.641  -4.872  1.00 27.26 ? 4   PRO D CB  1 
ATOM   1028 C CG  . PRO D 2 4  ? -9.462  13.088  -3.530  1.00 30.66 ? 4   PRO D CG  1 
ATOM   1029 C CD  . PRO D 2 4  ? -9.356  11.614  -3.746  1.00 25.88 ? 4   PRO D CD  1 
ATOM   1030 N N   . VAL D 2 5  ? -5.795  13.923  -5.622  1.00 30.03 ? 5   VAL D N   1 
ATOM   1031 C CA  . VAL D 2 5  ? -4.503  14.478  -5.267  1.00 32.81 ? 5   VAL D CA  1 
ATOM   1032 C C   . VAL D 2 5  ? -4.769  15.635  -4.328  1.00 33.49 ? 5   VAL D C   1 
ATOM   1033 O O   . VAL D 2 5  ? -5.726  16.385  -4.531  1.00 34.94 ? 5   VAL D O   1 
ATOM   1034 C CB  . VAL D 2 5  ? -3.779  14.943  -6.534  1.00 37.41 ? 5   VAL D CB  1 
ATOM   1035 C CG1 . VAL D 2 5  ? -2.492  15.701  -6.189  1.00 38.28 ? 5   VAL D CG1 1 
ATOM   1036 C CG2 . VAL D 2 5  ? -3.469  13.721  -7.404  1.00 35.96 ? 5   VAL D CG2 1 
ATOM   1037 N N   . PRO D 2 6  ? -3.940  15.790  -3.279  1.00 34.32 ? 6   PRO D N   1 
ATOM   1038 C CA  . PRO D 2 6  ? -4.104  16.867  -2.299  1.00 34.32 ? 6   PRO D CA  1 
ATOM   1039 C C   . PRO D 2 6  ? -3.842  18.244  -2.864  1.00 34.71 ? 6   PRO D C   1 
ATOM   1040 O O   . PRO D 2 6  ? -3.148  18.401  -3.875  1.00 34.93 ? 6   PRO D O   1 
ATOM   1041 C CB  . PRO D 2 6  ? -3.042  16.548  -1.236  1.00 32.37 ? 6   PRO D CB  1 
ATOM   1042 C CG  . PRO D 2 6  ? -2.667  15.137  -1.485  1.00 36.88 ? 6   PRO D CG  1 
ATOM   1043 C CD  . PRO D 2 6  ? -2.734  15.007  -2.973  1.00 33.49 ? 6   PRO D CD  1 
ATOM   1044 N N   . PRO D 2 7  ? -4.418  19.268  -2.222  1.00 34.38 ? 7   PRO D N   1 
ATOM   1045 C CA  . PRO D 2 7  ? -4.240  20.657  -2.646  1.00 34.46 ? 7   PRO D CA  1 
ATOM   1046 C C   . PRO D 2 7  ? -2.731  20.990  -2.638  1.00 31.44 ? 7   PRO D C   1 
ATOM   1047 O O   . PRO D 2 7  ? -2.031  20.758  -1.646  1.00 28.65 ? 7   PRO D O   1 
ATOM   1048 C CB  . PRO D 2 7  ? -5.005  21.424  -1.561  1.00 33.68 ? 7   PRO D CB  1 
ATOM   1049 C CG  . PRO D 2 7  ? -6.113  20.481  -1.224  1.00 31.60 ? 7   PRO D CG  1 
ATOM   1050 C CD  . PRO D 2 7  ? -5.391  19.173  -1.119  1.00 29.92 ? 7   PRO D CD  1 
ATOM   1051 N N   . ARG D 2 8  ? -2.229  21.471  -3.768  1.00 36.07 ? 8   ARG D N   1 
ATOM   1052 C CA  . ARG D 2 8  ? -0.810  21.804  -3.898  1.00 42.04 ? 8   ARG D CA  1 
ATOM   1053 C C   . ARG D 2 8  ? -0.373  23.032  -3.098  1.00 41.93 ? 8   ARG D C   1 
ATOM   1054 O O   . ARG D 2 8  ? -1.214  23.949  -2.981  1.00 45.76 ? 8   ARG D O   1 
ATOM   1055 C CB  . ARG D 2 8  ? -0.462  21.966  -5.376  1.00 42.12 ? 8   ARG D CB  1 
ATOM   1056 C CG  . ARG D 2 8  ? -0.517  20.658  -6.142  1.00 46.81 ? 8   ARG D CG  1 
ATOM   1057 C CD  . ARG D 2 8  ? -1.016  20.853  -7.561  1.00 48.00 ? 8   ARG D CD  1 
ATOM   1058 N NE  . ARG D 2 8  ? -0.698  19.701  -8.404  1.00 47.54 ? 8   ARG D NE  1 
ATOM   1059 C CZ  . ARG D 2 8  ? -1.402  18.576  -8.450  1.00 46.23 ? 8   ARG D CZ  1 
ATOM   1060 N NH1 . ARG D 2 8  ? -2.492  18.438  -7.708  1.00 49.08 ? 8   ARG D NH1 1 
ATOM   1061 N NH2 . ARG D 2 8  ? -1.017  17.588  -9.247  1.00 42.52 ? 8   ARG D NH2 1 
HETATM 1062 O O   . HOH E 3 .  ? -3.442  -13.203 13.044  1.00 29.86 ? 1   HOH A O   1 
HETATM 1063 O O   . HOH E 3 .  ? -17.636 -6.158  6.222   1.00 24.78 ? 2   HOH A O   1 
HETATM 1064 O O   . HOH E 3 .  ? -14.006 -4.069  4.705   1.00 20.13 ? 3   HOH A O   1 
HETATM 1065 O O   . HOH E 3 .  ? -16.513 -12.025 11.782  1.00 27.01 ? 4   HOH A O   1 
HETATM 1066 O O   . HOH E 3 .  ? -12.315 -16.321 1.102   1.00 28.23 ? 6   HOH A O   1 
HETATM 1067 O O   . HOH E 3 .  ? -0.209  -2.055  -5.297  1.00 34.28 ? 11  HOH A O   1 
HETATM 1068 O O   . HOH E 3 .  ? -4.288  2.006   0.961   1.00 33.52 ? 13  HOH A O   1 
HETATM 1069 O O   . HOH E 3 .  ? -2.097  -15.039 -4.613  1.00 38.83 ? 15  HOH A O   1 
HETATM 1070 O O   . HOH E 3 .  ? -16.330 -5.392  3.516   1.00 32.25 ? 22  HOH A O   1 
HETATM 1071 O O   . HOH E 3 .  ? -4.337  -13.734 -9.085  1.00 49.03 ? 25  HOH A O   1 
HETATM 1072 O O   . HOH E 3 .  ? -13.760 3.151   13.854  1.00 34.61 ? 30  HOH A O   1 
HETATM 1073 O O   . HOH E 3 .  ? -14.703 -17.605 3.039   1.00 42.15 ? 31  HOH A O   1 
HETATM 1074 O O   . HOH E 3 .  ? -8.254  -2.762  -9.300  1.00 37.54 ? 33  HOH A O   1 
HETATM 1075 O O   . HOH E 3 .  ? 2.894   -8.121  12.240  1.00 50.55 ? 34  HOH A O   1 
HETATM 1076 O O   . HOH E 3 .  ? 8.461   -13.769 13.158  1.00 66.65 ? 35  HOH A O   1 
HETATM 1077 O O   . HOH E 3 .  ? -9.926  -26.268 9.273   1.00 74.45 ? 36  HOH A O   1 
HETATM 1078 O O   . HOH E 3 .  ? -9.928  5.901   4.695   1.00 62.42 ? 40  HOH A O   1 
HETATM 1079 O O   . HOH E 3 .  ? -12.916 -9.459  -3.718  1.00 26.56 ? 41  HOH A O   1 
HETATM 1080 O O   . HOH E 3 .  ? -11.851 -19.388 -1.291  1.00 47.38 ? 44  HOH A O   1 
HETATM 1081 O O   . HOH E 3 .  ? -1.979  -20.682 6.178   1.00 42.16 ? 49  HOH A O   1 
HETATM 1082 O O   . HOH E 3 .  ? -4.158  -1.050  -3.608  1.00 28.09 ? 53  HOH A O   1 
HETATM 1083 O O   . HOH E 3 .  ? -8.047  -13.064 -5.274  1.00 41.32 ? 54  HOH A O   1 
HETATM 1084 O O   . HOH E 3 .  ? -9.711  -4.889  -8.208  1.00 73.99 ? 55  HOH A O   1 
HETATM 1085 O O   . HOH E 3 .  ? -14.906 -10.445 -11.369 1.00 46.47 ? 56  HOH A O   1 
HETATM 1086 O O   . HOH E 3 .  ? -0.791  2.566   3.014   1.00 74.03 ? 64  HOH A O   1 
HETATM 1087 O O   . HOH E 3 .  ? 4.027   -4.754  1.725   1.00 52.63 ? 65  HOH A O   1 
HETATM 1088 O O   . HOH E 3 .  ? -8.899  -20.293 -4.249  1.00 47.25 ? 67  HOH A O   1 
HETATM 1089 O O   . HOH F 3 .  ? -1.931  10.912  3.485   1.00 26.13 ? 5   HOH B O   1 
HETATM 1090 O O   . HOH F 3 .  ? 18.956  14.158  -5.814  1.00 36.15 ? 7   HOH B O   1 
HETATM 1091 O O   . HOH F 3 .  ? 8.595   4.217   4.604   1.00 22.63 ? 8   HOH B O   1 
HETATM 1092 O O   . HOH F 3 .  ? 7.746   16.982  2.416   1.00 24.21 ? 9   HOH B O   1 
HETATM 1093 O O   . HOH F 3 .  ? 4.205   5.698   4.154   1.00 28.36 ? 10  HOH B O   1 
HETATM 1094 O O   . HOH F 3 .  ? 0.830   0.922   -14.031 1.00 40.98 ? 14  HOH B O   1 
HETATM 1095 O O   . HOH F 3 .  ? 18.394  14.369  -8.606  1.00 53.47 ? 16  HOH B O   1 
HETATM 1096 O O   . HOH F 3 .  ? -2.420  15.083  -13.814 1.00 51.38 ? 17  HOH B O   1 
HETATM 1097 O O   . HOH F 3 .  ? 14.753  19.898  -5.395  1.00 61.37 ? 18  HOH B O   1 
HETATM 1098 O O   . HOH F 3 .  ? -2.848  3.014   -10.755 1.00 36.65 ? 19  HOH B O   1 
HETATM 1099 O O   . HOH F 3 .  ? 2.833   -0.801  5.625   1.00 58.15 ? 20  HOH B O   1 
HETATM 1100 O O   . HOH F 3 .  ? -2.779  -0.760  -5.847  1.00 29.84 ? 23  HOH B O   1 
HETATM 1101 O O   . HOH F 3 .  ? 17.134  15.790  -13.535 1.00 39.95 ? 24  HOH B O   1 
HETATM 1102 O O   . HOH F 3 .  ? -4.035  0.454   -8.679  1.00 43.51 ? 27  HOH B O   1 
HETATM 1103 O O   . HOH F 3 .  ? 20.623  5.541   7.161   1.00 45.28 ? 28  HOH B O   1 
HETATM 1104 O O   . HOH F 3 .  ? 9.680   10.437  -12.424 1.00 51.48 ? 29  HOH B O   1 
HETATM 1105 O O   . HOH F 3 .  ? 10.530  15.471  -11.088 1.00 28.29 ? 32  HOH B O   1 
HETATM 1106 O O   . HOH F 3 .  ? -2.469  11.587  -11.238 1.00 37.08 ? 37  HOH B O   1 
HETATM 1107 O O   . HOH F 3 .  ? 5.382   -5.490  -1.602  1.00 58.02 ? 38  HOH B O   1 
HETATM 1108 O O   . HOH F 3 .  ? 13.690  -4.909  -2.175  1.00 40.27 ? 39  HOH B O   1 
HETATM 1109 O O   . HOH F 3 .  ? 1.173   6.930   2.888   1.00 38.77 ? 45  HOH B O   1 
HETATM 1110 O O   . HOH F 3 .  ? 14.299  3.963   -12.793 1.00 46.71 ? 47  HOH B O   1 
HETATM 1111 O O   . HOH F 3 .  ? 6.703   17.217  -13.061 1.00 43.67 ? 48  HOH B O   1 
HETATM 1112 O O   . HOH F 3 .  ? 3.314   20.830  -6.758  1.00 19.22 ? 50  HOH B O   1 
HETATM 1113 O O   . HOH F 3 .  ? -2.097  15.022  -10.620 1.00 36.89 ? 51  HOH B O   1 
HETATM 1114 O O   . HOH F 3 .  ? 5.764   21.118  -7.565  1.00 33.14 ? 57  HOH B O   1 
HETATM 1115 O O   . HOH F 3 .  ? 2.505   20.766  -4.260  1.00 30.21 ? 58  HOH B O   1 
HETATM 1116 O O   . HOH F 3 .  ? 8.920   19.019  -13.852 1.00 45.95 ? 59  HOH B O   1 
HETATM 1117 O O   . HOH F 3 .  ? 8.881   13.043  -13.003 1.00 47.06 ? 60  HOH B O   1 
HETATM 1118 O O   . HOH F 3 .  ? 14.715  15.802  -11.376 1.00 49.82 ? 61  HOH B O   1 
HETATM 1119 O O   . HOH F 3 .  ? 6.527   5.970   5.595   1.00 49.00 ? 62  HOH B O   1 
HETATM 1120 O O   . HOH F 3 .  ? 11.235  1.710   4.137   1.00 44.10 ? 66  HOH B O   1 
HETATM 1121 O O   . HOH G 3 .  ? 7.247   -13.816 1.772   1.00 35.44 ? 12  HOH C O   1 
HETATM 1122 O O   . HOH G 3 .  ? 9.472   -10.791 -0.435  1.00 43.64 ? 42  HOH C O   1 
HETATM 1123 O O   . HOH G 3 .  ? -1.304  -17.800 -2.467  1.00 32.97 ? 52  HOH C O   1 
HETATM 1124 O O   . HOH H 3 .  ? -8.190  4.262   -2.683  1.00 41.88 ? 21  HOH D O   1 
HETATM 1125 O O   . HOH H 3 .  ? -7.959  17.955  -3.927  1.00 28.29 ? 26  HOH D O   1 
HETATM 1126 O O   . HOH H 3 .  ? -7.152  13.363  -0.934  1.00 48.11 ? 43  HOH D O   1 
HETATM 1127 O O   . HOH H 3 .  ? -6.407  21.150  -4.911  1.00 55.47 ? 46  HOH D O   1 
HETATM 1128 O O   . HOH H 3 .  ? -6.892  14.488  -8.484  1.00 40.48 ? 63  HOH D O   1 
# 
